data_3UGX
#
_entry.id   3UGX
#
_cell.length_a   168.363
_cell.length_b   184.329
_cell.length_c   90.404
_cell.angle_alpha   90.00
_cell.angle_beta   90.00
_cell.angle_gamma   90.00
#
_symmetry.space_group_name_H-M   'P 21 21 2'
#
loop_
_entity.id
_entity.type
_entity.pdbx_description
1 polymer S-arrestin
2 non-polymer PENTANEDIAL
3 non-polymer 'SODIUM ION'
4 non-polymer 1,2-ETHANEDIOL
5 non-polymer IMIDAZOLE
6 non-polymer 'POTASSIUM ION'
7 water water
#
_entity_poly.entity_id   1
_entity_poly.type   'polypeptide(L)'
_entity_poly.pdbx_seq_one_letter_code
;ASWSHPQFEKMKANKPAPNHVIFKKISRDKSVTIYLGKRDYIDHVERVEPVDGVVLVDPELVKGKRVYVSLTCAFRYGQE
DIDVMGLSFRRDLYFSQVQVFPPVGASGATTRLQESLIKKLGANTYPFLLTFPDYLPCSVMLQPAPQDVGKSCGVDFEIK
AFATHSTDVEEDKIPKKSSVRLLIRKVQHAPRDMGPQPRAEASWQFFMSDKPLRLAVSLSKEIYYHGEPIPVTVAVTNST
EKTVKKIKVLVEQVTNVVLYSSDYYIKTVAAEEAQEKVPPNSSLTKTLTLVPLLANNRERRGIALDGKIKHEDTNLASST
IIKEGIDKTVMGILVSYQIKVKLTVSGLLGELTSSEVATEVPFRLMHPQPEDPDTAKESFQDENFVFEEFARQNLKDAGE
YKEEKTDQEAAMDE
;
_entity_poly.pdbx_strand_id   A,B,C,D
#
# COMPACT_ATOMS: atom_id res chain seq x y z
N ASN A 19 -38.88 6.63 -41.99
CA ASN A 19 -40.08 6.73 -41.17
C ASN A 19 -39.83 7.20 -39.73
N HIS A 20 -40.70 8.08 -39.24
CA HIS A 20 -40.62 8.59 -37.88
C HIS A 20 -41.99 8.50 -37.20
N VAL A 21 -42.07 7.68 -36.15
CA VAL A 21 -43.29 7.54 -35.35
C VAL A 21 -43.48 8.69 -34.35
N ILE A 22 -44.61 9.37 -34.47
CA ILE A 22 -44.96 10.46 -33.58
C ILE A 22 -46.10 10.01 -32.67
N PHE A 23 -45.97 10.28 -31.37
CA PHE A 23 -47.00 9.88 -30.41
C PHE A 23 -47.99 11.00 -30.10
N LYS A 24 -49.27 10.64 -30.04
CA LYS A 24 -50.27 11.67 -29.92
C LYS A 24 -51.38 11.27 -28.96
N LYS A 25 -51.99 12.28 -28.36
CA LYS A 25 -53.15 12.04 -27.50
C LYS A 25 -54.03 13.29 -27.53
N ILE A 26 -55.33 13.11 -27.48
CA ILE A 26 -56.25 14.21 -27.70
C ILE A 26 -57.27 14.24 -26.57
N SER A 27 -57.67 15.42 -26.14
CA SER A 27 -58.48 15.53 -24.94
C SER A 27 -59.88 14.95 -25.16
N ARG A 28 -60.54 14.55 -24.08
CA ARG A 28 -61.88 14.02 -24.21
C ARG A 28 -62.78 14.94 -25.02
N ASP A 29 -62.58 16.25 -24.88
CA ASP A 29 -63.45 17.22 -25.57
C ASP A 29 -62.91 17.67 -26.92
N LYS A 30 -61.76 17.12 -27.32
CA LYS A 30 -61.27 17.32 -28.69
C LYS A 30 -60.64 18.69 -28.93
N SER A 31 -60.64 19.54 -27.92
CA SER A 31 -60.04 20.88 -28.07
C SER A 31 -58.51 20.90 -28.07
N VAL A 32 -57.89 19.89 -27.46
CA VAL A 32 -56.44 19.90 -27.29
C VAL A 32 -55.82 18.55 -27.65
N THR A 33 -54.84 18.59 -28.54
CA THR A 33 -54.13 17.38 -28.93
C THR A 33 -52.64 17.63 -28.79
N ILE A 34 -51.96 16.68 -28.15
CA ILE A 34 -50.53 16.81 -27.94
C ILE A 34 -49.77 15.78 -28.77
N TYR A 35 -48.62 16.21 -29.29
CA TYR A 35 -47.73 15.37 -30.09
C TYR A 35 -46.31 15.41 -29.55
N LEU A 36 -45.75 14.21 -29.37
CA LEU A 36 -44.42 13.99 -28.82
C LEU A 36 -43.58 13.13 -29.75
N GLY A 37 -42.28 13.34 -29.77
CA GLY A 37 -41.42 12.55 -30.64
C GLY A 37 -41.06 11.21 -30.03
N LYS A 38 -41.11 11.15 -28.70
CA LYS A 38 -40.72 9.96 -27.98
C LYS A 38 -41.65 9.75 -26.81
N ARG A 39 -41.74 8.49 -26.34
CA ARG A 39 -42.27 8.21 -25.02
C ARG A 39 -41.16 8.23 -23.99
N ASP A 40 -39.92 8.19 -24.46
CA ASP A 40 -38.78 7.87 -23.58
C ASP A 40 -37.62 8.83 -23.82
N TYR A 41 -37.23 9.51 -22.76
CA TYR A 41 -36.29 10.63 -22.86
C TYR A 41 -34.95 10.33 -22.19
N ILE A 42 -33.88 10.51 -22.96
CA ILE A 42 -32.55 10.04 -22.58
C ILE A 42 -31.79 10.95 -21.60
N ASP A 43 -31.34 10.34 -20.51
CA ASP A 43 -30.41 10.94 -19.58
C ASP A 43 -29.08 10.21 -19.81
N HIS A 44 -28.10 10.87 -20.43
CA HIS A 44 -26.72 10.32 -20.45
C HIS A 44 -25.85 10.97 -19.37
N VAL A 45 -26.52 11.77 -18.57
CA VAL A 45 -26.00 12.30 -17.33
C VAL A 45 -25.04 13.45 -17.53
N GLU A 46 -24.49 13.58 -18.74
CA GLU A 46 -23.78 14.81 -19.09
C GLU A 46 -24.87 15.86 -19.29
N ARG A 47 -25.97 15.44 -19.91
CA ARG A 47 -27.18 16.26 -20.08
C ARG A 47 -28.34 15.31 -20.28
N VAL A 48 -29.54 15.86 -20.48
CA VAL A 48 -30.70 15.03 -20.80
C VAL A 48 -31.59 15.68 -21.85
N GLU A 49 -32.15 14.86 -22.73
CA GLU A 49 -33.04 15.33 -23.79
C GLU A 49 -34.18 16.20 -23.27
N PRO A 50 -34.42 17.33 -23.94
CA PRO A 50 -35.63 18.10 -23.65
C PRO A 50 -36.84 17.43 -24.27
N VAL A 51 -38.02 17.67 -23.72
CA VAL A 51 -39.21 17.19 -24.34
C VAL A 51 -39.73 18.32 -25.23
N ASP A 52 -39.58 18.15 -26.53
CA ASP A 52 -40.16 19.11 -27.46
C ASP A 52 -41.27 18.43 -28.21
N GLY A 53 -42.36 19.16 -28.41
CA GLY A 53 -43.53 18.60 -29.03
C GLY A 53 -44.39 19.74 -29.51
N VAL A 54 -45.56 19.42 -30.03
CA VAL A 54 -46.48 20.47 -30.42
C VAL A 54 -47.84 20.18 -29.85
N VAL A 55 -48.69 21.20 -29.84
CA VAL A 55 -50.07 21.07 -29.42
C VAL A 55 -50.93 21.59 -30.55
N LEU A 56 -51.82 20.76 -31.03
CA LEU A 56 -52.80 21.15 -32.03
C LEU A 56 -54.05 21.55 -31.26
N VAL A 57 -54.60 22.72 -31.60
CA VAL A 57 -55.85 23.16 -30.96
C VAL A 57 -56.99 23.29 -31.98
N ASP A 58 -58.22 23.12 -31.50
CA ASP A 58 -59.38 23.53 -32.29
C ASP A 58 -59.64 25.00 -31.96
N PRO A 59 -59.35 25.88 -32.91
CA PRO A 59 -59.44 27.33 -32.72
C PRO A 59 -60.76 27.74 -32.10
N GLU A 60 -61.83 27.12 -32.54
CA GLU A 60 -63.13 27.42 -31.96
C GLU A 60 -63.30 26.96 -30.50
N LEU A 61 -62.67 25.87 -30.10
CA LEU A 61 -62.86 25.41 -28.73
C LEU A 61 -61.88 26.05 -27.74
N VAL A 62 -60.84 26.71 -28.24
CA VAL A 62 -59.90 27.46 -27.40
C VAL A 62 -60.05 28.97 -27.32
N LYS A 63 -61.04 29.52 -28.03
CA LYS A 63 -61.29 30.95 -28.04
C LYS A 63 -61.47 31.47 -26.60
N GLY A 64 -60.73 32.52 -26.24
CA GLY A 64 -60.80 33.07 -24.91
C GLY A 64 -60.11 32.16 -23.88
N LYS A 65 -59.37 31.18 -24.37
CA LYS A 65 -58.78 30.22 -23.46
C LYS A 65 -57.26 30.18 -23.55
N ARG A 66 -56.63 29.72 -22.49
CA ARG A 66 -55.18 29.57 -22.55
C ARG A 66 -54.78 28.13 -22.47
N VAL A 67 -53.69 27.79 -23.12
CA VAL A 67 -53.25 26.40 -23.13
C VAL A 67 -51.80 26.34 -22.74
N TYR A 68 -51.54 25.46 -21.79
CA TYR A 68 -50.19 25.29 -21.27
C TYR A 68 -49.80 23.83 -21.32
N VAL A 69 -48.51 23.58 -21.17
CA VAL A 69 -47.96 22.26 -21.01
C VAL A 69 -47.01 22.32 -19.81
N SER A 70 -47.17 21.38 -18.89
CA SER A 70 -46.28 21.28 -17.74
C SER A 70 -45.54 19.97 -17.76
N LEU A 71 -44.37 19.98 -17.13
CA LEU A 71 -43.58 18.79 -16.87
C LEU A 71 -43.40 18.71 -15.35
N THR A 72 -43.84 17.61 -14.76
CA THR A 72 -43.73 17.45 -13.32
C THR A 72 -43.04 16.13 -13.03
N CYS A 73 -42.02 16.18 -12.18
CA CYS A 73 -41.43 14.97 -11.63
C CYS A 73 -41.86 14.83 -10.17
N ALA A 74 -42.48 13.71 -9.83
CA ALA A 74 -42.91 13.49 -8.46
C ALA A 74 -42.63 12.09 -7.95
N PHE A 75 -42.52 12.01 -6.63
CA PHE A 75 -42.40 10.73 -5.96
C PHE A 75 -43.69 10.49 -5.23
N ARG A 76 -44.11 9.24 -5.26
CA ARG A 76 -45.34 8.84 -4.62
C ARG A 76 -45.09 7.53 -3.89
N TYR A 77 -45.63 7.45 -2.69
CA TYR A 77 -45.61 6.22 -1.92
C TYR A 77 -47.06 5.86 -1.59
N GLY A 78 -47.40 4.60 -1.77
CA GLY A 78 -48.71 4.10 -1.36
C GLY A 78 -49.71 3.83 -2.47
N GLN A 79 -49.41 4.32 -3.68
CA GLN A 79 -50.28 4.11 -4.84
C GLN A 79 -49.45 3.86 -6.09
N GLU A 80 -50.09 3.36 -7.15
CA GLU A 80 -49.42 3.10 -8.43
C GLU A 80 -49.44 4.34 -9.32
N ASP A 81 -50.07 5.37 -8.80
CA ASP A 81 -50.17 6.65 -9.46
C ASP A 81 -50.57 7.68 -8.42
N ILE A 82 -50.57 8.94 -8.80
CA ILE A 82 -51.09 9.97 -7.93
C ILE A 82 -52.43 10.38 -8.47
N ASP A 83 -53.50 10.31 -7.68
CA ASP A 83 -53.64 9.49 -6.49
C ASP A 83 -55.12 9.20 -6.39
N VAL A 84 -55.52 8.12 -5.75
CA VAL A 84 -56.95 7.93 -5.59
C VAL A 84 -57.34 8.32 -4.19
N MET A 85 -58.32 9.22 -4.08
CA MET A 85 -58.75 9.64 -2.73
C MET A 85 -57.63 10.30 -1.92
N GLY A 86 -56.67 10.91 -2.60
CA GLY A 86 -55.53 11.54 -1.94
C GLY A 86 -54.92 10.60 -0.91
N LEU A 87 -54.89 9.33 -1.25
CA LEU A 87 -54.53 8.26 -0.31
C LEU A 87 -53.02 8.00 -0.23
N SER A 88 -52.24 8.75 -0.99
CA SER A 88 -50.81 8.49 -1.09
C SER A 88 -49.97 9.63 -0.52
N PHE A 89 -48.74 9.32 -0.14
CA PHE A 89 -47.74 10.35 0.13
C PHE A 89 -47.12 10.80 -1.18
N ARG A 90 -46.84 12.09 -1.29
CA ARG A 90 -46.25 12.63 -2.51
C ARG A 90 -45.26 13.75 -2.21
N ARG A 91 -44.16 13.78 -2.95
CA ARG A 91 -43.19 14.86 -2.84
C ARG A 91 -42.74 15.22 -4.26
N ASP A 92 -42.85 16.48 -4.63
CA ASP A 92 -42.54 16.86 -6.01
C ASP A 92 -41.05 17.11 -6.11
N LEU A 93 -40.43 16.48 -7.10
CA LEU A 93 -39.01 16.69 -7.40
C LEU A 93 -38.71 17.89 -8.31
N TYR A 94 -39.55 18.11 -9.32
CA TYR A 94 -39.38 19.22 -10.25
C TYR A 94 -40.71 19.64 -10.86
N PHE A 95 -40.87 20.93 -11.16
CA PHE A 95 -42.07 21.43 -11.84
C PHE A 95 -41.72 22.56 -12.81
N SER A 96 -42.22 22.45 -14.04
CA SER A 96 -42.05 23.50 -15.02
C SER A 96 -43.31 23.62 -15.87
N GLN A 97 -43.61 24.81 -16.35
CA GLN A 97 -44.78 25.00 -17.23
C GLN A 97 -44.51 26.07 -18.28
N VAL A 98 -44.85 25.79 -19.55
CA VAL A 98 -44.80 26.82 -20.59
C VAL A 98 -46.17 27.15 -21.16
N GLN A 99 -46.30 28.33 -21.75
CA GLN A 99 -47.54 28.67 -22.45
C GLN A 99 -47.41 28.23 -23.92
N VAL A 100 -48.21 27.26 -24.32
CA VAL A 100 -48.35 26.92 -25.75
C VAL A 100 -49.35 27.77 -26.59
N PHE A 101 -50.48 28.17 -26.02
CA PHE A 101 -51.44 29.00 -26.77
C PHE A 101 -52.14 30.00 -25.86
N PRO A 102 -52.43 31.24 -26.33
CA PRO A 102 -52.04 31.90 -27.58
C PRO A 102 -50.54 31.91 -27.70
N PRO A 103 -50.02 32.04 -28.91
CA PRO A 103 -48.58 31.96 -29.15
C PRO A 103 -47.88 33.10 -28.44
N VAL A 104 -46.74 32.78 -27.84
CA VAL A 104 -45.99 33.71 -27.04
C VAL A 104 -44.78 34.22 -27.83
N GLY A 105 -44.70 35.52 -28.01
CA GLY A 105 -43.51 36.10 -28.61
C GLY A 105 -43.31 35.78 -30.07
N ALA A 106 -42.08 35.41 -30.42
CA ALA A 106 -41.74 35.14 -31.81
C ALA A 106 -42.34 33.83 -32.30
N SER A 107 -42.55 33.76 -33.62
CA SER A 107 -43.24 32.61 -34.22
C SER A 107 -42.30 31.67 -34.95
N GLY A 108 -42.68 30.39 -34.94
CA GLY A 108 -41.86 29.34 -35.49
C GLY A 108 -41.27 28.43 -34.42
N ALA A 109 -40.81 27.27 -34.87
CA ALA A 109 -40.24 26.26 -33.99
C ALA A 109 -38.81 26.60 -33.62
N THR A 110 -38.35 26.09 -32.49
CA THR A 110 -36.93 26.14 -32.17
C THR A 110 -36.21 24.83 -32.53
N THR A 111 -36.95 23.83 -32.98
CA THR A 111 -36.36 22.55 -33.40
C THR A 111 -36.98 21.98 -34.69
N ARG A 112 -36.24 21.11 -35.38
CA ARG A 112 -36.70 20.55 -36.65
C ARG A 112 -37.94 19.68 -36.47
N LEU A 113 -37.97 18.90 -35.40
CA LEU A 113 -39.14 18.08 -35.10
C LEU A 113 -40.37 18.96 -35.14
N GLN A 114 -40.27 20.12 -34.50
CA GLN A 114 -41.38 21.05 -34.37
C GLN A 114 -41.77 21.69 -35.69
N GLU A 115 -40.78 22.16 -36.42
CA GLU A 115 -40.98 22.80 -37.72
C GLU A 115 -41.70 21.84 -38.67
N SER A 116 -41.27 20.59 -38.60
CA SER A 116 -41.77 19.52 -39.46
C SER A 116 -43.20 19.13 -39.10
N LEU A 117 -43.43 18.92 -37.81
CA LEU A 117 -44.76 18.56 -37.33
C LEU A 117 -45.74 19.70 -37.60
N ILE A 118 -45.25 20.94 -37.57
CA ILE A 118 -46.10 22.09 -37.85
C ILE A 118 -46.41 22.20 -39.34
N LYS A 119 -45.40 21.92 -40.17
CA LYS A 119 -45.57 21.85 -41.63
C LYS A 119 -46.64 20.82 -41.97
N LYS A 120 -46.54 19.65 -41.34
CA LYS A 120 -47.48 18.56 -41.59
C LYS A 120 -48.89 18.82 -41.06
N LEU A 121 -49.00 19.21 -39.80
CA LEU A 121 -50.30 19.35 -39.14
C LEU A 121 -51.05 20.65 -39.43
N GLY A 122 -50.34 21.68 -39.88
CA GLY A 122 -51.00 22.92 -40.28
C GLY A 122 -51.08 24.03 -39.25
N ALA A 123 -51.92 25.03 -39.51
CA ALA A 123 -51.80 26.32 -38.79
C ALA A 123 -52.29 26.42 -37.34
N ASN A 124 -53.02 25.42 -36.85
CA ASN A 124 -53.45 25.39 -35.45
C ASN A 124 -52.50 24.70 -34.48
N THR A 125 -51.32 24.36 -34.99
CA THR A 125 -50.30 23.68 -34.24
C THR A 125 -49.25 24.65 -33.68
N TYR A 126 -48.90 24.46 -32.41
CA TYR A 126 -47.99 25.37 -31.73
C TYR A 126 -46.88 24.61 -30.99
N PRO A 127 -45.64 25.11 -31.05
CA PRO A 127 -44.49 24.43 -30.45
C PRO A 127 -44.44 24.60 -28.94
N PHE A 128 -43.94 23.58 -28.24
CA PHE A 128 -43.54 23.74 -26.84
C PHE A 128 -42.29 22.92 -26.55
N LEU A 129 -41.46 23.46 -25.68
CA LEU A 129 -40.24 22.80 -25.29
C LEU A 129 -40.04 22.83 -23.78
N LEU A 130 -39.87 21.65 -23.19
CA LEU A 130 -39.66 21.55 -21.76
C LEU A 130 -38.33 20.86 -21.40
N THR A 131 -37.43 21.60 -20.79
CA THR A 131 -36.16 21.05 -20.36
C THR A 131 -36.26 20.19 -19.10
N PHE A 132 -35.23 19.36 -18.90
CA PHE A 132 -35.02 18.67 -17.62
C PHE A 132 -33.76 19.26 -17.00
N PRO A 133 -33.71 19.32 -15.67
CA PRO A 133 -32.46 19.69 -15.00
C PRO A 133 -31.61 18.43 -14.75
N ASP A 134 -30.42 18.61 -14.18
CA ASP A 134 -29.47 17.50 -14.03
C ASP A 134 -29.53 16.80 -12.68
N TYR A 135 -30.40 17.26 -11.79
CA TYR A 135 -30.50 16.71 -10.42
C TYR A 135 -31.60 15.67 -10.18
N LEU A 136 -32.32 15.27 -11.22
CA LEU A 136 -33.41 14.32 -11.04
C LEU A 136 -32.95 12.86 -11.12
N PRO A 137 -33.73 11.96 -10.53
CA PRO A 137 -33.57 10.52 -10.78
C PRO A 137 -34.12 10.15 -12.15
N CYS A 138 -34.10 8.87 -12.49
CA CYS A 138 -34.73 8.41 -13.70
C CYS A 138 -35.93 7.58 -13.25
N SER A 139 -36.70 7.08 -14.22
CA SER A 139 -37.94 6.38 -13.88
C SER A 139 -37.67 5.17 -12.98
N VAL A 140 -38.33 5.13 -11.84
CA VAL A 140 -38.21 3.99 -10.95
C VAL A 140 -39.53 3.69 -10.28
N MET A 141 -39.95 2.44 -10.27
CA MET A 141 -41.12 2.09 -9.50
C MET A 141 -41.11 0.65 -9.05
N LEU A 142 -41.86 0.43 -7.98
CA LEU A 142 -41.91 -0.86 -7.36
C LEU A 142 -43.34 -1.10 -6.91
N GLN A 143 -43.84 -2.27 -7.26
CA GLN A 143 -45.00 -2.86 -6.61
C GLN A 143 -44.51 -4.05 -5.78
N PRO A 144 -44.79 -4.05 -4.48
CA PRO A 144 -44.28 -5.10 -3.58
C PRO A 144 -44.92 -6.46 -3.83
N ALA A 145 -44.13 -7.51 -3.65
CA ALA A 145 -44.62 -8.89 -3.69
C ALA A 145 -45.37 -9.22 -2.39
N PRO A 146 -46.08 -10.35 -2.38
CA PRO A 146 -46.74 -10.81 -1.15
C PRO A 146 -45.78 -10.86 0.03
N GLN A 147 -44.59 -11.41 -0.20
CA GLN A 147 -43.55 -11.56 0.83
C GLN A 147 -43.06 -10.23 1.42
N ASP A 148 -43.04 -9.18 0.60
CA ASP A 148 -42.57 -7.87 1.06
C ASP A 148 -43.60 -7.18 1.95
N VAL A 149 -43.12 -6.23 2.76
CA VAL A 149 -44.00 -5.21 3.30
C VAL A 149 -43.56 -3.87 2.74
N GLY A 150 -44.28 -2.81 3.08
CA GLY A 150 -44.09 -1.56 2.38
C GLY A 150 -44.96 -1.56 1.15
N LYS A 151 -45.31 -0.38 0.67
CA LYS A 151 -46.31 -0.29 -0.38
C LYS A 151 -45.68 0.02 -1.73
N SER A 152 -46.53 0.15 -2.75
CA SER A 152 -46.05 0.56 -4.05
C SER A 152 -45.52 1.97 -3.96
N CYS A 153 -44.53 2.28 -4.79
CA CYS A 153 -43.99 3.62 -4.85
C CYS A 153 -43.27 3.83 -6.15
N GLY A 154 -43.03 5.09 -6.46
CA GLY A 154 -42.24 5.38 -7.63
C GLY A 154 -42.04 6.84 -7.91
N VAL A 155 -41.34 7.10 -9.00
CA VAL A 155 -41.09 8.44 -9.46
C VAL A 155 -41.69 8.55 -10.84
N ASP A 156 -42.60 9.51 -10.99
CA ASP A 156 -43.32 9.67 -12.24
C ASP A 156 -42.88 10.97 -12.90
N PHE A 157 -42.88 10.92 -14.21
CA PHE A 157 -42.70 12.10 -15.03
C PHE A 157 -43.95 12.38 -15.86
N GLU A 158 -44.65 13.46 -15.50
CA GLU A 158 -45.90 13.82 -16.14
C GLU A 158 -45.74 15.01 -17.11
N ILE A 159 -46.13 14.77 -18.35
CA ILE A 159 -46.31 15.84 -19.32
C ILE A 159 -47.81 16.08 -19.44
N LYS A 160 -48.27 17.27 -19.07
CA LYS A 160 -49.71 17.56 -19.15
C LYS A 160 -49.99 18.79 -19.99
N ALA A 161 -50.91 18.65 -20.95
CA ALA A 161 -51.34 19.81 -21.73
C ALA A 161 -52.77 20.11 -21.34
N PHE A 162 -53.04 21.35 -20.96
CA PHE A 162 -54.38 21.69 -20.50
C PHE A 162 -54.78 23.10 -20.89
N ALA A 163 -56.08 23.32 -20.95
CA ALA A 163 -56.62 24.64 -21.23
C ALA A 163 -57.32 25.21 -19.99
N THR A 164 -57.07 26.50 -19.73
CA THR A 164 -57.72 27.25 -18.68
C THR A 164 -58.66 28.29 -19.30
N HIS A 165 -59.73 28.62 -18.58
CA HIS A 165 -60.58 29.74 -18.96
C HIS A 165 -61.07 30.55 -17.76
N SER A 166 -61.67 31.69 -18.04
CA SER A 166 -62.11 32.58 -16.99
C SER A 166 -63.61 32.55 -16.81
N THR A 167 -64.06 32.73 -15.59
CA THR A 167 -65.48 32.88 -15.33
C THR A 167 -65.79 34.29 -14.82
N ASP A 168 -67.03 34.72 -15.00
CA ASP A 168 -67.39 36.10 -14.64
C ASP A 168 -67.29 36.33 -13.12
N VAL A 169 -67.16 35.25 -12.38
CA VAL A 169 -67.03 35.26 -10.93
C VAL A 169 -65.52 35.35 -10.59
N GLU A 170 -64.74 35.42 -11.67
CA GLU A 170 -63.29 35.54 -11.60
C GLU A 170 -62.58 34.33 -11.00
N GLU A 171 -63.22 33.17 -11.12
CA GLU A 171 -62.61 31.88 -10.78
C GLU A 171 -62.09 31.23 -12.06
N ASP A 172 -60.78 31.06 -12.16
CA ASP A 172 -60.25 30.35 -13.32
C ASP A 172 -60.44 28.82 -13.23
N LYS A 173 -60.61 28.20 -14.40
CA LYS A 173 -61.01 26.79 -14.49
C LYS A 173 -60.07 25.99 -15.37
N ILE A 174 -59.66 24.84 -14.85
CA ILE A 174 -58.83 23.89 -15.57
C ILE A 174 -59.60 22.57 -15.67
N PRO A 175 -60.52 22.48 -16.65
CA PRO A 175 -61.36 21.29 -16.83
C PRO A 175 -60.60 20.03 -17.31
N LYS A 176 -60.87 18.90 -16.67
CA LYS A 176 -60.21 17.64 -17.03
C LYS A 176 -60.41 17.30 -18.50
N LYS A 177 -61.63 17.51 -19.00
CA LYS A 177 -61.98 17.13 -20.37
C LYS A 177 -61.14 17.87 -21.43
N SER A 178 -60.50 18.96 -21.01
CA SER A 178 -59.69 19.79 -21.90
C SER A 178 -58.18 19.53 -21.80
N SER A 179 -57.81 18.52 -21.03
CA SER A 179 -56.40 18.27 -20.78
C SER A 179 -56.01 16.87 -21.26
N VAL A 180 -54.73 16.65 -21.43
CA VAL A 180 -54.21 15.34 -21.80
C VAL A 180 -52.96 15.09 -20.98
N ARG A 181 -52.92 13.92 -20.37
CA ARG A 181 -51.86 13.59 -19.44
C ARG A 181 -51.04 12.42 -20.00
N LEU A 182 -49.75 12.63 -20.19
CA LEU A 182 -48.85 11.58 -20.68
C LEU A 182 -47.78 11.28 -19.64
N LEU A 183 -47.66 10.04 -19.22
CA LEU A 183 -46.56 9.71 -18.33
C LEU A 183 -45.42 9.24 -19.19
N ILE A 184 -44.37 10.03 -19.23
CA ILE A 184 -43.20 9.65 -20.00
C ILE A 184 -42.18 8.95 -19.12
N ARG A 185 -41.10 8.46 -19.72
CA ARG A 185 -40.00 7.85 -18.99
C ARG A 185 -38.75 8.67 -19.20
N LYS A 186 -37.97 8.83 -18.13
CA LYS A 186 -36.62 9.38 -18.20
C LYS A 186 -35.75 8.14 -18.04
N VAL A 187 -35.07 7.77 -19.12
CA VAL A 187 -34.31 6.53 -19.17
C VAL A 187 -32.81 6.78 -19.08
N GLN A 188 -32.13 5.99 -18.25
CA GLN A 188 -30.72 6.18 -18.01
C GLN A 188 -29.83 5.55 -19.08
N HIS A 189 -29.01 6.38 -19.73
CA HIS A 189 -28.01 5.87 -20.68
C HIS A 189 -26.59 6.12 -20.16
N ALA A 190 -25.64 5.32 -20.61
CA ALA A 190 -24.29 5.40 -20.06
C ALA A 190 -23.59 6.72 -20.36
N PRO A 191 -22.77 7.19 -19.41
CA PRO A 191 -21.94 8.39 -19.56
C PRO A 191 -20.71 8.11 -20.43
N ARG A 192 -19.87 9.12 -20.69
CA ARG A 192 -18.71 8.91 -21.53
C ARG A 192 -17.74 7.91 -20.90
N ASP A 193 -17.60 7.99 -19.59
CA ASP A 193 -16.59 7.22 -18.87
C ASP A 193 -17.22 6.25 -17.89
N MET A 194 -16.49 5.18 -17.56
CA MET A 194 -16.90 4.23 -16.51
C MET A 194 -15.75 4.00 -15.54
N GLY A 195 -16.08 3.44 -14.38
CA GLY A 195 -15.08 3.23 -13.33
C GLY A 195 -14.19 2.03 -13.56
N PRO A 196 -13.29 1.77 -12.61
CA PRO A 196 -12.28 0.71 -12.78
C PRO A 196 -12.89 -0.69 -12.78
N GLN A 197 -12.12 -1.65 -13.29
CA GLN A 197 -12.56 -3.04 -13.34
C GLN A 197 -12.99 -3.51 -11.94
N PRO A 198 -14.24 -3.95 -11.81
CA PRO A 198 -14.76 -4.48 -10.55
C PRO A 198 -14.06 -5.75 -10.16
N ARG A 199 -13.59 -5.83 -8.93
CA ARG A 199 -13.05 -7.07 -8.44
C ARG A 199 -13.10 -7.17 -6.92
N ALA A 200 -13.05 -8.40 -6.44
CA ALA A 200 -13.13 -8.65 -5.01
C ALA A 200 -12.36 -9.92 -4.66
N GLU A 201 -11.80 -9.94 -3.46
CA GLU A 201 -11.12 -11.13 -2.97
C GLU A 201 -11.55 -11.40 -1.52
N ALA A 202 -12.14 -12.56 -1.27
CA ALA A 202 -12.54 -12.93 0.09
C ALA A 202 -11.85 -14.22 0.50
N SER A 203 -11.53 -14.37 1.78
CA SER A 203 -11.01 -15.63 2.29
C SER A 203 -11.70 -15.99 3.62
N TRP A 204 -11.90 -17.27 3.85
CA TRP A 204 -12.46 -17.73 5.10
C TRP A 204 -11.58 -18.78 5.75
N GLN A 205 -11.45 -18.69 7.06
CA GLN A 205 -10.85 -19.77 7.80
C GLN A 205 -11.89 -20.32 8.78
N PHE A 206 -12.36 -21.53 8.51
CA PHE A 206 -13.42 -22.15 9.28
C PHE A 206 -12.95 -22.64 10.64
N PHE A 207 -13.89 -22.79 11.57
CA PHE A 207 -13.60 -23.28 12.89
C PHE A 207 -12.90 -24.63 12.86
N MET A 208 -11.82 -24.74 13.65
CA MET A 208 -11.02 -25.96 13.74
C MET A 208 -10.03 -26.16 12.60
N SER A 209 -10.02 -25.25 11.64
CA SER A 209 -9.23 -25.40 10.42
C SER A 209 -7.97 -24.52 10.41
N ASP A 210 -6.87 -25.01 9.87
CA ASP A 210 -5.66 -24.22 9.75
C ASP A 210 -5.51 -23.59 8.38
N LYS A 211 -6.41 -23.92 7.47
CA LYS A 211 -6.16 -23.62 6.05
C LYS A 211 -7.30 -22.76 5.51
N PRO A 212 -6.98 -21.78 4.65
CA PRO A 212 -7.96 -20.88 4.06
C PRO A 212 -8.72 -21.43 2.84
N LEU A 213 -9.94 -20.94 2.67
CA LEU A 213 -10.67 -21.00 1.42
C LEU A 213 -10.71 -19.60 0.83
N ARG A 214 -10.12 -19.41 -0.36
CA ARG A 214 -10.15 -18.10 -0.99
C ARG A 214 -11.04 -18.07 -2.24
N LEU A 215 -11.71 -16.95 -2.43
CA LEU A 215 -12.53 -16.71 -3.60
C LEU A 215 -12.20 -15.34 -4.20
N ALA A 216 -11.66 -15.32 -5.41
CA ALA A 216 -11.47 -14.08 -6.14
C ALA A 216 -12.56 -14.00 -7.21
N VAL A 217 -13.06 -12.80 -7.43
CA VAL A 217 -14.13 -12.57 -8.40
C VAL A 217 -13.86 -11.30 -9.17
N SER A 218 -14.04 -11.38 -10.49
CA SER A 218 -13.73 -10.25 -11.33
C SER A 218 -14.77 -10.10 -12.44
N LEU A 219 -15.02 -8.86 -12.82
CA LEU A 219 -15.96 -8.55 -13.90
C LEU A 219 -15.16 -7.88 -15.01
N SER A 220 -15.58 -8.04 -16.25
CA SER A 220 -14.82 -7.47 -17.36
C SER A 220 -14.84 -5.91 -17.36
N LYS A 221 -15.93 -5.32 -16.86
CA LYS A 221 -16.06 -3.85 -16.85
C LYS A 221 -17.04 -3.37 -15.76
N GLU A 222 -17.00 -2.08 -15.39
CA GLU A 222 -17.90 -1.58 -14.33
C GLU A 222 -19.32 -1.17 -14.78
N ILE A 223 -19.54 -0.94 -16.07
CA ILE A 223 -20.90 -0.71 -16.58
C ILE A 223 -21.35 -1.75 -17.62
N TYR A 224 -22.57 -2.24 -17.46
CA TYR A 224 -23.18 -3.11 -18.44
C TYR A 224 -24.51 -2.55 -18.95
N TYR A 225 -24.82 -2.89 -20.19
CA TYR A 225 -26.04 -2.43 -20.82
C TYR A 225 -27.13 -3.47 -20.63
N HIS A 226 -28.37 -3.00 -20.46
CA HIS A 226 -29.49 -3.93 -20.38
C HIS A 226 -29.44 -4.88 -21.57
N GLY A 227 -29.55 -6.18 -21.28
CA GLY A 227 -29.45 -7.19 -22.31
C GLY A 227 -28.04 -7.63 -22.63
N GLU A 228 -27.04 -6.90 -22.14
CA GLU A 228 -25.66 -7.32 -22.39
C GLU A 228 -25.24 -8.43 -21.42
N PRO A 229 -24.67 -9.51 -21.97
CA PRO A 229 -24.14 -10.59 -21.13
C PRO A 229 -23.03 -10.08 -20.23
N ILE A 230 -23.08 -10.50 -18.97
CA ILE A 230 -22.08 -10.16 -17.97
C ILE A 230 -21.23 -11.38 -17.65
N PRO A 231 -19.95 -11.35 -18.06
CA PRO A 231 -18.93 -12.37 -17.85
C PRO A 231 -18.32 -12.30 -16.44
N VAL A 232 -18.95 -12.95 -15.46
CA VAL A 232 -18.38 -13.05 -14.13
C VAL A 232 -17.29 -14.13 -14.07
N THR A 233 -16.07 -13.73 -13.78
CA THR A 233 -14.99 -14.71 -13.67
C THR A 233 -14.63 -15.00 -12.22
N VAL A 234 -14.60 -16.29 -11.89
CA VAL A 234 -14.43 -16.74 -10.52
C VAL A 234 -13.23 -17.65 -10.36
N ALA A 235 -12.42 -17.37 -9.34
CA ALA A 235 -11.29 -18.23 -8.98
C ALA A 235 -11.43 -18.71 -7.54
N VAL A 236 -11.63 -20.01 -7.38
CA VAL A 236 -11.64 -20.59 -6.04
C VAL A 236 -10.32 -21.25 -5.76
N THR A 237 -9.71 -20.88 -4.64
CA THR A 237 -8.53 -21.59 -4.18
C THR A 237 -8.91 -22.29 -2.89
N ASN A 238 -9.06 -23.61 -2.95
CA ASN A 238 -9.52 -24.34 -1.78
C ASN A 238 -8.39 -25.14 -1.17
N SER A 239 -7.87 -24.61 -0.06
CA SER A 239 -6.73 -25.21 0.60
C SER A 239 -7.27 -26.08 1.71
N THR A 240 -8.59 -26.14 1.81
CA THR A 240 -9.18 -26.82 2.93
C THR A 240 -9.35 -28.31 2.65
N GLU A 241 -9.80 -29.02 3.67
CA GLU A 241 -10.11 -30.43 3.61
C GLU A 241 -11.50 -30.61 3.05
N LYS A 242 -12.25 -29.50 3.08
CA LYS A 242 -13.64 -29.51 2.62
C LYS A 242 -13.77 -29.47 1.11
N THR A 243 -14.92 -29.91 0.61
CA THR A 243 -15.28 -29.71 -0.79
C THR A 243 -16.22 -28.51 -0.95
N VAL A 244 -16.06 -27.77 -2.03
CA VAL A 244 -17.04 -26.76 -2.36
C VAL A 244 -18.06 -27.50 -3.25
N LYS A 245 -19.26 -27.71 -2.71
CA LYS A 245 -20.24 -28.57 -3.35
C LYS A 245 -20.89 -27.81 -4.47
N LYS A 246 -21.04 -26.49 -4.25
CA LYS A 246 -21.76 -25.66 -5.19
C LYS A 246 -21.16 -24.26 -5.30
N ILE A 247 -21.08 -23.77 -6.54
CA ILE A 247 -20.75 -22.38 -6.80
C ILE A 247 -21.98 -21.70 -7.44
N LYS A 248 -22.62 -20.79 -6.72
CA LYS A 248 -23.78 -20.08 -7.26
C LYS A 248 -23.46 -18.60 -7.56
N VAL A 249 -23.97 -18.09 -8.68
CA VAL A 249 -23.73 -16.70 -9.07
C VAL A 249 -25.05 -15.98 -9.35
N LEU A 250 -25.24 -14.87 -8.66
CA LEU A 250 -26.46 -14.09 -8.74
C LEU A 250 -26.16 -12.68 -9.22
N VAL A 251 -27.10 -12.10 -9.96
CA VAL A 251 -27.20 -10.65 -10.01
C VAL A 251 -28.24 -10.28 -8.98
N GLU A 252 -27.85 -9.49 -8.00
CA GLU A 252 -28.80 -8.99 -7.03
C GLU A 252 -29.08 -7.52 -7.29
N GLN A 253 -30.37 -7.19 -7.31
CA GLN A 253 -30.80 -5.80 -7.35
C GLN A 253 -31.08 -5.32 -5.94
N VAL A 254 -30.43 -4.22 -5.57
CA VAL A 254 -30.60 -3.60 -4.25
C VAL A 254 -31.31 -2.27 -4.36
N THR A 255 -32.44 -2.17 -3.68
CA THR A 255 -33.34 -1.01 -3.80
C THR A 255 -33.59 -0.36 -2.44
N ASN A 256 -33.34 0.93 -2.35
CA ASN A 256 -33.65 1.68 -1.13
C ASN A 256 -34.64 2.79 -1.32
N VAL A 257 -35.71 2.78 -0.55
CA VAL A 257 -36.68 3.84 -0.67
C VAL A 257 -36.25 4.90 0.33
N VAL A 258 -35.80 6.04 -0.20
CA VAL A 258 -35.24 7.11 0.63
C VAL A 258 -36.19 8.27 0.97
N LEU A 259 -37.44 8.17 0.55
CA LEU A 259 -38.44 9.16 0.94
C LEU A 259 -39.55 8.46 1.70
N TYR A 260 -40.13 9.15 2.66
CA TYR A 260 -41.23 8.58 3.43
C TYR A 260 -40.79 7.27 4.12
N SER A 261 -41.37 6.14 3.75
CA SER A 261 -40.96 4.86 4.32
C SER A 261 -39.56 4.44 3.87
N SER A 262 -38.89 3.68 4.73
CA SER A 262 -37.48 3.31 4.59
C SER A 262 -37.23 2.03 3.78
N ASP A 263 -38.27 1.51 3.12
CA ASP A 263 -38.26 0.14 2.63
C ASP A 263 -36.99 -0.22 1.87
N TYR A 264 -36.53 -1.44 2.17
CA TYR A 264 -35.29 -1.97 1.65
C TYR A 264 -35.58 -3.28 0.92
N TYR A 265 -35.12 -3.40 -0.31
CA TYR A 265 -35.35 -4.62 -1.06
C TYR A 265 -34.06 -5.11 -1.64
N ILE A 266 -33.82 -6.41 -1.50
CA ILE A 266 -32.75 -7.04 -2.27
C ILE A 266 -33.29 -8.31 -2.88
N LYS A 267 -33.09 -8.45 -4.19
CA LYS A 267 -33.75 -9.50 -4.94
C LYS A 267 -32.84 -10.00 -6.05
N THR A 268 -33.05 -11.26 -6.42
CA THR A 268 -32.24 -11.92 -7.43
C THR A 268 -32.93 -11.75 -8.77
N VAL A 269 -32.31 -10.98 -9.65
CA VAL A 269 -32.81 -10.87 -11.01
C VAL A 269 -32.09 -11.77 -12.05
N ALA A 270 -31.02 -12.44 -11.64
CA ALA A 270 -30.36 -13.44 -12.49
C ALA A 270 -29.62 -14.48 -11.65
N ALA A 271 -29.56 -15.72 -12.14
CA ALA A 271 -28.87 -16.77 -11.40
C ALA A 271 -28.23 -17.84 -12.29
N GLU A 272 -27.08 -18.34 -11.85
CA GLU A 272 -26.35 -19.41 -12.54
C GLU A 272 -25.62 -20.33 -11.56
N GLU A 273 -25.69 -21.63 -11.81
CA GLU A 273 -25.01 -22.60 -10.98
C GLU A 273 -23.91 -23.23 -11.83
N ALA A 274 -22.68 -23.28 -11.31
CA ALA A 274 -21.63 -24.07 -11.99
C ALA A 274 -21.96 -25.57 -11.90
N GLN A 275 -21.48 -26.33 -12.85
CA GLN A 275 -21.65 -27.76 -12.76
C GLN A 275 -20.51 -28.43 -11.97
N GLU A 276 -19.50 -27.64 -11.62
CA GLU A 276 -18.28 -28.21 -11.08
C GLU A 276 -18.13 -27.99 -9.57
N LYS A 277 -17.51 -28.95 -8.88
CA LYS A 277 -17.19 -28.73 -7.50
C LYS A 277 -15.73 -28.41 -7.40
N VAL A 278 -15.27 -28.02 -6.23
CA VAL A 278 -13.85 -27.83 -6.02
C VAL A 278 -13.40 -28.76 -4.90
N PRO A 279 -12.64 -29.80 -5.25
CA PRO A 279 -12.22 -30.74 -4.20
C PRO A 279 -11.20 -30.11 -3.26
N PRO A 280 -11.04 -30.69 -2.08
CA PRO A 280 -10.02 -30.25 -1.12
C PRO A 280 -8.70 -30.09 -1.85
N ASN A 281 -7.96 -29.04 -1.50
CA ASN A 281 -6.60 -28.89 -2.01
C ASN A 281 -6.51 -28.74 -3.52
N SER A 282 -7.30 -27.83 -4.08
CA SER A 282 -7.37 -27.59 -5.51
C SER A 282 -7.86 -26.19 -5.79
N SER A 283 -7.68 -25.75 -7.04
CA SER A 283 -8.19 -24.48 -7.50
C SER A 283 -9.03 -24.67 -8.73
N LEU A 284 -9.98 -23.77 -8.93
CA LEU A 284 -10.81 -23.82 -10.10
C LEU A 284 -11.05 -22.41 -10.56
N THR A 285 -10.96 -22.20 -11.87
CA THR A 285 -11.27 -20.90 -12.43
C THR A 285 -12.26 -21.07 -13.57
N LYS A 286 -13.32 -20.28 -13.53
CA LYS A 286 -14.40 -20.46 -14.49
C LYS A 286 -15.06 -19.13 -14.72
N THR A 287 -15.58 -18.91 -15.92
CA THR A 287 -16.33 -17.71 -16.20
C THR A 287 -17.78 -18.06 -16.47
N LEU A 288 -18.68 -17.63 -15.58
CA LEU A 288 -20.12 -17.77 -15.81
C LEU A 288 -20.68 -16.51 -16.45
N THR A 289 -21.66 -16.67 -17.33
CA THR A 289 -22.28 -15.50 -17.99
C THR A 289 -23.72 -15.30 -17.57
N LEU A 290 -24.01 -14.14 -17.02
CA LEU A 290 -25.34 -13.82 -16.52
C LEU A 290 -25.98 -12.73 -17.36
N VAL A 291 -27.29 -12.81 -17.56
CA VAL A 291 -28.01 -11.75 -18.26
C VAL A 291 -29.24 -11.28 -17.50
N PRO A 292 -29.09 -10.22 -16.68
CA PRO A 292 -30.16 -9.72 -15.80
C PRO A 292 -31.23 -8.95 -16.56
N LEU A 293 -32.21 -9.69 -17.07
CA LEU A 293 -33.39 -9.12 -17.71
C LEU A 293 -34.66 -9.36 -16.90
N LEU A 294 -35.64 -8.47 -17.08
CA LEU A 294 -36.94 -8.63 -16.44
C LEU A 294 -37.67 -9.86 -17.01
N ALA A 295 -37.39 -10.20 -18.26
CA ALA A 295 -38.05 -11.35 -18.91
C ALA A 295 -37.75 -12.67 -18.21
N ASN A 296 -36.60 -12.75 -17.55
CA ASN A 296 -36.20 -13.97 -16.85
C ASN A 296 -37.00 -14.16 -15.57
N ASN A 297 -37.76 -13.14 -15.21
CA ASN A 297 -38.44 -13.13 -13.92
C ASN A 297 -39.93 -13.39 -14.05
N ARG A 298 -40.36 -14.54 -13.53
CA ARG A 298 -41.78 -14.86 -13.53
C ARG A 298 -42.51 -13.83 -12.68
N GLU A 299 -42.03 -13.66 -11.45
CA GLU A 299 -42.56 -12.63 -10.57
C GLU A 299 -41.91 -11.27 -10.92
N ARG A 300 -42.74 -10.30 -11.28
CA ARG A 300 -42.25 -8.96 -11.58
CA ARG A 300 -42.24 -8.96 -11.58
C ARG A 300 -42.40 -8.02 -10.38
N ARG A 301 -43.01 -8.52 -9.31
CA ARG A 301 -43.23 -7.74 -8.10
C ARG A 301 -42.04 -7.77 -7.14
N GLY A 302 -41.82 -6.65 -6.46
CA GLY A 302 -40.80 -6.55 -5.45
C GLY A 302 -39.46 -6.28 -6.09
N ILE A 303 -39.44 -5.83 -7.34
CA ILE A 303 -38.18 -5.35 -7.91
C ILE A 303 -38.37 -4.01 -8.60
N ALA A 304 -37.31 -3.22 -8.65
CA ALA A 304 -37.41 -1.86 -9.16
C ALA A 304 -37.43 -1.88 -10.67
N LEU A 305 -38.52 -1.36 -11.26
CA LEU A 305 -38.58 -1.27 -12.71
C LEU A 305 -38.56 0.18 -13.16
N ASP A 306 -38.49 0.37 -14.47
CA ASP A 306 -38.54 1.70 -15.07
C ASP A 306 -39.95 2.09 -15.52
N GLY A 307 -40.93 1.25 -15.19
CA GLY A 307 -42.30 1.45 -15.61
C GLY A 307 -43.28 0.47 -14.99
N LYS A 308 -44.53 0.54 -15.43
CA LYS A 308 -45.60 -0.31 -14.89
C LYS A 308 -45.44 -1.77 -15.30
N ILE A 309 -45.90 -2.67 -14.44
CA ILE A 309 -45.77 -4.10 -14.71
C ILE A 309 -46.54 -4.54 -15.95
N LYS A 310 -47.73 -3.96 -16.14
CA LYS A 310 -48.60 -4.31 -17.26
C LYS A 310 -47.97 -4.13 -18.63
N HIS A 311 -47.01 -3.21 -18.73
CA HIS A 311 -46.52 -2.75 -20.04
C HIS A 311 -45.38 -3.57 -20.64
N GLU A 312 -45.50 -3.89 -21.93
CA GLU A 312 -44.47 -4.66 -22.62
C GLU A 312 -43.09 -3.97 -22.61
N ASP A 313 -43.05 -2.64 -22.68
CA ASP A 313 -41.77 -1.95 -22.88
C ASP A 313 -40.95 -1.76 -21.59
N THR A 314 -41.51 -2.20 -20.47
CA THR A 314 -40.91 -1.93 -19.17
C THR A 314 -39.61 -2.72 -18.93
N ASN A 315 -38.63 -2.08 -18.29
CA ASN A 315 -37.40 -2.77 -17.99
C ASN A 315 -37.06 -2.72 -16.51
N LEU A 316 -35.99 -3.42 -16.13
CA LEU A 316 -35.42 -3.24 -14.81
C LEU A 316 -34.94 -1.80 -14.73
N ALA A 317 -35.07 -1.20 -13.55
CA ALA A 317 -34.53 0.13 -13.30
C ALA A 317 -33.02 0.10 -13.51
N SER A 318 -32.48 1.16 -14.12
CA SER A 318 -31.05 1.32 -14.20
C SER A 318 -30.45 1.76 -12.86
N SER A 319 -29.17 1.49 -12.65
CA SER A 319 -28.48 1.92 -11.44
C SER A 319 -28.66 3.43 -11.28
N THR A 320 -29.06 3.85 -10.07
CA THR A 320 -29.12 5.27 -9.75
C THR A 320 -27.75 5.94 -9.95
N ILE A 321 -27.78 7.18 -10.46
CA ILE A 321 -26.56 7.97 -10.56
C ILE A 321 -26.77 9.36 -9.90
N ILE A 322 -26.07 9.59 -8.79
CA ILE A 322 -26.25 10.83 -8.03
C ILE A 322 -25.20 11.87 -8.40
N LYS A 323 -25.65 13.07 -8.75
CA LYS A 323 -24.71 14.15 -9.04
C LYS A 323 -24.03 14.58 -7.75
N GLU A 324 -22.76 14.99 -7.84
CA GLU A 324 -22.07 15.52 -6.68
C GLU A 324 -22.89 16.63 -6.07
N GLY A 325 -23.09 16.58 -4.76
CA GLY A 325 -23.72 17.67 -4.05
C GLY A 325 -25.24 17.58 -3.98
N ILE A 326 -25.79 16.52 -4.52
CA ILE A 326 -27.23 16.31 -4.42
C ILE A 326 -27.51 15.36 -3.27
N ASP A 327 -28.47 15.70 -2.43
CA ASP A 327 -28.83 14.77 -1.37
C ASP A 327 -29.62 13.59 -1.94
N LYS A 328 -29.25 12.40 -1.51
CA LYS A 328 -29.76 11.19 -2.11
C LYS A 328 -31.27 11.02 -1.92
N THR A 329 -31.81 11.55 -0.83
CA THR A 329 -33.25 11.40 -0.53
C THR A 329 -34.08 11.99 -1.65
N VAL A 330 -33.47 12.89 -2.39
CA VAL A 330 -34.18 13.66 -3.39
C VAL A 330 -34.29 12.86 -4.72
N MET A 331 -33.63 11.71 -4.76
CA MET A 331 -33.71 10.71 -5.85
C MET A 331 -34.94 9.84 -5.70
N GLY A 332 -35.30 9.63 -4.45
CA GLY A 332 -36.55 9.08 -3.97
C GLY A 332 -36.55 7.55 -3.94
N ILE A 333 -35.84 6.93 -4.87
CA ILE A 333 -35.58 5.51 -4.82
C ILE A 333 -34.18 5.23 -5.38
N LEU A 334 -33.38 4.50 -4.62
CA LEU A 334 -32.01 4.21 -5.05
C LEU A 334 -31.95 2.78 -5.56
N VAL A 335 -31.43 2.62 -6.76
CA VAL A 335 -31.23 1.29 -7.32
C VAL A 335 -29.75 1.05 -7.54
N SER A 336 -29.29 -0.15 -7.22
CA SER A 336 -27.91 -0.52 -7.48
C SER A 336 -27.86 -2.02 -7.69
N TYR A 337 -26.78 -2.48 -8.31
CA TYR A 337 -26.64 -3.90 -8.62
C TYR A 337 -25.31 -4.48 -8.14
N GLN A 338 -25.35 -5.76 -7.82
CA GLN A 338 -24.13 -6.46 -7.49
C GLN A 338 -24.14 -7.88 -7.99
N ILE A 339 -22.95 -8.43 -8.18
CA ILE A 339 -22.80 -9.85 -8.39
C ILE A 339 -22.54 -10.50 -7.04
N LYS A 340 -23.35 -11.49 -6.69
CA LYS A 340 -23.08 -12.26 -5.49
C LYS A 340 -22.64 -13.68 -5.86
N VAL A 341 -21.52 -14.09 -5.30
CA VAL A 341 -21.06 -15.47 -5.46
C VAL A 341 -21.15 -16.19 -4.13
N LYS A 342 -22.00 -17.22 -4.07
CA LYS A 342 -22.13 -18.04 -2.86
C LYS A 342 -21.47 -19.39 -3.08
N LEU A 343 -20.65 -19.82 -2.12
CA LEU A 343 -20.05 -21.15 -2.19
C LEU A 343 -20.74 -22.01 -1.15
N THR A 344 -20.96 -23.26 -1.48
CA THR A 344 -21.53 -24.21 -0.55
C THR A 344 -20.41 -25.16 -0.16
N VAL A 345 -20.19 -25.28 1.14
CA VAL A 345 -19.06 -26.03 1.63
C VAL A 345 -19.57 -27.23 2.41
N SER A 346 -19.06 -28.39 2.04
CA SER A 346 -19.48 -29.64 2.64
C SER A 346 -19.12 -29.62 4.10
N GLY A 347 -20.01 -30.16 4.95
CA GLY A 347 -19.68 -30.41 6.34
C GLY A 347 -19.51 -29.17 7.20
N LEU A 348 -19.97 -28.04 6.67
CA LEU A 348 -19.91 -26.77 7.38
C LEU A 348 -21.23 -26.50 8.12
N LEU A 349 -22.27 -26.39 7.31
CA LEU A 349 -23.52 -25.72 7.65
C LEU A 349 -24.34 -26.54 8.67
N GLY A 350 -24.66 -25.92 9.80
CA GLY A 350 -25.29 -26.62 10.91
C GLY A 350 -24.29 -27.33 11.80
N GLU A 351 -23.07 -27.48 11.28
CA GLU A 351 -21.96 -28.08 12.04
C GLU A 351 -20.92 -27.02 12.45
N LEU A 352 -20.18 -26.47 11.47
CA LEU A 352 -19.16 -25.44 11.71
C LEU A 352 -19.57 -23.97 11.44
N THR A 353 -20.80 -23.76 10.97
CA THR A 353 -21.31 -22.43 10.67
C THR A 353 -22.84 -22.40 10.75
N SER A 354 -23.40 -21.28 11.19
CA SER A 354 -24.80 -20.95 10.96
C SER A 354 -24.93 -20.00 9.76
N SER A 355 -23.79 -19.70 9.15
CA SER A 355 -23.66 -18.56 8.23
C SER A 355 -23.31 -18.90 6.78
N GLU A 356 -23.68 -17.99 5.88
CA GLU A 356 -23.29 -18.01 4.46
C GLU A 356 -21.79 -17.91 4.25
N VAL A 357 -21.28 -18.51 3.18
CA VAL A 357 -19.98 -18.08 2.70
C VAL A 357 -20.12 -17.55 1.27
N ALA A 358 -19.96 -16.24 1.14
CA ALA A 358 -20.27 -15.54 -0.10
C ALA A 358 -19.53 -14.23 -0.16
N THR A 359 -19.38 -13.69 -1.36
CA THR A 359 -18.88 -12.32 -1.49
C THR A 359 -19.62 -11.56 -2.60
N GLU A 360 -19.56 -10.22 -2.60
CA GLU A 360 -20.27 -9.41 -3.59
C GLU A 360 -19.33 -8.43 -4.32
N VAL A 361 -19.51 -8.28 -5.63
CA VAL A 361 -18.85 -7.23 -6.41
C VAL A 361 -19.87 -6.30 -7.07
N PRO A 362 -19.88 -5.01 -6.68
CA PRO A 362 -20.86 -4.07 -7.27
C PRO A 362 -20.60 -3.80 -8.75
N PHE A 363 -21.64 -3.43 -9.50
CA PHE A 363 -21.44 -2.93 -10.86
C PHE A 363 -22.65 -2.10 -11.22
N ARG A 364 -22.54 -1.30 -12.27
CA ARG A 364 -23.69 -0.51 -12.72
C ARG A 364 -24.34 -1.04 -13.99
N LEU A 365 -25.64 -0.82 -14.07
CA LEU A 365 -26.47 -1.36 -15.14
C LEU A 365 -27.35 -0.27 -15.75
N MET A 366 -27.16 0.02 -17.03
CA MET A 366 -27.98 1.03 -17.68
C MET A 366 -28.12 0.78 -19.17
N HIS A 367 -28.71 1.73 -19.88
CA HIS A 367 -28.82 1.65 -21.32
C HIS A 367 -27.55 2.16 -22.00
N PRO A 368 -27.38 1.80 -23.27
CA PRO A 368 -26.12 2.08 -23.98
C PRO A 368 -25.80 3.57 -24.05
N GLN A 369 -24.52 3.88 -24.29
CA GLN A 369 -24.12 5.22 -24.63
C GLN A 369 -24.86 5.63 -25.89
N PRO A 370 -25.46 6.82 -25.87
CA PRO A 370 -26.02 7.40 -27.10
C PRO A 370 -24.89 7.83 -28.02
N GLU A 371 -25.19 8.06 -29.30
CA GLU A 371 -24.18 8.46 -30.26
C GLU A 371 -24.18 9.97 -30.56
N ASP A 372 -23.30 10.40 -31.45
CA ASP A 372 -23.30 11.77 -31.95
C ASP A 372 -23.80 11.76 -33.41
N ASP A 382 -38.50 16.85 -45.74
CA ASP A 382 -37.63 16.40 -44.66
C ASP A 382 -37.75 14.90 -44.38
N GLU A 383 -38.65 14.52 -43.48
CA GLU A 383 -38.90 13.11 -43.18
C GLU A 383 -40.39 12.76 -43.27
N ASN A 384 -40.72 11.50 -43.01
CA ASN A 384 -42.09 11.04 -43.10
C ASN A 384 -42.65 10.58 -41.74
N PHE A 385 -43.80 11.10 -41.36
CA PHE A 385 -44.36 10.85 -40.03
C PHE A 385 -45.49 9.85 -40.03
N VAL A 386 -45.51 9.03 -38.97
CA VAL A 386 -46.57 8.06 -38.77
C VAL A 386 -47.04 8.18 -37.33
N PHE A 387 -48.34 8.46 -37.16
CA PHE A 387 -48.87 8.78 -35.85
C PHE A 387 -49.43 7.59 -35.09
N GLU A 388 -48.87 7.33 -33.92
CA GLU A 388 -49.37 6.29 -33.04
C GLU A 388 -49.96 6.94 -31.77
N GLU A 389 -50.99 6.30 -31.20
CA GLU A 389 -51.52 6.66 -29.90
C GLU A 389 -50.44 6.46 -28.82
N PHE A 390 -50.38 7.37 -27.85
CA PHE A 390 -49.28 7.37 -26.89
C PHE A 390 -49.34 6.21 -25.91
N ALA A 391 -50.56 5.78 -25.59
CA ALA A 391 -50.76 4.74 -24.58
C ALA A 391 -49.90 3.50 -24.87
N ARG A 392 -49.20 3.03 -23.84
CA ARG A 392 -48.28 1.91 -24.02
C ARG A 392 -48.97 0.57 -24.21
N GLN A 393 -48.38 -0.25 -25.07
CA GLN A 393 -48.80 -1.64 -25.30
C GLN A 393 -48.75 -2.49 -24.02
N ASN A 394 -49.85 -3.18 -23.73
CA ASN A 394 -49.90 -4.10 -22.61
C ASN A 394 -49.08 -5.37 -22.84
N LEU A 395 -48.73 -6.05 -21.75
CA LEU A 395 -47.91 -7.25 -21.84
C LEU A 395 -48.58 -8.34 -22.68
N LYS A 396 -47.80 -8.94 -23.58
CA LYS A 396 -48.30 -9.98 -24.48
C LYS A 396 -48.84 -11.18 -23.70
N VAL B 21 43.63 -24.79 -4.40
CA VAL B 21 42.82 -23.58 -4.58
C VAL B 21 42.50 -22.84 -3.28
N ILE B 22 42.93 -21.58 -3.21
CA ILE B 22 42.88 -20.77 -1.98
C ILE B 22 42.50 -19.32 -2.25
N PHE B 23 41.72 -18.72 -1.34
CA PHE B 23 41.23 -17.35 -1.54
C PHE B 23 41.83 -16.36 -0.55
N LYS B 24 42.23 -15.20 -1.05
CA LYS B 24 42.88 -14.20 -0.20
C LYS B 24 42.25 -12.81 -0.33
N LYS B 25 42.15 -12.11 0.79
CA LYS B 25 41.75 -10.71 0.76
C LYS B 25 42.53 -9.91 1.80
N ILE B 26 42.94 -8.70 1.42
CA ILE B 26 43.83 -7.90 2.26
C ILE B 26 43.14 -6.66 2.83
N SER B 27 43.51 -6.32 4.06
CA SER B 27 42.95 -5.15 4.74
C SER B 27 43.41 -3.85 4.08
N ARG B 28 42.55 -2.83 4.13
CA ARG B 28 42.79 -1.55 3.45
C ARG B 28 44.19 -0.99 3.68
N ASP B 29 44.65 -1.02 4.92
CA ASP B 29 45.95 -0.47 5.27
C ASP B 29 47.04 -1.48 4.94
N LYS B 30 46.64 -2.65 4.44
CA LYS B 30 47.56 -3.76 4.20
C LYS B 30 48.19 -4.25 5.50
N SER B 31 47.47 -4.04 6.60
CA SER B 31 47.90 -4.57 7.91
C SER B 31 47.74 -6.07 7.99
N VAL B 32 46.53 -6.55 7.68
CA VAL B 32 46.18 -7.95 7.88
C VAL B 32 45.55 -8.58 6.63
N THR B 33 45.73 -9.90 6.48
CA THR B 33 45.30 -10.61 5.27
C THR B 33 44.68 -11.98 5.57
N ILE B 34 43.59 -12.28 4.88
CA ILE B 34 42.79 -13.45 5.19
C ILE B 34 42.82 -14.48 4.06
N TYR B 35 43.04 -15.74 4.43
CA TYR B 35 43.07 -16.85 3.49
C TYR B 35 42.03 -17.92 3.87
N LEU B 36 41.25 -18.34 2.88
CA LEU B 36 40.16 -19.30 3.07
C LEU B 36 40.23 -20.44 2.05
N GLY B 37 39.76 -21.61 2.46
CA GLY B 37 39.79 -22.78 1.62
C GLY B 37 38.65 -22.83 0.62
N LYS B 38 37.51 -22.24 0.99
CA LYS B 38 36.32 -22.30 0.14
C LYS B 38 35.49 -21.02 0.25
N ARG B 39 34.84 -20.63 -0.85
CA ARG B 39 33.82 -19.57 -0.80
C ARG B 39 32.51 -20.13 -0.26
N ASP B 40 32.17 -21.33 -0.72
CA ASP B 40 30.93 -22.00 -0.34
C ASP B 40 31.21 -23.11 0.70
N TYR B 41 30.34 -23.20 1.70
CA TYR B 41 30.47 -24.20 2.76
C TYR B 41 29.22 -25.05 2.80
N ILE B 42 29.38 -26.34 3.07
CA ILE B 42 28.28 -27.26 2.85
C ILE B 42 27.44 -27.54 4.09
N ASP B 43 26.12 -27.37 3.94
CA ASP B 43 25.19 -27.95 4.89
C ASP B 43 24.58 -29.24 4.30
N HIS B 44 25.02 -30.40 4.81
CA HIS B 44 24.42 -31.70 4.49
C HIS B 44 23.39 -32.18 5.53
N VAL B 45 23.04 -31.26 6.42
CA VAL B 45 21.88 -31.38 7.30
C VAL B 45 22.09 -32.28 8.54
N GLU B 46 23.01 -33.22 8.47
CA GLU B 46 23.41 -33.94 9.66
C GLU B 46 24.44 -33.04 10.34
N ARG B 47 25.14 -32.30 9.51
CA ARG B 47 26.25 -31.47 9.93
C ARG B 47 26.46 -30.39 8.88
N VAL B 48 27.25 -29.37 9.21
CA VAL B 48 27.71 -28.41 8.21
C VAL B 48 29.19 -28.11 8.40
N GLU B 49 29.92 -28.07 7.28
CA GLU B 49 31.36 -27.80 7.30
C GLU B 49 31.65 -26.55 8.12
N PRO B 50 32.56 -26.68 9.08
CA PRO B 50 33.12 -25.53 9.78
C PRO B 50 33.97 -24.71 8.81
N VAL B 51 34.27 -23.48 9.19
CA VAL B 51 35.05 -22.60 8.34
C VAL B 51 36.46 -22.50 8.88
N ASP B 52 37.40 -23.11 8.16
CA ASP B 52 38.80 -23.13 8.56
C ASP B 52 39.62 -22.23 7.63
N GLY B 53 40.49 -21.43 8.21
CA GLY B 53 41.32 -20.53 7.42
C GLY B 53 42.53 -20.04 8.15
N VAL B 54 43.27 -19.12 7.54
CA VAL B 54 44.40 -18.48 8.22
C VAL B 54 44.37 -16.96 8.06
N VAL B 55 45.07 -16.27 8.95
CA VAL B 55 45.35 -14.85 8.82
C VAL B 55 46.85 -14.66 8.83
N LEU B 56 47.34 -13.86 7.89
CA LEU B 56 48.73 -13.40 7.88
C LEU B 56 48.74 -11.95 8.28
N VAL B 57 49.56 -11.61 9.28
CA VAL B 57 49.61 -10.24 9.76
C VAL B 57 50.83 -9.54 9.18
N ASP B 58 50.96 -8.26 9.52
CA ASP B 58 52.24 -7.58 9.47
C ASP B 58 52.59 -7.22 10.92
N PRO B 59 53.56 -7.93 11.50
CA PRO B 59 53.84 -7.91 12.93
C PRO B 59 54.18 -6.51 13.44
N GLU B 60 54.65 -5.65 12.54
CA GLU B 60 54.93 -4.27 12.90
C GLU B 60 53.62 -3.55 13.20
N LEU B 61 52.66 -3.69 12.30
CA LEU B 61 51.38 -2.98 12.38
C LEU B 61 50.42 -3.58 13.39
N VAL B 62 50.67 -4.82 13.81
CA VAL B 62 49.81 -5.46 14.79
C VAL B 62 50.36 -5.30 16.20
N LYS B 63 51.52 -4.66 16.30
CA LYS B 63 52.10 -4.36 17.61
C LYS B 63 51.10 -3.59 18.45
N GLY B 64 50.84 -4.08 19.66
CA GLY B 64 49.88 -3.44 20.55
C GLY B 64 48.46 -3.65 20.08
N LYS B 65 48.24 -4.74 19.36
CA LYS B 65 46.91 -5.11 18.93
C LYS B 65 46.64 -6.59 19.16
N ARG B 66 45.37 -6.93 19.33
CA ARG B 66 44.94 -8.32 19.28
C ARG B 66 44.15 -8.47 17.98
N VAL B 67 44.30 -9.61 17.31
CA VAL B 67 43.57 -9.85 16.08
C VAL B 67 42.51 -10.94 16.26
N TYR B 68 41.26 -10.59 15.91
CA TYR B 68 40.13 -11.50 16.04
C TYR B 68 39.51 -11.89 14.69
N VAL B 69 38.87 -13.05 14.65
CA VAL B 69 38.06 -13.45 13.50
C VAL B 69 36.68 -13.91 13.93
N SER B 70 35.65 -13.37 13.27
CA SER B 70 34.27 -13.68 13.62
C SER B 70 33.47 -14.27 12.47
N LEU B 71 32.41 -14.97 12.83
CA LEU B 71 31.42 -15.45 11.87
C LEU B 71 30.04 -14.90 12.24
N THR B 72 29.37 -14.30 11.26
CA THR B 72 28.09 -13.65 11.51
C THR B 72 27.08 -14.02 10.46
N CYS B 73 25.97 -14.62 10.86
CA CYS B 73 24.86 -14.84 9.95
C CYS B 73 23.75 -13.84 10.25
N ALA B 74 23.36 -13.07 9.25
CA ALA B 74 22.32 -12.04 9.48
C ALA B 74 21.26 -12.01 8.40
N PHE B 75 20.03 -11.79 8.84
CA PHE B 75 18.93 -11.54 7.91
C PHE B 75 18.78 -10.05 7.74
N ARG B 76 18.66 -9.61 6.51
CA ARG B 76 18.55 -8.18 6.20
C ARG B 76 17.34 -7.95 5.33
N TYR B 77 16.68 -6.83 5.58
CA TYR B 77 15.47 -6.46 4.86
C TYR B 77 15.44 -4.99 4.51
N GLY B 78 15.21 -4.71 3.23
CA GLY B 78 14.93 -3.36 2.76
C GLY B 78 16.11 -2.44 2.52
N GLN B 79 17.30 -2.88 2.91
CA GLN B 79 18.48 -2.01 2.90
C GLN B 79 18.79 -1.41 1.54
N GLU B 80 18.92 -2.26 0.53
CA GLU B 80 19.49 -1.86 -0.75
C GLU B 80 18.55 -1.09 -1.69
N ASP B 81 17.28 -0.94 -1.32
CA ASP B 81 16.31 -0.28 -2.19
C ASP B 81 16.39 1.24 -2.17
N ILE B 82 15.87 1.86 -3.23
CA ILE B 82 15.40 3.23 -3.13
C ILE B 82 13.99 3.18 -2.58
N ASP B 83 13.78 3.89 -1.48
CA ASP B 83 12.46 3.98 -0.88
C ASP B 83 12.28 5.37 -0.27
N VAL B 84 11.10 5.96 -0.48
CA VAL B 84 10.83 7.32 -0.03
C VAL B 84 10.89 7.44 1.49
N MET B 85 10.58 6.35 2.21
CA MET B 85 11.00 6.21 3.60
C MET B 85 11.97 5.03 3.67
N GLY B 86 13.23 5.30 3.97
CA GLY B 86 14.15 4.20 4.16
C GLY B 86 13.59 3.37 5.30
N LEU B 87 13.29 2.10 5.00
CA LEU B 87 12.85 1.15 6.01
C LEU B 87 13.79 -0.03 5.97
N SER B 88 14.36 -0.34 7.13
CA SER B 88 15.48 -1.25 7.17
C SER B 88 15.36 -2.17 8.38
N PHE B 89 15.65 -3.46 8.19
CA PHE B 89 15.66 -4.38 9.31
C PHE B 89 16.87 -5.31 9.26
N ARG B 90 17.40 -5.64 10.44
CA ARG B 90 18.48 -6.62 10.50
C ARG B 90 18.38 -7.50 11.74
N ARG B 91 18.60 -8.80 11.54
CA ARG B 91 18.65 -9.74 12.65
C ARG B 91 19.86 -10.67 12.62
N ASP B 92 20.66 -10.62 13.66
CA ASP B 92 21.84 -11.46 13.66
C ASP B 92 21.38 -12.79 14.20
N LEU B 93 21.32 -13.78 13.33
CA LEU B 93 20.80 -15.09 13.70
C LEU B 93 21.90 -15.97 14.30
N TYR B 94 23.16 -15.58 14.05
CA TYR B 94 24.30 -16.23 14.71
C TYR B 94 25.54 -15.34 14.76
N PHE B 95 26.33 -15.50 15.82
CA PHE B 95 27.59 -14.78 15.94
C PHE B 95 28.60 -15.59 16.75
N SER B 96 29.85 -15.55 16.31
CA SER B 96 30.89 -16.31 16.96
C SER B 96 32.20 -15.61 16.74
N GLN B 97 33.05 -15.61 17.75
CA GLN B 97 34.29 -14.88 17.67
C GLN B 97 35.40 -15.71 18.29
N VAL B 98 36.60 -15.61 17.70
CA VAL B 98 37.79 -16.19 18.32
C VAL B 98 38.90 -15.17 18.27
N GLN B 99 39.86 -15.30 19.18
CA GLN B 99 41.07 -14.53 19.06
C GLN B 99 42.07 -15.31 18.24
N VAL B 100 42.61 -14.68 17.22
CA VAL B 100 43.68 -15.27 16.43
C VAL B 100 45.03 -14.88 17.02
N PHE B 101 45.32 -13.59 17.02
CA PHE B 101 46.67 -13.12 17.36
C PHE B 101 46.72 -12.22 18.58
N PRO B 102 47.83 -12.28 19.33
CA PRO B 102 48.74 -13.43 19.18
C PRO B 102 48.04 -14.66 19.81
N PRO B 103 48.51 -15.83 19.41
CA PRO B 103 47.75 -17.07 19.55
C PRO B 103 47.63 -17.59 20.95
N VAL B 104 46.57 -18.35 21.12
CA VAL B 104 46.48 -19.34 22.14
C VAL B 104 45.47 -20.31 21.59
N GLY B 105 45.53 -21.57 22.00
CA GLY B 105 44.57 -22.51 21.47
C GLY B 105 43.96 -23.36 22.56
N GLY B 108 43.09 -28.11 21.17
CA GLY B 108 42.50 -27.34 20.09
C GLY B 108 43.02 -27.79 18.74
N ALA B 109 42.12 -28.28 17.89
CA ALA B 109 42.52 -29.04 16.72
C ALA B 109 42.87 -28.21 15.48
N THR B 110 44.14 -28.30 15.06
CA THR B 110 44.57 -27.77 13.77
C THR B 110 44.07 -28.70 12.66
N THR B 111 44.00 -28.20 11.44
CA THR B 111 43.71 -29.09 10.31
C THR B 111 44.76 -28.94 9.23
N ARG B 112 44.65 -29.75 8.17
CA ARG B 112 45.67 -29.82 7.14
C ARG B 112 45.81 -28.53 6.36
N LEU B 113 44.69 -27.88 6.06
CA LEU B 113 44.72 -26.62 5.33
C LEU B 113 45.52 -25.60 6.11
N GLN B 114 45.34 -25.61 7.43
CA GLN B 114 46.00 -24.66 8.32
C GLN B 114 47.51 -24.87 8.36
N GLU B 115 47.95 -26.08 8.66
CA GLU B 115 49.37 -26.37 8.71
C GLU B 115 50.02 -26.08 7.37
N SER B 116 49.42 -26.60 6.30
CA SER B 116 49.95 -26.47 4.94
C SER B 116 50.06 -25.00 4.52
N LEU B 117 49.05 -24.21 4.88
CA LEU B 117 49.04 -22.78 4.55
C LEU B 117 50.07 -22.01 5.36
N ILE B 118 50.14 -22.29 6.66
CA ILE B 118 51.17 -21.71 7.52
C ILE B 118 52.57 -21.94 6.94
N LYS B 119 52.93 -23.21 6.82
CA LYS B 119 54.21 -23.60 6.24
C LYS B 119 54.43 -22.92 4.89
N LYS B 120 53.39 -22.91 4.05
CA LYS B 120 53.50 -22.30 2.72
C LYS B 120 53.71 -20.78 2.78
N LEU B 121 53.35 -20.17 3.91
CA LEU B 121 53.31 -18.71 4.01
C LEU B 121 54.41 -18.13 4.91
N GLY B 122 54.32 -18.40 6.20
CA GLY B 122 55.31 -17.90 7.15
C GLY B 122 54.92 -18.18 8.59
N ALA B 123 55.72 -17.67 9.52
CA ALA B 123 55.42 -17.83 10.94
C ALA B 123 54.52 -16.70 11.39
N ASN B 124 54.17 -15.83 10.46
CA ASN B 124 53.24 -14.74 10.69
C ASN B 124 51.81 -15.19 10.41
N THR B 125 51.67 -16.47 10.11
CA THR B 125 50.40 -17.04 9.67
C THR B 125 49.73 -17.89 10.76
N TYR B 126 48.51 -17.52 11.13
CA TYR B 126 47.81 -18.15 12.25
C TYR B 126 46.48 -18.75 11.84
N PRO B 127 46.14 -19.91 12.44
CA PRO B 127 44.93 -20.67 12.10
C PRO B 127 43.69 -20.11 12.77
N PHE B 128 42.53 -20.34 12.17
CA PHE B 128 41.26 -20.11 12.83
C PHE B 128 40.22 -21.11 12.33
N LEU B 129 39.32 -21.49 13.23
CA LEU B 129 38.21 -22.37 12.87
C LEU B 129 36.92 -21.93 13.55
N LEU B 130 35.87 -21.74 12.76
CA LEU B 130 34.58 -21.33 13.31
C LEU B 130 33.47 -22.28 12.89
N THR B 131 32.76 -22.81 13.88
CA THR B 131 31.68 -23.73 13.64
C THR B 131 30.39 -23.02 13.25
N PHE B 132 29.57 -23.66 12.44
CA PHE B 132 28.16 -23.33 12.37
C PHE B 132 27.39 -24.18 13.38
N PRO B 133 26.32 -23.60 13.94
CA PRO B 133 25.34 -24.37 14.72
C PRO B 133 24.42 -25.06 13.72
N ASP B 134 23.39 -25.76 14.19
CA ASP B 134 22.46 -26.43 13.28
C ASP B 134 21.13 -25.71 13.02
N TYR B 135 20.92 -24.57 13.66
CA TYR B 135 19.62 -23.92 13.60
C TYR B 135 19.50 -22.79 12.56
N LEU B 136 20.56 -22.56 11.79
CA LEU B 136 20.56 -21.49 10.78
C LEU B 136 20.00 -22.00 9.47
N PRO B 137 19.47 -21.07 8.65
CA PRO B 137 19.06 -21.33 7.27
C PRO B 137 20.29 -21.46 6.38
N CYS B 138 20.08 -21.54 5.06
CA CYS B 138 21.18 -21.49 4.11
C CYS B 138 21.13 -20.17 3.33
N SER B 139 22.11 -19.93 2.46
CA SER B 139 22.13 -18.68 1.72
C SER B 139 20.86 -18.48 0.88
N VAL B 140 20.16 -17.39 1.12
CA VAL B 140 19.00 -17.03 0.33
C VAL B 140 18.89 -15.53 0.22
N MET B 141 18.63 -15.04 -0.99
CA MET B 141 18.40 -13.63 -1.19
C MET B 141 17.37 -13.44 -2.26
N LEU B 142 16.70 -12.32 -2.18
CA LEU B 142 15.64 -12.04 -3.10
C LEU B 142 15.67 -10.56 -3.38
N GLN B 143 15.66 -10.21 -4.66
CA GLN B 143 15.44 -8.85 -5.07
C GLN B 143 14.10 -8.83 -5.79
N PRO B 144 13.15 -8.05 -5.27
CA PRO B 144 11.79 -8.07 -5.83
C PRO B 144 11.75 -7.56 -7.27
N ALA B 145 10.64 -7.83 -7.94
CA ALA B 145 10.47 -7.42 -9.34
C ALA B 145 9.65 -6.14 -9.40
N PRO B 146 9.47 -5.59 -10.62
CA PRO B 146 8.68 -4.37 -10.76
C PRO B 146 7.26 -4.55 -10.21
N GLN B 147 6.64 -5.68 -10.55
CA GLN B 147 5.26 -5.99 -10.16
C GLN B 147 5.12 -6.43 -8.70
N ASP B 148 6.23 -6.78 -8.07
CA ASP B 148 6.22 -7.20 -6.68
C ASP B 148 6.05 -6.04 -5.71
N VAL B 149 5.41 -6.33 -4.58
CA VAL B 149 5.40 -5.45 -3.42
C VAL B 149 6.37 -6.09 -2.44
N GLY B 150 7.05 -5.28 -1.63
CA GLY B 150 8.06 -5.83 -0.75
C GLY B 150 9.45 -5.48 -1.23
N LYS B 151 10.43 -5.68 -0.36
CA LYS B 151 11.74 -5.10 -0.57
C LYS B 151 12.81 -6.18 -0.58
N SER B 152 13.99 -5.83 -1.09
CA SER B 152 15.11 -6.78 -1.12
C SER B 152 15.36 -7.36 0.25
N CYS B 153 15.62 -8.66 0.32
CA CYS B 153 16.06 -9.20 1.60
C CYS B 153 16.93 -10.42 1.39
N GLY B 154 17.45 -10.95 2.48
CA GLY B 154 18.32 -12.08 2.35
C GLY B 154 19.06 -12.45 3.62
N VAL B 155 19.73 -13.58 3.57
CA VAL B 155 20.53 -14.05 4.68
C VAL B 155 21.98 -14.09 4.24
N ASP B 156 22.82 -13.36 4.97
CA ASP B 156 24.25 -13.23 4.69
C ASP B 156 25.11 -13.95 5.71
N PHE B 157 26.30 -14.35 5.25
CA PHE B 157 27.29 -15.00 6.09
C PHE B 157 28.60 -14.26 5.93
N GLU B 158 29.07 -13.64 7.01
CA GLU B 158 30.28 -12.87 6.95
C GLU B 158 31.37 -13.49 7.80
N ILE B 159 32.55 -13.64 7.19
CA ILE B 159 33.77 -13.97 7.91
C ILE B 159 34.57 -12.69 8.01
N LYS B 160 34.90 -12.29 9.24
CA LYS B 160 35.57 -11.01 9.42
C LYS B 160 36.88 -11.15 10.19
N ALA B 161 37.97 -10.69 9.58
CA ALA B 161 39.27 -10.62 10.24
C ALA B 161 39.56 -9.17 10.61
N PHE B 162 39.57 -8.86 11.90
CA PHE B 162 39.75 -7.46 12.33
C PHE B 162 40.80 -7.29 13.44
N ALA B 163 41.48 -6.15 13.43
CA ALA B 163 42.58 -5.90 14.36
C ALA B 163 42.29 -4.75 15.33
N THR B 164 42.50 -5.00 16.62
CA THR B 164 42.18 -4.02 17.66
C THR B 164 43.38 -3.55 18.48
N HIS B 165 43.64 -2.24 18.45
CA HIS B 165 44.49 -1.61 19.44
C HIS B 165 43.66 -1.40 20.71
N SER B 166 44.28 -0.88 21.76
CA SER B 166 43.60 -0.80 23.05
C SER B 166 42.87 0.54 23.24
N THR B 167 43.10 1.47 22.32
CA THR B 167 42.71 2.87 22.50
C THR B 167 41.30 3.15 23.04
N ASP B 168 40.27 2.86 22.23
CA ASP B 168 38.88 3.12 22.63
C ASP B 168 38.27 2.11 23.60
N VAL B 169 38.47 0.80 23.37
CA VAL B 169 39.34 0.27 22.33
C VAL B 169 38.78 0.43 20.91
N ILE B 174 36.63 -0.15 16.28
CA ILE B 174 37.69 -0.73 15.45
C ILE B 174 37.68 -0.13 14.04
N PRO B 175 38.86 0.26 13.56
CA PRO B 175 38.98 0.88 12.23
C PRO B 175 38.70 -0.12 11.11
N LYS B 176 38.00 0.34 10.07
CA LYS B 176 37.76 -0.50 8.89
C LYS B 176 39.09 -0.86 8.24
N LYS B 177 40.07 0.04 8.36
CA LYS B 177 41.40 -0.15 7.78
C LYS B 177 42.08 -1.43 8.29
N SER B 178 41.75 -1.82 9.51
CA SER B 178 42.33 -3.00 10.13
C SER B 178 41.47 -4.24 9.88
N SER B 179 40.41 -4.10 9.08
CA SER B 179 39.47 -5.19 8.85
C SER B 179 39.46 -5.72 7.42
N VAL B 180 39.11 -7.00 7.28
CA VAL B 180 38.81 -7.62 5.99
C VAL B 180 37.57 -8.49 6.14
N ARG B 181 36.66 -8.37 5.18
CA ARG B 181 35.37 -9.01 5.27
C ARG B 181 35.09 -9.85 4.03
N LEU B 182 34.85 -11.14 4.24
CA LEU B 182 34.50 -12.06 3.16
C LEU B 182 33.03 -12.45 3.28
N LEU B 183 32.29 -12.34 2.19
CA LEU B 183 30.94 -12.87 2.18
C LEU B 183 30.95 -14.29 1.59
N ILE B 184 30.49 -15.24 2.38
CA ILE B 184 30.57 -16.64 2.01
C ILE B 184 29.19 -17.25 2.04
N ARG B 185 29.04 -18.36 1.33
CA ARG B 185 27.75 -19.01 1.19
C ARG B 185 27.63 -20.25 2.05
N LYS B 186 26.41 -20.51 2.51
CA LYS B 186 26.07 -21.75 3.19
C LYS B 186 25.11 -22.49 2.24
N VAL B 187 25.60 -23.55 1.61
CA VAL B 187 24.86 -24.18 0.52
C VAL B 187 24.21 -25.49 0.92
N GLN B 188 22.92 -25.62 0.63
CA GLN B 188 22.19 -26.83 0.98
C GLN B 188 22.50 -28.01 0.08
N HIS B 189 22.96 -29.09 0.72
CA HIS B 189 23.17 -30.38 0.06
C HIS B 189 22.35 -31.45 0.78
N ALA B 190 22.00 -32.51 0.05
CA ALA B 190 21.37 -33.66 0.68
C ALA B 190 22.38 -34.38 1.58
N PRO B 191 21.90 -35.01 2.66
CA PRO B 191 22.77 -35.81 3.54
C PRO B 191 23.10 -37.19 2.94
N ARG B 192 24.24 -37.76 3.31
CA ARG B 192 24.62 -39.09 2.84
C ARG B 192 23.82 -40.20 3.54
N ASP B 193 23.79 -41.37 2.91
CA ASP B 193 23.16 -42.55 3.52
C ASP B 193 21.69 -42.27 3.78
N MET B 194 21.09 -41.44 2.95
CA MET B 194 19.66 -41.21 2.99
C MET B 194 18.96 -42.49 2.51
N GLY B 195 17.86 -42.85 3.16
CA GLY B 195 17.14 -44.07 2.82
C GLY B 195 16.42 -44.02 1.48
N PRO B 196 15.73 -45.12 1.12
CA PRO B 196 15.07 -45.27 -0.18
C PRO B 196 13.89 -44.31 -0.31
N GLN B 197 13.76 -43.66 -1.45
CA GLN B 197 12.72 -42.64 -1.62
C GLN B 197 11.41 -43.12 -2.24
N PRO B 198 10.30 -42.82 -1.56
CA PRO B 198 8.96 -42.97 -2.14
C PRO B 198 8.72 -41.92 -3.22
N ARG B 199 7.79 -42.18 -4.14
CA ARG B 199 7.39 -41.16 -5.09
C ARG B 199 6.56 -40.09 -4.39
N ALA B 200 6.75 -38.84 -4.78
CA ALA B 200 5.81 -37.78 -4.42
C ALA B 200 4.63 -37.83 -5.39
N GLU B 201 3.42 -38.03 -4.84
CA GLU B 201 2.23 -38.18 -5.67
C GLU B 201 0.91 -37.82 -4.97
N ALA B 202 -0.13 -37.54 -5.77
CA ALA B 202 -1.43 -37.20 -5.22
C ALA B 202 -2.48 -37.41 -6.29
N SER B 203 -3.74 -37.51 -5.88
CA SER B 203 -4.83 -37.59 -6.84
C SER B 203 -6.04 -36.77 -6.39
N TRP B 204 -6.91 -36.41 -7.32
CA TRP B 204 -8.04 -35.53 -7.05
C TRP B 204 -9.19 -35.94 -7.97
N GLN B 205 -10.42 -35.92 -7.47
CA GLN B 205 -11.55 -36.00 -8.37
C GLN B 205 -12.28 -34.66 -8.42
N PHE B 206 -12.30 -34.05 -9.59
CA PHE B 206 -13.14 -32.89 -9.85
C PHE B 206 -14.45 -33.34 -10.47
N PHE B 207 -15.52 -33.25 -9.70
CA PHE B 207 -16.83 -33.60 -10.23
C PHE B 207 -17.45 -32.52 -11.08
N MET B 208 -17.86 -32.93 -12.27
CA MET B 208 -18.55 -32.03 -13.19
C MET B 208 -19.92 -32.63 -13.51
N SER B 209 -20.96 -31.93 -13.07
CA SER B 209 -22.33 -32.43 -13.16
C SER B 209 -22.44 -33.79 -12.48
N ASP B 210 -21.73 -33.96 -11.37
CA ASP B 210 -21.83 -35.19 -10.60
C ASP B 210 -21.06 -36.38 -11.16
N LYS B 211 -20.34 -36.19 -12.26
CA LYS B 211 -19.43 -37.25 -12.71
C LYS B 211 -17.95 -36.83 -12.66
N PRO B 212 -17.07 -37.77 -12.27
CA PRO B 212 -15.68 -37.42 -11.95
C PRO B 212 -14.75 -37.17 -13.14
N LEU B 213 -13.90 -36.16 -12.98
CA LEU B 213 -12.69 -35.99 -13.77
C LEU B 213 -11.52 -36.18 -12.80
N ARG B 214 -10.79 -37.28 -12.96
CA ARG B 214 -9.78 -37.64 -11.97
C ARG B 214 -8.37 -37.28 -12.46
N LEU B 215 -7.65 -36.54 -11.62
CA LEU B 215 -6.29 -36.10 -11.92
C LEU B 215 -5.30 -36.70 -10.93
N ALA B 216 -4.32 -37.42 -11.43
CA ALA B 216 -3.27 -37.94 -10.56
C ALA B 216 -1.92 -37.41 -11.04
N VAL B 217 -1.10 -36.95 -10.11
CA VAL B 217 0.23 -36.48 -10.47
C VAL B 217 1.25 -37.26 -9.65
N SER B 218 2.33 -37.66 -10.31
CA SER B 218 3.31 -38.51 -9.66
C SER B 218 4.74 -38.12 -10.05
N LEU B 219 5.64 -38.09 -9.07
CA LEU B 219 7.06 -37.83 -9.33
C LEU B 219 7.88 -39.06 -8.96
N SER B 220 9.00 -39.26 -9.62
CA SER B 220 9.82 -40.44 -9.39
C SER B 220 10.34 -40.52 -7.96
N LYS B 221 10.49 -39.37 -7.30
CA LYS B 221 10.96 -39.34 -5.92
C LYS B 221 10.67 -37.99 -5.27
N GLU B 222 10.98 -37.86 -3.98
CA GLU B 222 10.75 -36.62 -3.22
C GLU B 222 11.84 -35.54 -3.30
N ILE B 223 13.09 -35.95 -3.44
CA ILE B 223 14.19 -35.00 -3.44
C ILE B 223 14.95 -35.01 -4.75
N TYR B 224 15.10 -33.83 -5.34
CA TYR B 224 15.84 -33.69 -6.60
C TYR B 224 17.00 -32.74 -6.39
N TYR B 225 17.94 -32.81 -7.32
CA TYR B 225 19.12 -31.98 -7.27
C TYR B 225 19.01 -30.87 -8.31
N HIS B 226 19.62 -29.74 -8.00
CA HIS B 226 19.76 -28.70 -9.01
C HIS B 226 20.41 -29.32 -10.24
N GLY B 227 19.77 -29.11 -11.38
CA GLY B 227 20.28 -29.57 -12.65
C GLY B 227 19.62 -30.88 -13.04
N GLU B 228 19.11 -31.60 -12.04
CA GLU B 228 18.50 -32.90 -12.25
C GLU B 228 17.11 -32.81 -12.87
N PRO B 229 16.89 -33.57 -13.95
CA PRO B 229 15.57 -33.51 -14.58
C PRO B 229 14.54 -34.21 -13.71
N ILE B 230 13.36 -33.61 -13.62
CA ILE B 230 12.27 -34.16 -12.84
C ILE B 230 11.22 -34.75 -13.76
N PRO B 231 11.15 -36.10 -13.80
CA PRO B 231 10.11 -36.76 -14.58
C PRO B 231 8.80 -36.69 -13.82
N VAL B 232 7.77 -36.23 -14.52
CA VAL B 232 6.45 -36.03 -13.97
C VAL B 232 5.49 -36.90 -14.77
N THR B 233 4.63 -37.62 -14.07
CA THR B 233 3.58 -38.36 -14.76
C THR B 233 2.21 -37.88 -14.36
N VAL B 234 1.45 -37.48 -15.36
CA VAL B 234 0.09 -36.97 -15.21
C VAL B 234 -0.91 -38.00 -15.75
N ALA B 235 -1.89 -38.36 -14.92
CA ALA B 235 -2.97 -39.23 -15.36
C ALA B 235 -4.33 -38.57 -15.24
N VAL B 236 -4.95 -38.26 -16.37
CA VAL B 236 -6.33 -37.78 -16.42
C VAL B 236 -7.33 -38.88 -16.80
N THR B 237 -8.32 -39.11 -15.96
CA THR B 237 -9.38 -40.06 -16.28
C THR B 237 -10.68 -39.29 -16.39
N ASN B 238 -11.22 -39.24 -17.60
CA ASN B 238 -12.38 -38.39 -17.85
C ASN B 238 -13.68 -39.19 -17.96
N SER B 239 -14.49 -39.10 -16.91
CA SER B 239 -15.83 -39.67 -16.89
C SER B 239 -16.94 -38.64 -17.12
N THR B 240 -16.53 -37.42 -17.45
CA THR B 240 -17.49 -36.33 -17.60
C THR B 240 -17.94 -36.19 -19.05
N GLU B 241 -18.88 -35.28 -19.28
CA GLU B 241 -19.34 -34.96 -20.64
C GLU B 241 -18.41 -33.97 -21.31
N LYS B 242 -17.47 -33.44 -20.55
CA LYS B 242 -16.55 -32.44 -21.07
C LYS B 242 -15.25 -33.07 -21.57
N THR B 243 -14.38 -32.21 -22.12
CA THR B 243 -13.14 -32.64 -22.75
C THR B 243 -11.96 -31.77 -22.28
N VAL B 244 -10.82 -32.40 -22.01
CA VAL B 244 -9.62 -31.66 -21.62
C VAL B 244 -8.86 -31.29 -22.87
N LYS B 245 -8.74 -29.97 -23.14
CA LYS B 245 -8.04 -29.50 -24.33
C LYS B 245 -6.60 -29.08 -24.09
N LYS B 246 -6.21 -28.89 -22.85
CA LYS B 246 -4.90 -28.31 -22.61
C LYS B 246 -4.33 -28.79 -21.29
N ILE B 247 -3.04 -29.11 -21.29
CA ILE B 247 -2.39 -29.50 -20.04
C ILE B 247 -1.12 -28.69 -19.83
N LYS B 248 -1.00 -28.12 -18.63
CA LYS B 248 0.12 -27.25 -18.30
C LYS B 248 0.81 -27.80 -17.06
N VAL B 249 2.14 -27.85 -17.11
CA VAL B 249 2.94 -28.40 -16.02
C VAL B 249 4.10 -27.45 -15.73
N LEU B 250 4.19 -27.05 -14.46
CA LEU B 250 5.12 -26.01 -14.02
C LEU B 250 5.95 -26.49 -12.83
N VAL B 251 7.20 -26.07 -12.75
CA VAL B 251 7.86 -26.02 -11.44
C VAL B 251 7.68 -24.61 -10.94
N GLU B 252 6.94 -24.51 -9.85
CA GLU B 252 6.76 -23.26 -9.09
C GLU B 252 7.57 -23.21 -7.81
N GLN B 253 8.32 -22.13 -7.67
CA GLN B 253 8.99 -21.82 -6.42
C GLN B 253 8.06 -20.95 -5.56
N VAL B 254 7.93 -21.31 -4.29
CA VAL B 254 7.17 -20.50 -3.33
C VAL B 254 8.07 -19.93 -2.22
N THR B 255 7.96 -18.63 -2.02
CA THR B 255 8.81 -17.90 -1.06
C THR B 255 8.00 -17.16 -0.02
N ASN B 256 8.30 -17.44 1.25
CA ASN B 256 7.64 -16.75 2.35
C ASN B 256 8.63 -16.00 3.20
N VAL B 257 8.60 -14.67 3.17
CA VAL B 257 9.46 -13.93 4.10
C VAL B 257 8.75 -13.92 5.44
N VAL B 258 9.39 -14.58 6.41
CA VAL B 258 8.88 -14.81 7.77
C VAL B 258 9.47 -13.88 8.84
N LEU B 259 10.24 -12.89 8.43
CA LEU B 259 10.80 -11.95 9.37
C LEU B 259 10.54 -10.53 8.96
N TYR B 260 9.94 -9.76 9.86
CA TYR B 260 9.73 -8.33 9.68
C TYR B 260 8.73 -7.94 8.57
N SER B 261 8.45 -8.85 7.65
CA SER B 261 7.46 -8.59 6.60
C SER B 261 6.89 -9.91 6.11
N SER B 262 5.61 -9.95 5.85
CA SER B 262 4.94 -11.21 5.51
C SER B 262 4.99 -11.56 4.02
N ASP B 263 5.89 -10.90 3.28
CA ASP B 263 5.94 -11.02 1.81
C ASP B 263 5.86 -12.46 1.27
N TYR B 264 5.10 -12.61 0.20
CA TYR B 264 4.86 -13.89 -0.46
C TYR B 264 5.26 -13.83 -1.93
N TYR B 265 5.93 -14.86 -2.43
CA TYR B 265 6.19 -14.95 -3.86
C TYR B 265 5.90 -16.36 -4.36
N ILE B 266 5.27 -16.46 -5.52
CA ILE B 266 5.15 -17.74 -6.20
C ILE B 266 5.54 -17.53 -7.65
N LYS B 267 6.55 -18.25 -8.09
CA LYS B 267 7.07 -18.02 -9.42
C LYS B 267 7.23 -19.31 -10.22
N THR B 268 7.08 -19.21 -11.54
CA THR B 268 7.28 -20.37 -12.40
C THR B 268 8.73 -20.41 -12.80
N VAL B 269 9.47 -21.40 -12.30
CA VAL B 269 10.84 -21.60 -12.76
C VAL B 269 10.98 -22.71 -13.79
N ALA B 270 9.89 -23.44 -14.08
CA ALA B 270 9.88 -24.26 -15.31
C ALA B 270 8.48 -24.52 -15.83
N ALA B 271 8.38 -24.74 -17.14
CA ALA B 271 7.07 -24.97 -17.73
C ALA B 271 7.07 -25.77 -19.03
N GLU B 272 6.07 -26.63 -19.18
CA GLU B 272 5.75 -27.24 -20.46
C GLU B 272 4.23 -27.31 -20.56
N GLU B 273 3.68 -26.79 -21.67
CA GLU B 273 2.24 -26.90 -21.91
C GLU B 273 1.95 -27.55 -23.28
N ALA B 274 0.80 -28.20 -23.41
CA ALA B 274 0.38 -28.74 -24.71
C ALA B 274 -1.12 -28.73 -24.91
N GLN B 275 -1.55 -28.46 -26.14
CA GLN B 275 -2.91 -28.80 -26.54
C GLN B 275 -3.01 -30.33 -26.47
N GLU B 276 -4.09 -30.82 -25.88
CA GLU B 276 -4.28 -32.24 -25.64
C GLU B 276 -5.76 -32.55 -25.81
N LYS B 277 -6.10 -33.82 -26.01
CA LYS B 277 -7.50 -34.17 -26.10
C LYS B 277 -7.81 -35.33 -25.16
N VAL B 278 -8.59 -35.06 -24.12
CA VAL B 278 -9.07 -36.12 -23.27
C VAL B 278 -10.58 -35.99 -23.20
N PRO B 279 -11.26 -36.73 -24.09
CA PRO B 279 -12.72 -36.69 -24.20
C PRO B 279 -13.41 -37.62 -23.22
N PRO B 280 -14.74 -37.58 -23.19
CA PRO B 280 -15.47 -38.46 -22.28
C PRO B 280 -15.02 -39.91 -22.42
N ASN B 281 -15.04 -40.65 -21.30
CA ASN B 281 -14.73 -42.07 -21.30
C ASN B 281 -13.34 -42.42 -21.81
N SER B 282 -12.39 -41.56 -21.48
CA SER B 282 -11.02 -41.80 -21.88
C SER B 282 -10.08 -41.48 -20.71
N SER B 283 -8.88 -42.04 -20.76
CA SER B 283 -7.89 -41.76 -19.75
C SER B 283 -6.53 -41.62 -20.41
N LEU B 284 -5.90 -40.46 -20.18
CA LEU B 284 -4.60 -40.17 -20.76
C LEU B 284 -3.54 -40.16 -19.67
N THR B 285 -2.37 -40.69 -19.98
CA THR B 285 -1.26 -40.67 -19.06
C THR B 285 -0.04 -40.20 -19.82
N LYS B 286 0.52 -39.09 -19.38
CA LYS B 286 1.68 -38.50 -20.03
C LYS B 286 2.84 -38.44 -19.04
N THR B 287 4.05 -38.58 -19.54
CA THR B 287 5.22 -38.37 -18.69
C THR B 287 6.13 -37.38 -19.39
N LEU B 288 6.54 -36.34 -18.66
CA LEU B 288 7.47 -35.39 -19.23
C LEU B 288 8.58 -35.08 -18.24
N THR B 289 9.44 -34.15 -18.63
CA THR B 289 10.59 -33.85 -17.81
C THR B 289 10.83 -32.36 -17.73
N LEU B 290 10.94 -31.85 -16.50
CA LEU B 290 11.19 -30.42 -16.28
C LEU B 290 12.51 -30.22 -15.53
N VAL B 291 13.31 -29.24 -15.94
CA VAL B 291 14.50 -28.89 -15.13
C VAL B 291 14.40 -27.47 -14.58
N PRO B 292 14.11 -27.33 -13.27
CA PRO B 292 14.07 -25.95 -12.75
C PRO B 292 15.45 -25.31 -12.70
N LEU B 293 15.58 -24.12 -13.28
CA LEU B 293 16.88 -23.47 -13.40
C LEU B 293 16.83 -21.95 -13.52
N LEU B 294 17.91 -21.33 -13.08
CA LEU B 294 18.01 -19.89 -13.14
C LEU B 294 18.29 -19.46 -14.57
N ALA B 295 19.10 -20.24 -15.28
CA ALA B 295 19.34 -20.01 -16.70
C ALA B 295 18.04 -20.03 -17.53
N ASN B 296 17.02 -20.71 -17.01
CA ASN B 296 15.75 -20.85 -17.74
C ASN B 296 15.02 -19.54 -17.98
N ASN B 297 15.25 -18.56 -17.13
CA ASN B 297 14.50 -17.32 -17.17
C ASN B 297 15.44 -16.12 -17.27
N ARG B 298 15.05 -15.11 -18.06
CA ARG B 298 15.85 -13.90 -18.18
C ARG B 298 15.51 -12.93 -17.03
N GLU B 299 14.42 -13.20 -16.34
CA GLU B 299 14.10 -12.45 -15.15
C GLU B 299 14.63 -13.20 -13.94
N ARG B 300 15.63 -12.62 -13.29
CA ARG B 300 16.17 -13.18 -12.06
C ARG B 300 15.52 -12.50 -10.84
N ARG B 301 14.69 -11.49 -11.12
CA ARG B 301 14.01 -10.75 -10.05
C ARG B 301 12.71 -11.41 -9.60
N GLY B 302 12.51 -11.43 -8.29
CA GLY B 302 11.28 -11.94 -7.71
C GLY B 302 11.33 -13.42 -7.36
N ILE B 303 12.52 -14.00 -7.42
CA ILE B 303 12.70 -15.40 -7.10
C ILE B 303 13.86 -15.54 -6.11
N ALA B 304 13.76 -16.52 -5.20
CA ALA B 304 14.81 -16.75 -4.21
C ALA B 304 16.08 -17.34 -4.82
N LEU B 305 17.21 -16.70 -4.56
CA LEU B 305 18.49 -17.24 -5.02
C LEU B 305 19.43 -17.50 -3.84
N ASP B 306 20.56 -18.14 -4.14
CA ASP B 306 21.52 -18.47 -3.09
C ASP B 306 22.60 -17.42 -3.05
N GLY B 307 22.43 -16.38 -3.85
CA GLY B 307 23.47 -15.40 -4.07
C GLY B 307 22.98 -14.24 -4.93
N LYS B 308 23.87 -13.28 -5.17
CA LYS B 308 23.53 -12.07 -5.89
C LYS B 308 23.25 -12.37 -7.36
N ILE B 309 22.32 -11.63 -7.95
CA ILE B 309 21.97 -11.81 -9.35
C ILE B 309 23.17 -11.73 -10.27
N LYS B 310 23.97 -10.68 -10.14
CA LYS B 310 25.07 -10.41 -11.06
C LYS B 310 26.12 -11.53 -11.09
N HIS B 311 26.06 -12.45 -10.12
CA HIS B 311 27.07 -13.51 -9.99
C HIS B 311 26.82 -14.76 -10.84
N GLU B 312 27.90 -15.25 -11.46
CA GLU B 312 27.80 -16.40 -12.35
C GLU B 312 27.50 -17.68 -11.58
N ASP B 313 27.97 -17.76 -10.34
CA ASP B 313 27.86 -18.99 -9.57
C ASP B 313 26.54 -19.07 -8.80
N THR B 314 25.67 -18.09 -9.02
CA THR B 314 24.39 -18.03 -8.30
C THR B 314 23.34 -18.98 -8.87
N ASN B 315 22.70 -19.73 -7.98
CA ASN B 315 21.66 -20.67 -8.35
C ASN B 315 20.34 -20.35 -7.68
N LEU B 316 19.29 -21.08 -8.05
CA LEU B 316 18.05 -21.01 -7.30
C LEU B 316 18.32 -21.47 -5.87
N ALA B 317 17.67 -20.82 -4.92
CA ALA B 317 17.76 -21.23 -3.52
C ALA B 317 17.25 -22.67 -3.39
N SER B 318 17.89 -23.45 -2.54
CA SER B 318 17.41 -24.79 -2.22
C SER B 318 16.18 -24.77 -1.33
N SER B 319 15.44 -25.87 -1.35
CA SER B 319 14.34 -26.04 -0.41
C SER B 319 14.84 -25.81 1.02
N THR B 320 14.07 -25.05 1.78
CA THR B 320 14.33 -24.86 3.21
C THR B 320 14.07 -26.13 4.03
N ILE B 321 15.03 -26.51 4.87
CA ILE B 321 14.91 -27.71 5.69
C ILE B 321 14.88 -27.32 7.16
N ILE B 322 13.74 -27.53 7.81
CA ILE B 322 13.54 -27.00 9.14
C ILE B 322 13.72 -28.09 10.17
N LYS B 323 14.68 -27.90 11.09
CA LYS B 323 14.92 -28.91 12.10
C LYS B 323 13.81 -28.92 13.14
N GLU B 324 13.51 -30.10 13.65
CA GLU B 324 12.46 -30.27 14.65
C GLU B 324 12.66 -29.37 15.86
N GLY B 325 11.59 -28.69 16.27
CA GLY B 325 11.61 -27.85 17.45
C GLY B 325 11.83 -26.38 17.16
N ILE B 326 12.28 -26.09 15.95
CA ILE B 326 12.74 -24.76 15.60
C ILE B 326 11.63 -23.87 15.06
N ASP B 327 11.42 -22.73 15.70
CA ASP B 327 10.54 -21.70 15.15
C ASP B 327 11.01 -21.35 13.72
N LYS B 328 10.11 -21.43 12.76
CA LYS B 328 10.49 -21.26 11.37
C LYS B 328 10.90 -19.82 11.07
N THR B 329 10.44 -18.88 11.89
CA THR B 329 10.78 -17.48 11.67
C THR B 329 12.31 -17.34 11.67
N VAL B 330 12.96 -18.18 12.44
CA VAL B 330 14.41 -18.14 12.54
C VAL B 330 15.13 -18.36 11.20
N MET B 331 14.45 -18.96 10.22
CA MET B 331 15.04 -19.18 8.89
C MET B 331 15.08 -17.88 8.07
N GLY B 332 14.07 -17.06 8.31
CA GLY B 332 13.91 -15.70 7.81
C GLY B 332 13.28 -15.62 6.43
N ILE B 333 13.65 -16.56 5.57
CA ILE B 333 13.02 -16.72 4.26
C ILE B 333 12.79 -18.20 4.00
N LEU B 334 11.54 -18.60 3.92
CA LEU B 334 11.23 -19.98 3.57
C LEU B 334 11.16 -20.09 2.06
N VAL B 335 11.80 -21.15 1.56
CA VAL B 335 11.78 -21.49 0.13
C VAL B 335 11.27 -22.92 -0.05
N SER B 336 10.23 -23.06 -0.86
CA SER B 336 9.67 -24.38 -1.13
C SER B 336 9.43 -24.57 -2.64
N TYR B 337 9.27 -25.82 -3.08
CA TYR B 337 9.08 -26.10 -4.51
C TYR B 337 7.92 -27.05 -4.75
N GLN B 338 7.17 -26.78 -5.82
CA GLN B 338 6.06 -27.65 -6.16
C GLN B 338 5.93 -27.81 -7.67
N ILE B 339 5.38 -28.95 -8.07
CA ILE B 339 4.89 -29.16 -9.43
C ILE B 339 3.44 -28.72 -9.49
N LYS B 340 3.13 -27.73 -10.34
CA LYS B 340 1.74 -27.29 -10.57
C LYS B 340 1.22 -27.89 -11.87
N VAL B 341 0.03 -28.49 -11.80
CA VAL B 341 -0.66 -28.95 -13.00
C VAL B 341 -2.01 -28.24 -13.21
N LYS B 342 -2.19 -27.69 -14.41
CA LYS B 342 -3.43 -27.05 -14.80
C LYS B 342 -4.05 -27.74 -16.01
N LEU B 343 -5.28 -28.21 -15.85
CA LEU B 343 -6.07 -28.73 -16.97
C LEU B 343 -7.05 -27.67 -17.46
N THR B 344 -7.12 -27.49 -18.78
CA THR B 344 -8.17 -26.69 -19.41
C THR B 344 -9.30 -27.59 -19.90
N VAL B 345 -10.52 -27.26 -19.47
CA VAL B 345 -11.68 -28.15 -19.59
C VAL B 345 -12.85 -27.46 -20.32
N SER B 346 -13.49 -28.16 -21.24
CA SER B 346 -14.59 -27.58 -22.02
C SER B 346 -15.51 -28.60 -22.67
N GLY B 347 -16.70 -28.15 -23.04
CA GLY B 347 -17.60 -28.92 -23.90
C GLY B 347 -18.74 -28.04 -24.37
N LEU B 348 -19.39 -28.40 -25.48
CA LEU B 348 -20.54 -27.66 -25.96
C LEU B 348 -21.70 -28.62 -26.22
N THR B 353 -17.61 -20.91 -21.87
CA THR B 353 -16.16 -20.77 -21.89
C THR B 353 -15.44 -21.91 -21.14
N SER B 354 -14.14 -22.03 -21.36
CA SER B 354 -13.34 -23.06 -20.72
C SER B 354 -13.18 -22.78 -19.23
N SER B 355 -13.05 -23.86 -18.45
CA SER B 355 -12.74 -23.75 -17.03
C SER B 355 -11.37 -24.40 -16.81
N GLU B 356 -10.54 -23.84 -15.93
CA GLU B 356 -9.22 -24.41 -15.67
C GLU B 356 -9.14 -24.89 -14.20
N VAL B 357 -8.67 -26.11 -14.01
CA VAL B 357 -8.41 -26.60 -12.66
C VAL B 357 -6.91 -26.76 -12.44
N ALA B 358 -6.47 -26.63 -11.19
CA ALA B 358 -5.06 -26.79 -10.86
C ALA B 358 -4.85 -27.51 -9.53
N THR B 359 -3.70 -28.17 -9.44
CA THR B 359 -3.25 -28.84 -8.21
C THR B 359 -1.74 -28.78 -8.14
N GLU B 360 -1.21 -29.10 -6.97
CA GLU B 360 0.25 -29.10 -6.78
C GLU B 360 0.71 -30.37 -6.07
N VAL B 361 1.90 -30.80 -6.44
CA VAL B 361 2.62 -31.82 -5.68
C VAL B 361 3.95 -31.27 -5.19
N PRO B 362 4.12 -31.18 -3.86
CA PRO B 362 5.35 -30.55 -3.39
C PRO B 362 6.56 -31.50 -3.49
N PHE B 363 7.74 -30.96 -3.76
CA PHE B 363 8.96 -31.76 -3.70
C PHE B 363 10.10 -30.90 -3.19
N ARG B 364 11.21 -31.53 -2.80
CA ARG B 364 12.38 -30.79 -2.28
C ARG B 364 13.51 -30.70 -3.30
N LEU B 365 14.21 -29.57 -3.28
CA LEU B 365 15.29 -29.28 -4.25
C LEU B 365 16.56 -28.86 -3.57
N MET B 366 17.65 -29.60 -3.76
CA MET B 366 18.93 -29.18 -3.17
C MET B 366 20.12 -29.64 -3.98
N HIS B 367 21.29 -29.48 -3.40
CA HIS B 367 22.51 -29.95 -4.05
C HIS B 367 22.83 -31.38 -3.67
N PRO B 368 23.57 -32.08 -4.54
CA PRO B 368 23.87 -33.51 -4.42
C PRO B 368 24.51 -33.85 -3.08
N GLN B 369 24.23 -35.03 -2.53
CA GLN B 369 24.92 -35.45 -1.32
C GLN B 369 26.42 -35.37 -1.57
N PRO B 370 27.18 -35.00 -0.52
CA PRO B 370 28.62 -34.75 -0.65
C PRO B 370 29.46 -36.01 -0.89
N GLU B 371 30.76 -35.83 -1.06
CA GLU B 371 31.66 -36.93 -1.37
C GLU B 371 32.06 -37.64 -0.07
N ASP B 372 31.81 -38.95 -0.01
CA ASP B 372 31.90 -39.70 1.24
C ASP B 372 33.29 -40.21 1.58
N VAL B 386 47.29 -22.70 -4.06
CA VAL B 386 47.51 -21.55 -4.93
C VAL B 386 46.45 -20.46 -4.71
N PHE B 387 46.82 -19.21 -4.98
CA PHE B 387 46.08 -18.06 -4.45
C PHE B 387 45.38 -17.17 -5.48
N GLU B 388 44.06 -17.05 -5.33
CA GLU B 388 43.26 -16.09 -6.10
C GLU B 388 42.57 -15.12 -5.15
N GLU B 389 42.25 -13.93 -5.64
CA GLU B 389 41.51 -12.97 -4.83
C GLU B 389 40.10 -13.51 -4.61
N PHE B 390 39.55 -13.28 -3.41
CA PHE B 390 38.18 -13.68 -3.14
C PHE B 390 37.25 -12.70 -3.82
N ALA B 391 36.38 -13.23 -4.67
CA ALA B 391 35.36 -12.44 -5.35
C ALA B 391 34.61 -13.39 -6.25
N ARG B 392 33.41 -13.00 -6.67
CA ARG B 392 32.61 -13.85 -7.51
C ARG B 392 32.69 -13.37 -8.95
N GLN B 393 32.66 -14.31 -9.90
CA GLN B 393 32.68 -13.95 -11.31
C GLN B 393 31.34 -13.33 -11.69
N ASN B 394 31.39 -12.14 -12.29
CA ASN B 394 30.18 -11.48 -12.77
C ASN B 394 29.62 -12.14 -14.03
N LEU B 395 28.52 -11.60 -14.53
CA LEU B 395 27.76 -12.29 -15.59
C LEU B 395 27.95 -11.66 -16.98
N ASN C 19 27.12 49.08 -8.83
CA ASN C 19 28.58 48.95 -8.99
C ASN C 19 29.01 47.51 -9.29
N HIS C 20 29.56 47.29 -10.50
CA HIS C 20 29.66 45.95 -11.09
C HIS C 20 31.10 45.54 -11.48
N VAL C 21 31.59 44.45 -10.89
CA VAL C 21 32.94 43.93 -11.15
C VAL C 21 32.99 43.08 -12.41
N ILE C 22 33.89 43.44 -13.31
CA ILE C 22 34.04 42.78 -14.60
C ILE C 22 35.40 42.10 -14.65
N PHE C 23 35.40 40.80 -14.97
CA PHE C 23 36.64 40.04 -15.04
C PHE C 23 37.24 40.07 -16.42
N LYS C 24 38.55 40.30 -16.48
CA LYS C 24 39.21 40.56 -17.74
C LYS C 24 40.52 39.78 -17.87
N LYS C 25 40.86 39.41 -19.10
CA LYS C 25 42.15 38.78 -19.39
C LYS C 25 42.61 39.09 -20.81
N ILE C 26 43.90 39.35 -21.00
CA ILE C 26 44.42 39.78 -22.29
C ILE C 26 45.44 38.78 -22.84
N SER C 27 45.44 38.58 -24.16
CA SER C 27 46.36 37.62 -24.79
C SER C 27 47.80 38.15 -24.75
N ARG C 28 48.76 37.23 -24.69
CA ARG C 28 50.18 37.60 -24.59
C ARG C 28 50.58 38.64 -25.64
N ASP C 29 50.00 38.55 -26.82
CA ASP C 29 50.34 39.51 -27.88
C ASP C 29 49.49 40.78 -27.81
N LYS C 30 48.60 40.85 -26.84
CA LYS C 30 47.82 42.04 -26.55
C LYS C 30 46.72 42.30 -27.56
N SER C 31 46.66 41.47 -28.60
CA SER C 31 45.72 41.71 -29.70
C SER C 31 44.28 41.44 -29.29
N VAL C 32 44.11 40.65 -28.24
CA VAL C 32 42.79 40.15 -27.90
C VAL C 32 42.52 40.20 -26.40
N THR C 33 41.43 40.85 -26.03
CA THR C 33 41.12 40.97 -24.62
C THR C 33 39.70 40.55 -24.36
N ILE C 34 39.53 39.72 -23.34
CA ILE C 34 38.23 39.18 -23.05
C ILE C 34 37.70 39.73 -21.71
N TYR C 35 36.41 40.07 -21.72
CA TYR C 35 35.72 40.55 -20.55
C TYR C 35 34.47 39.71 -20.35
N LEU C 36 34.34 39.21 -19.12
CA LEU C 36 33.15 38.49 -18.67
C LEU C 36 32.57 39.24 -17.47
N GLY C 37 31.27 39.09 -17.26
CA GLY C 37 30.62 39.72 -16.12
C GLY C 37 30.60 38.87 -14.85
N LYS C 38 31.05 37.61 -14.97
CA LYS C 38 31.08 36.66 -13.85
C LYS C 38 32.25 35.68 -14.03
N ARG C 39 32.75 35.13 -12.92
CA ARG C 39 33.54 33.90 -12.99
C ARG C 39 32.63 32.69 -13.02
N ASP C 40 31.54 32.79 -12.28
CA ASP C 40 30.68 31.65 -11.95
C ASP C 40 29.29 31.82 -12.59
N TYR C 41 28.81 30.78 -13.27
CA TYR C 41 27.53 30.84 -13.97
C TYR C 41 26.53 29.85 -13.42
N ILE C 42 25.26 30.27 -13.39
CA ILE C 42 24.26 29.59 -12.59
C ILE C 42 23.42 28.54 -13.30
N ASP C 43 23.34 27.37 -12.66
CA ASP C 43 22.48 26.30 -13.08
C ASP C 43 21.42 26.18 -11.99
N HIS C 44 20.21 26.64 -12.29
CA HIS C 44 19.06 26.42 -11.40
C HIS C 44 18.14 25.25 -11.78
N VAL C 45 18.60 24.48 -12.75
CA VAL C 45 17.97 23.26 -13.24
C VAL C 45 16.81 23.52 -14.21
N GLU C 46 16.16 24.67 -14.11
CA GLU C 46 15.12 24.99 -15.07
C GLU C 46 15.84 25.44 -16.32
N ARG C 47 16.89 26.21 -16.09
CA ARG C 47 17.76 26.68 -17.14
C ARG C 47 19.13 26.99 -16.54
N VAL C 48 20.12 27.23 -17.38
CA VAL C 48 21.39 27.78 -16.90
C VAL C 48 21.78 29.07 -17.62
N GLU C 49 22.36 30.00 -16.88
CA GLU C 49 22.81 31.29 -17.42
C GLU C 49 23.73 31.10 -18.61
N PRO C 50 23.55 31.91 -19.65
CA PRO C 50 24.48 31.96 -20.78
C PRO C 50 25.72 32.71 -20.36
N VAL C 51 26.82 32.58 -21.11
CA VAL C 51 28.00 33.39 -20.88
C VAL C 51 28.00 34.49 -21.90
N ASP C 52 27.69 35.70 -21.44
CA ASP C 52 27.72 36.87 -22.30
C ASP C 52 28.90 37.73 -21.91
N GLY C 53 29.66 38.16 -22.91
CA GLY C 53 30.83 38.96 -22.65
C GLY C 53 31.20 39.75 -23.88
N VAL C 54 32.33 40.43 -23.78
CA VAL C 54 32.82 41.16 -24.92
C VAL C 54 34.28 40.87 -25.13
N VAL C 55 34.69 41.05 -26.39
CA VAL C 55 36.08 40.94 -26.77
C VAL C 55 36.52 42.27 -27.34
N LEU C 56 37.56 42.83 -26.76
CA LEU C 56 38.14 44.07 -27.25
C LEU C 56 39.40 43.73 -28.06
N VAL C 57 39.43 44.21 -29.30
CA VAL C 57 40.51 43.88 -30.21
C VAL C 57 41.38 45.10 -30.46
N ASP C 58 42.68 44.88 -30.66
CA ASP C 58 43.52 45.94 -31.23
C ASP C 58 43.39 45.82 -32.75
N PRO C 59 42.70 46.79 -33.36
CA PRO C 59 42.31 46.68 -34.78
C PRO C 59 43.50 46.46 -35.70
N GLU C 60 44.67 47.00 -35.31
CA GLU C 60 45.89 46.83 -36.08
C GLU C 60 46.37 45.37 -36.06
N LEU C 61 46.29 44.73 -34.90
CA LEU C 61 46.78 43.35 -34.74
C LEU C 61 45.82 42.25 -35.25
N VAL C 62 44.54 42.59 -35.39
CA VAL C 62 43.57 41.64 -35.93
C VAL C 62 43.28 41.87 -37.40
N LYS C 63 43.98 42.83 -38.00
CA LYS C 63 43.79 43.09 -39.42
C LYS C 63 44.00 41.80 -40.21
N GLY C 64 43.00 41.43 -41.00
CA GLY C 64 43.07 40.25 -41.83
C GLY C 64 42.76 38.96 -41.10
N LYS C 65 42.66 39.02 -39.77
CA LYS C 65 42.43 37.81 -38.98
C LYS C 65 40.96 37.66 -38.63
N ARG C 66 40.62 36.54 -38.01
CA ARG C 66 39.26 36.29 -37.53
C ARG C 66 39.33 35.87 -36.09
N VAL C 67 38.39 36.33 -35.27
CA VAL C 67 38.42 36.02 -33.85
C VAL C 67 37.16 35.30 -33.43
N TYR C 68 37.35 34.20 -32.71
CA TYR C 68 36.25 33.39 -32.22
C TYR C 68 36.32 33.23 -30.70
N VAL C 69 35.20 32.85 -30.10
CA VAL C 69 35.13 32.47 -28.69
C VAL C 69 34.41 31.12 -28.57
N SER C 70 35.07 30.15 -27.95
CA SER C 70 34.49 28.84 -27.74
C SER C 70 34.21 28.58 -26.28
N LEU C 71 33.19 27.76 -26.04
CA LEU C 71 32.88 27.23 -24.71
C LEU C 71 32.94 25.70 -24.77
N THR C 72 33.78 25.12 -23.92
CA THR C 72 33.96 23.68 -23.95
C THR C 72 33.81 23.10 -22.55
N CYS C 73 33.09 21.99 -22.48
CA CYS C 73 32.99 21.22 -21.24
C CYS C 73 33.70 19.88 -21.42
N ALA C 74 34.63 19.57 -20.53
CA ALA C 74 35.35 18.31 -20.68
C ALA C 74 35.60 17.62 -19.35
N PHE C 75 35.59 16.30 -19.39
CA PHE C 75 35.98 15.52 -18.24
C PHE C 75 37.39 15.02 -18.46
N ARG C 76 38.19 15.07 -17.41
CA ARG C 76 39.59 14.71 -17.54
C ARG C 76 40.00 13.87 -16.34
N TYR C 77 40.84 12.86 -16.63
CA TYR C 77 41.31 11.94 -15.61
C TYR C 77 42.81 11.72 -15.78
N GLY C 78 43.53 11.73 -14.67
CA GLY C 78 44.99 11.75 -14.69
C GLY C 78 45.47 13.17 -14.51
N GLN C 79 46.75 13.41 -14.77
CA GLN C 79 47.27 14.77 -14.64
C GLN C 79 47.16 15.53 -15.96
N LEU C 87 48.25 13.73 -19.54
CA LEU C 87 46.85 13.36 -19.32
C LEU C 87 46.63 11.90 -19.72
N SER C 88 45.98 11.14 -18.86
CA SER C 88 45.60 9.76 -19.18
C SER C 88 44.32 9.73 -20.01
N PHE C 89 43.37 10.61 -19.68
CA PHE C 89 42.07 10.52 -20.31
C PHE C 89 41.31 11.84 -20.44
N ARG C 90 40.62 11.99 -21.56
CA ARG C 90 39.75 13.14 -21.79
C ARG C 90 38.49 12.70 -22.48
N ARG C 91 37.36 13.25 -22.05
CA ARG C 91 36.10 13.04 -22.76
C ARG C 91 35.36 14.37 -22.84
N ASP C 92 35.23 14.90 -24.05
CA ASP C 92 34.55 16.17 -24.28
C ASP C 92 33.04 16.02 -24.04
N LEU C 93 32.50 16.87 -23.17
CA LEU C 93 31.07 16.90 -22.85
C LEU C 93 30.20 17.84 -23.70
N TYR C 94 30.75 18.99 -24.08
CA TYR C 94 30.03 19.97 -24.89
C TYR C 94 31.01 20.84 -25.64
N PHE C 95 30.64 21.26 -26.85
CA PHE C 95 31.42 22.24 -27.61
C PHE C 95 30.55 23.19 -28.40
N SER C 96 30.90 24.47 -28.34
CA SER C 96 30.13 25.51 -29.00
C SER C 96 31.11 26.60 -29.36
N GLN C 97 30.85 27.31 -30.45
CA GLN C 97 31.72 28.41 -30.81
C GLN C 97 30.99 29.47 -31.63
N VAL C 98 31.40 30.72 -31.47
CA VAL C 98 30.84 31.83 -32.23
C VAL C 98 31.96 32.68 -32.79
N GLN C 99 31.67 33.41 -33.85
CA GLN C 99 32.59 34.39 -34.38
C GLN C 99 32.32 35.74 -33.73
N VAL C 100 33.31 36.24 -33.00
CA VAL C 100 33.27 37.58 -32.43
C VAL C 100 33.78 38.68 -33.36
N PHE C 101 34.76 38.37 -34.19
CA PHE C 101 35.31 39.37 -35.12
C PHE C 101 35.72 38.75 -36.46
N PRO C 102 35.47 39.45 -37.58
CA PRO C 102 34.71 40.70 -37.73
C PRO C 102 33.29 40.47 -37.22
N PRO C 103 32.57 41.56 -36.97
CA PRO C 103 31.20 41.49 -36.44
C PRO C 103 30.32 40.66 -37.37
N VAL C 104 29.45 39.84 -36.80
CA VAL C 104 28.54 39.02 -37.57
C VAL C 104 27.12 39.59 -37.52
N GLY C 105 26.56 39.87 -38.69
CA GLY C 105 25.16 40.24 -38.78
C GLY C 105 24.91 41.66 -38.36
N ALA C 106 23.79 41.88 -37.69
CA ALA C 106 23.38 43.23 -37.34
C ALA C 106 24.13 43.75 -36.13
N SER C 107 24.50 45.02 -36.21
CA SER C 107 25.14 45.75 -35.13
C SER C 107 24.22 45.83 -33.90
N GLY C 108 24.73 45.37 -32.77
CA GLY C 108 23.96 45.37 -31.55
C GLY C 108 24.51 44.48 -30.45
N ALA C 109 23.95 44.65 -29.26
CA ALA C 109 24.24 43.84 -28.09
C ALA C 109 22.94 43.19 -27.67
N THR C 110 22.97 41.92 -27.30
CA THR C 110 21.75 41.27 -26.85
C THR C 110 21.51 41.45 -25.35
N THR C 111 22.54 41.86 -24.61
CA THR C 111 22.41 42.07 -23.17
C THR C 111 22.83 43.46 -22.77
N ARG C 112 22.23 43.98 -21.69
CA ARG C 112 22.64 45.27 -21.14
C ARG C 112 24.12 45.22 -20.74
N LEU C 113 24.57 44.07 -20.23
CA LEU C 113 25.98 43.94 -19.84
C LEU C 113 26.87 44.24 -21.04
N GLN C 114 26.58 43.57 -22.15
CA GLN C 114 27.28 43.83 -23.39
C GLN C 114 27.22 45.31 -23.73
N GLU C 115 26.00 45.80 -23.95
CA GLU C 115 25.79 47.18 -24.38
C GLU C 115 26.62 48.17 -23.56
N SER C 116 26.64 47.98 -22.25
CA SER C 116 27.32 48.88 -21.34
C SER C 116 28.83 48.75 -21.44
N LEU C 117 29.32 47.51 -21.47
CA LEU C 117 30.75 47.31 -21.65
C LEU C 117 31.20 47.90 -22.98
N ILE C 118 30.33 47.88 -23.97
CA ILE C 118 30.66 48.45 -25.27
C ILE C 118 30.72 49.97 -25.15
N LYS C 119 29.67 50.58 -24.62
CA LYS C 119 29.67 52.02 -24.38
C LYS C 119 30.94 52.46 -23.64
N LYS C 120 31.34 51.68 -22.64
CA LYS C 120 32.48 52.03 -21.79
C LYS C 120 33.85 51.80 -22.44
N LEU C 121 34.01 50.65 -23.08
CA LEU C 121 35.29 50.28 -23.68
C LEU C 121 35.53 50.88 -25.06
N GLY C 122 34.45 51.20 -25.78
CA GLY C 122 34.58 51.89 -27.06
C GLY C 122 34.52 51.03 -28.31
N ALA C 123 34.93 51.63 -29.43
CA ALA C 123 34.63 51.13 -30.78
C ALA C 123 35.17 49.75 -31.18
N ASN C 124 36.21 49.28 -30.50
CA ASN C 124 36.82 48.00 -30.86
C ASN C 124 36.31 46.81 -30.05
N THR C 125 35.25 47.02 -29.29
CA THR C 125 34.66 45.99 -28.46
C THR C 125 33.52 45.30 -29.21
N TYR C 126 33.49 43.98 -29.16
CA TYR C 126 32.46 43.22 -29.86
C TYR C 126 31.79 42.18 -28.93
N PRO C 127 30.46 42.05 -29.05
CA PRO C 127 29.72 41.15 -28.16
C PRO C 127 29.80 39.67 -28.56
N PHE C 128 29.74 38.79 -27.58
CA PHE C 128 29.53 37.38 -27.83
C PHE C 128 28.65 36.81 -26.73
N LEU C 129 27.86 35.81 -27.10
CA LEU C 129 27.06 35.07 -26.14
C LEU C 129 27.07 33.56 -26.41
N LEU C 130 27.52 32.78 -25.43
CA LEU C 130 27.54 31.33 -25.56
C LEU C 130 26.55 30.69 -24.58
N THR C 131 25.76 29.73 -25.04
CA THR C 131 24.79 29.11 -24.15
C THR C 131 25.25 27.76 -23.59
N PHE C 132 24.79 27.43 -22.40
CA PHE C 132 24.86 26.06 -21.90
C PHE C 132 23.56 25.32 -22.23
N PRO C 133 23.66 24.01 -22.53
CA PRO C 133 22.50 23.12 -22.59
C PRO C 133 22.13 22.59 -21.20
N ASP C 134 21.09 21.76 -21.14
CA ASP C 134 20.53 21.30 -19.88
C ASP C 134 21.03 19.92 -19.43
N TYR C 135 21.88 19.32 -20.27
CA TYR C 135 22.39 17.97 -20.01
C TYR C 135 23.81 17.90 -19.39
N LEU C 136 24.38 19.04 -19.05
CA LEU C 136 25.73 19.04 -18.50
C LEU C 136 25.72 18.91 -16.98
N PRO C 137 26.83 18.42 -16.42
CA PRO C 137 27.05 18.44 -14.96
C PRO C 137 27.46 19.84 -14.50
N CYS C 138 27.63 20.01 -13.20
CA CYS C 138 28.21 21.25 -12.71
C CYS C 138 29.69 21.00 -12.37
N SER C 139 30.39 22.04 -11.98
CA SER C 139 31.83 21.92 -11.70
C SER C 139 32.13 20.92 -10.58
N VAL C 140 33.03 19.97 -10.89
CA VAL C 140 33.43 18.94 -9.93
C VAL C 140 34.90 18.62 -10.14
N MET C 141 35.68 18.61 -9.07
CA MET C 141 37.04 18.13 -9.18
C MET C 141 37.42 17.36 -7.97
N LEU C 142 38.31 16.40 -8.16
CA LEU C 142 38.78 15.57 -7.08
C LEU C 142 40.26 15.28 -7.25
N GLN C 143 41.00 15.58 -6.20
CA GLN C 143 42.40 15.20 -6.10
C GLN C 143 42.54 14.19 -4.99
N PRO C 144 42.93 12.96 -5.33
CA PRO C 144 42.94 11.86 -4.34
C PRO C 144 43.89 12.13 -3.18
N ALA C 145 43.65 11.42 -2.08
CA ALA C 145 44.46 11.57 -0.86
C ALA C 145 45.68 10.67 -0.93
N PRO C 146 46.50 10.68 0.15
CA PRO C 146 47.57 9.68 0.33
C PRO C 146 47.03 8.25 0.42
N GLN C 147 45.96 8.08 1.20
CA GLN C 147 45.37 6.77 1.45
C GLN C 147 44.38 6.34 0.36
N ASP C 148 44.19 7.19 -0.64
CA ASP C 148 43.26 6.87 -1.73
C ASP C 148 44.00 6.27 -2.91
N VAL C 149 43.33 5.34 -3.59
CA VAL C 149 43.77 4.88 -4.90
C VAL C 149 42.86 5.51 -5.95
N GLY C 150 43.39 5.76 -7.13
CA GLY C 150 42.68 6.53 -8.13
C GLY C 150 43.35 7.88 -8.28
N LYS C 151 43.18 8.51 -9.44
CA LYS C 151 43.91 9.75 -9.72
C LYS C 151 42.98 10.96 -9.82
N SER C 152 43.60 12.14 -9.94
CA SER C 152 42.84 13.38 -10.10
C SER C 152 41.90 13.30 -11.29
N CYS C 153 40.67 13.74 -11.10
CA CYS C 153 39.78 13.90 -12.24
C CYS C 153 38.90 15.11 -12.00
N GLY C 154 38.23 15.56 -13.06
CA GLY C 154 37.41 16.74 -12.94
C GLY C 154 36.63 17.07 -14.19
N VAL C 155 35.72 18.02 -14.05
CA VAL C 155 34.96 18.52 -15.18
C VAL C 155 35.19 19.99 -15.30
N ASP C 156 35.88 20.37 -16.37
CA ASP C 156 36.22 21.76 -16.61
C ASP C 156 35.26 22.38 -17.59
N PHE C 157 35.05 23.68 -17.40
CA PHE C 157 34.39 24.51 -18.38
C PHE C 157 35.36 25.60 -18.81
N GLU C 158 35.64 25.67 -20.11
CA GLU C 158 36.62 26.61 -20.64
C GLU C 158 36.05 27.59 -21.67
N ILE C 159 36.40 28.87 -21.48
CA ILE C 159 36.06 29.92 -22.40
C ILE C 159 37.33 30.37 -23.07
N LYS C 160 37.40 30.19 -24.38
CA LYS C 160 38.62 30.51 -25.11
C LYS C 160 38.33 31.54 -26.19
N ALA C 161 39.14 32.60 -26.26
CA ALA C 161 39.02 33.56 -27.32
C ALA C 161 40.30 33.46 -28.11
N PHE C 162 40.19 33.24 -29.41
CA PHE C 162 41.38 33.11 -30.22
C PHE C 162 41.25 33.75 -31.59
N ALA C 163 42.39 34.11 -32.15
CA ALA C 163 42.44 34.65 -33.49
C ALA C 163 43.06 33.62 -34.42
N THR C 164 42.50 33.53 -35.62
CA THR C 164 43.01 32.67 -36.69
C THR C 164 43.48 33.56 -37.83
N HIS C 165 44.50 33.10 -38.52
CA HIS C 165 45.03 33.77 -39.69
C HIS C 165 45.68 32.78 -40.65
N SER C 166 45.98 33.24 -41.86
CA SER C 166 46.62 32.40 -42.87
C SER C 166 47.66 33.17 -43.67
N THR C 167 48.87 32.62 -43.77
CA THR C 167 49.88 33.21 -44.63
C THR C 167 49.97 32.52 -45.99
N ASP C 168 49.19 31.44 -46.15
CA ASP C 168 49.04 30.74 -47.44
C ASP C 168 47.75 29.91 -47.53
N VAL C 169 47.37 29.54 -48.75
CA VAL C 169 46.09 28.85 -48.99
C VAL C 169 46.00 27.48 -48.33
N GLU C 170 47.17 26.90 -48.06
CA GLU C 170 47.26 25.51 -47.66
C GLU C 170 46.82 25.26 -46.23
N GLU C 171 46.81 26.31 -45.39
CA GLU C 171 46.33 26.12 -44.03
C GLU C 171 46.00 27.43 -43.35
N ASP C 172 45.18 27.32 -42.31
CA ASP C 172 45.01 28.43 -41.37
C ASP C 172 45.67 28.00 -40.07
N LYS C 173 46.12 28.98 -39.30
CA LYS C 173 46.82 28.67 -38.07
C LYS C 173 46.28 29.49 -36.90
N ILE C 174 46.36 28.92 -35.71
CA ILE C 174 45.90 29.58 -34.49
C ILE C 174 47.03 29.62 -33.46
N PRO C 175 47.83 30.70 -33.47
CA PRO C 175 48.97 30.78 -32.55
C PRO C 175 48.53 31.03 -31.09
N LYS C 176 49.20 30.40 -30.14
CA LYS C 176 48.82 30.55 -28.73
C LYS C 176 48.80 32.01 -28.27
N LYS C 177 49.75 32.81 -28.76
CA LYS C 177 49.95 34.17 -28.26
C LYS C 177 48.73 35.07 -28.50
N SER C 178 47.92 34.70 -29.51
CA SER C 178 46.71 35.43 -29.89
C SER C 178 45.47 34.92 -29.20
N SER C 179 45.64 34.04 -28.23
CA SER C 179 44.49 33.41 -27.56
C SER C 179 44.45 33.76 -26.08
N VAL C 180 43.30 33.55 -25.44
CA VAL C 180 43.12 33.70 -24.00
C VAL C 180 42.12 32.69 -23.51
N ARG C 181 42.38 32.14 -22.33
CA ARG C 181 41.63 31.01 -21.83
C ARG C 181 41.20 31.30 -20.38
N LEU C 182 39.91 31.19 -20.14
CA LEU C 182 39.32 31.36 -18.81
C LEU C 182 38.72 30.02 -18.37
N LEU C 183 39.01 29.59 -17.15
CA LEU C 183 38.36 28.41 -16.61
C LEU C 183 37.23 28.88 -15.71
N ILE C 184 36.00 28.69 -16.16
CA ILE C 184 34.88 29.18 -15.38
C ILE C 184 34.20 28.05 -14.62
N ARG C 185 33.25 28.41 -13.78
CA ARG C 185 32.54 27.42 -12.99
C ARG C 185 31.08 27.44 -13.38
N LYS C 186 30.53 26.25 -13.59
CA LYS C 186 29.09 26.05 -13.67
C LYS C 186 28.70 25.62 -12.25
N VAL C 187 27.94 26.48 -11.57
CA VAL C 187 27.57 26.22 -10.18
C VAL C 187 26.11 25.86 -10.04
N GLN C 188 25.83 24.91 -9.16
CA GLN C 188 24.50 24.37 -8.99
C GLN C 188 23.72 25.18 -7.97
N HIS C 189 22.58 25.74 -8.38
CA HIS C 189 21.72 26.47 -7.52
C HIS C 189 20.42 25.77 -7.44
N ALA C 190 19.67 25.97 -6.37
CA ALA C 190 18.44 25.23 -6.15
C ALA C 190 17.28 25.52 -7.07
N PRO C 191 16.55 24.48 -7.43
CA PRO C 191 15.38 24.58 -8.29
C PRO C 191 14.16 25.10 -7.55
N ARG C 192 13.11 25.42 -8.29
CA ARG C 192 11.91 26.00 -7.71
C ARG C 192 11.28 25.08 -6.70
N ASP C 193 11.33 23.80 -6.98
CA ASP C 193 10.67 22.76 -6.19
C ASP C 193 11.69 21.82 -5.53
N MET C 194 11.30 21.17 -4.43
CA MET C 194 12.17 20.19 -3.79
C MET C 194 11.44 18.88 -3.43
N GLY C 195 12.21 17.84 -3.17
CA GLY C 195 11.65 16.53 -2.87
C GLY C 195 11.04 16.41 -1.49
N PRO C 196 10.40 15.27 -1.22
CA PRO C 196 9.74 15.00 0.07
C PRO C 196 10.71 15.00 1.25
N GLN C 197 10.17 15.20 2.44
CA GLN C 197 10.97 15.21 3.65
C GLN C 197 11.80 13.93 3.78
N PRO C 198 13.12 14.09 3.91
CA PRO C 198 13.97 12.91 4.10
C PRO C 198 13.68 12.22 5.42
N ARG C 199 13.45 10.91 5.38
CA ARG C 199 13.28 10.13 6.60
C ARG C 199 13.67 8.67 6.43
N ALA C 200 14.07 8.04 7.52
CA ALA C 200 14.44 6.63 7.52
C ALA C 200 14.12 5.99 8.86
N GLU C 201 13.85 4.69 8.85
CA GLU C 201 13.73 3.97 10.10
C GLU C 201 14.39 2.60 9.97
N ALA C 202 15.31 2.30 10.87
CA ALA C 202 15.94 0.98 10.90
C ALA C 202 15.71 0.27 12.23
N SER C 203 15.65 -1.05 12.18
CA SER C 203 15.50 -1.85 13.40
C SER C 203 16.58 -2.94 13.46
N TRP C 204 16.91 -3.36 14.68
CA TRP C 204 17.83 -4.48 14.87
C TRP C 204 17.35 -5.42 15.97
N GLN C 205 17.52 -6.71 15.73
CA GLN C 205 17.51 -7.70 16.80
C GLN C 205 18.89 -8.35 16.81
N PHE C 206 19.60 -8.17 17.93
CA PHE C 206 20.93 -8.72 18.10
C PHE C 206 20.89 -10.20 18.47
N PHE C 207 22.01 -10.88 18.21
CA PHE C 207 22.10 -12.28 18.53
C PHE C 207 21.68 -12.60 19.97
N MET C 208 20.88 -13.65 20.14
CA MET C 208 20.50 -14.12 21.48
C MET C 208 19.46 -13.25 22.19
N SER C 209 19.00 -12.19 21.54
CA SER C 209 17.93 -11.40 22.11
C SER C 209 16.74 -11.17 21.19
N ASP C 210 15.57 -11.24 21.78
CA ASP C 210 14.31 -10.98 21.10
C ASP C 210 14.03 -9.48 20.94
N LYS C 211 14.58 -8.67 21.83
CA LYS C 211 14.21 -7.26 21.90
C LYS C 211 14.82 -6.36 20.80
N PRO C 212 13.97 -5.56 20.17
CA PRO C 212 14.34 -4.64 19.09
C PRO C 212 14.99 -3.34 19.57
N LEU C 213 15.94 -2.85 18.79
CA LEU C 213 16.45 -1.50 18.91
C LEU C 213 16.01 -0.79 17.63
N ARG C 214 15.29 0.32 17.79
CA ARG C 214 14.80 1.09 16.66
C ARG C 214 15.47 2.47 16.60
N LEU C 215 15.72 2.90 15.36
CA LEU C 215 16.28 4.21 15.06
C LEU C 215 15.44 4.86 13.97
N ALA C 216 14.87 6.02 14.26
CA ALA C 216 14.17 6.78 13.23
C ALA C 216 14.92 8.08 13.05
N VAL C 217 14.98 8.56 11.81
CA VAL C 217 15.72 9.77 11.48
C VAL C 217 14.94 10.66 10.51
N SER C 218 14.84 11.94 10.84
CA SER C 218 14.22 12.91 9.94
C SER C 218 15.10 14.14 9.75
N LEU C 219 14.94 14.77 8.60
CA LEU C 219 15.56 16.04 8.28
C LEU C 219 14.41 16.99 8.03
N SER C 220 14.57 18.27 8.32
CA SER C 220 13.47 19.19 8.08
C SER C 220 13.10 19.31 6.60
N LYS C 221 14.09 19.20 5.70
CA LYS C 221 13.83 19.34 4.26
C LYS C 221 14.83 18.56 3.37
N GLU C 222 14.47 18.34 2.11
CA GLU C 222 15.33 17.54 1.23
C GLU C 222 16.50 18.31 0.58
N ILE C 223 16.38 19.63 0.50
CA ILE C 223 17.48 20.45 -0.03
C ILE C 223 18.05 21.45 0.98
N TYR C 224 19.36 21.37 1.19
CA TYR C 224 20.05 22.33 2.02
C TYR C 224 21.09 23.14 1.24
N TYR C 225 21.18 24.42 1.59
CA TYR C 225 22.13 25.31 0.94
C TYR C 225 23.48 25.15 1.62
N HIS C 226 24.56 25.32 0.85
CA HIS C 226 25.91 25.37 1.41
C HIS C 226 25.96 26.42 2.52
N GLY C 227 26.52 26.05 3.66
CA GLY C 227 26.59 26.94 4.80
C GLY C 227 25.34 26.85 5.68
N GLU C 228 24.28 26.23 5.17
CA GLU C 228 23.03 26.15 5.93
C GLU C 228 23.07 25.05 7.00
N PRO C 229 22.70 25.41 8.24
CA PRO C 229 22.58 24.41 9.31
C PRO C 229 21.55 23.34 9.00
N ILE C 230 21.95 22.09 9.19
CA ILE C 230 21.11 20.93 8.99
C ILE C 230 20.73 20.29 10.32
N PRO C 231 19.46 20.41 10.68
CA PRO C 231 18.82 19.86 11.87
C PRO C 231 18.45 18.39 11.68
N VAL C 232 19.38 17.49 12.00
CA VAL C 232 19.10 16.06 12.01
C VAL C 232 18.37 15.66 13.28
N THR C 233 17.14 15.15 13.13
CA THR C 233 16.38 14.67 14.29
C THR C 233 16.39 13.15 14.37
N VAL C 234 16.80 12.67 15.53
CA VAL C 234 17.14 11.28 15.76
C VAL C 234 16.24 10.76 16.89
N ALA C 235 15.51 9.70 16.62
CA ALA C 235 14.66 9.08 17.65
C ALA C 235 15.08 7.64 17.87
N VAL C 236 15.65 7.39 19.04
CA VAL C 236 16.07 6.06 19.43
C VAL C 236 15.03 5.47 20.34
N THR C 237 14.56 4.27 20.02
CA THR C 237 13.71 3.60 20.96
C THR C 237 14.33 2.25 21.26
N ASN C 238 14.72 2.09 22.53
CA ASN C 238 15.57 0.98 22.94
C ASN C 238 14.84 0.03 23.85
N SER C 239 14.46 -1.12 23.30
CA SER C 239 13.73 -2.13 24.05
C SER C 239 14.68 -3.19 24.59
N THR C 240 15.97 -3.01 24.33
CA THR C 240 16.92 -4.05 24.68
C THR C 240 17.36 -3.89 26.13
N GLU C 241 18.15 -4.85 26.59
CA GLU C 241 18.69 -4.81 27.95
C GLU C 241 20.03 -4.07 27.93
N LYS C 242 20.34 -3.49 26.79
CA LYS C 242 21.66 -2.95 26.53
C LYS C 242 21.56 -1.43 26.48
N THR C 243 22.68 -0.75 26.73
CA THR C 243 22.72 0.73 26.66
C THR C 243 23.25 1.22 25.32
N VAL C 244 22.69 2.32 24.82
CA VAL C 244 23.28 3.02 23.69
C VAL C 244 24.21 4.06 24.31
N LYS C 245 25.51 3.82 24.19
CA LYS C 245 26.55 4.61 24.86
C LYS C 245 26.84 5.90 24.13
N LYS C 246 26.67 5.86 22.81
CA LYS C 246 27.00 6.99 21.96
C LYS C 246 26.06 7.06 20.77
N ILE C 247 25.62 8.27 20.47
CA ILE C 247 24.96 8.59 19.20
C ILE C 247 25.89 9.52 18.43
N LYS C 248 26.24 9.13 17.21
CA LYS C 248 27.12 9.96 16.38
C LYS C 248 26.43 10.27 15.05
N VAL C 249 26.64 11.48 14.56
CA VAL C 249 25.94 11.97 13.38
C VAL C 249 26.93 12.57 12.39
N LEU C 250 26.90 12.07 11.16
CA LEU C 250 27.86 12.48 10.16
C LEU C 250 27.15 13.01 8.94
N VAL C 251 27.77 13.99 8.28
CA VAL C 251 27.47 14.19 6.87
C VAL C 251 28.54 13.47 6.08
N GLU C 252 28.11 12.58 5.21
CA GLU C 252 29.00 11.87 4.32
C GLU C 252 28.78 12.32 2.88
N GLN C 253 29.88 12.69 2.23
CA GLN C 253 29.90 12.90 0.78
C GLN C 253 30.27 11.59 0.09
N VAL C 254 29.45 11.20 -0.88
CA VAL C 254 29.70 10.02 -1.70
C VAL C 254 30.02 10.43 -3.13
N THR C 255 31.14 9.95 -3.63
CA THR C 255 31.61 10.29 -4.97
C THR C 255 31.80 9.03 -5.82
N ASN C 256 31.19 9.04 -6.99
CA ASN C 256 31.42 7.98 -7.98
C ASN C 256 32.01 8.55 -9.26
N VAL C 257 33.22 8.12 -9.59
CA VAL C 257 33.76 8.53 -10.88
C VAL C 257 33.17 7.56 -11.90
N VAL C 258 32.38 8.11 -12.82
CA VAL C 258 31.64 7.34 -13.82
C VAL C 258 32.22 7.30 -15.25
N LEU C 259 33.36 7.94 -15.46
CA LEU C 259 34.06 7.84 -16.74
C LEU C 259 35.45 7.24 -16.51
N TYR C 260 35.98 6.56 -17.51
CA TYR C 260 37.30 5.94 -17.38
C TYR C 260 37.37 4.97 -16.21
N SER C 261 38.14 5.33 -15.18
CA SER C 261 38.25 4.50 -13.99
C SER C 261 37.03 4.65 -13.09
N SER C 262 36.47 3.53 -12.66
CA SER C 262 35.30 3.61 -11.82
C SER C 262 35.80 3.71 -10.38
N ASP C 263 35.72 4.91 -9.82
CA ASP C 263 36.33 5.20 -8.52
C ASP C 263 35.28 5.61 -7.52
N TYR C 264 35.50 5.22 -6.28
CA TYR C 264 34.50 5.42 -5.24
C TYR C 264 35.14 6.09 -4.03
N TYR C 265 34.58 7.23 -3.66
CA TYR C 265 35.00 7.91 -2.44
C TYR C 265 33.81 8.10 -1.51
N ILE C 266 34.02 7.84 -0.23
CA ILE C 266 33.04 8.23 0.78
C ILE C 266 33.77 8.87 1.95
N LYS C 267 33.41 10.12 2.26
CA LYS C 267 34.17 10.89 3.24
C LYS C 267 33.26 11.65 4.19
N THR C 268 33.75 11.87 5.41
CA THR C 268 32.98 12.58 6.42
C THR C 268 33.31 14.07 6.33
N VAL C 269 32.35 14.88 5.93
CA VAL C 269 32.64 16.31 5.82
C VAL C 269 32.11 17.12 7.01
N ALA C 270 31.34 16.46 7.88
CA ALA C 270 30.88 17.06 9.12
C ALA C 270 30.56 15.96 10.12
N ALA C 271 30.74 16.26 11.40
CA ALA C 271 30.48 15.30 12.48
C ALA C 271 30.02 15.95 13.77
N GLU C 272 29.07 15.32 14.45
CA GLU C 272 28.63 15.77 15.76
C GLU C 272 28.26 14.60 16.65
N GLU C 273 28.60 14.71 17.92
CA GLU C 273 28.44 13.60 18.83
C GLU C 273 27.54 13.99 20.00
N ALA C 274 26.45 13.27 20.18
CA ALA C 274 25.46 13.60 21.21
C ALA C 274 26.06 13.37 22.59
N GLN C 275 25.54 14.07 23.60
CA GLN C 275 26.13 13.95 24.93
C GLN C 275 25.37 12.91 25.74
N GLU C 276 24.42 12.26 25.08
CA GLU C 276 23.41 11.48 25.79
C GLU C 276 23.46 9.98 25.51
N LYS C 277 23.06 9.19 26.50
CA LYS C 277 22.98 7.74 26.35
C LYS C 277 21.51 7.31 26.42
N VAL C 278 21.18 6.16 25.84
CA VAL C 278 19.84 5.64 25.98
C VAL C 278 19.86 4.32 26.75
N PRO C 279 19.38 4.33 28.00
CA PRO C 279 19.38 3.14 28.84
C PRO C 279 18.37 2.10 28.36
N PRO C 280 18.49 0.85 28.84
CA PRO C 280 17.56 -0.21 28.44
C PRO C 280 16.11 0.21 28.67
N ASN C 281 15.23 -0.14 27.74
CA ASN C 281 13.79 0.08 27.91
C ASN C 281 13.41 1.56 28.01
N SER C 282 14.08 2.39 27.22
CA SER C 282 13.78 3.81 27.15
C SER C 282 13.84 4.29 25.70
N SER C 283 13.37 5.52 25.47
CA SER C 283 13.48 6.16 24.17
C SER C 283 14.02 7.55 24.40
N LEU C 284 14.75 8.07 23.41
CA LEU C 284 15.25 9.43 23.47
C LEU C 284 15.18 10.03 22.07
N THR C 285 14.69 11.26 21.98
CA THR C 285 14.61 11.95 20.72
C THR C 285 15.43 13.23 20.85
N LYS C 286 16.36 13.42 19.92
CA LYS C 286 17.31 14.51 20.00
C LYS C 286 17.54 15.14 18.62
N THR C 287 17.77 16.45 18.58
CA THR C 287 18.17 17.08 17.33
C THR C 287 19.61 17.55 17.41
N LEU C 288 20.39 17.23 16.39
CA LEU C 288 21.75 17.75 16.25
C LEU C 288 21.81 18.62 15.01
N THR C 289 22.79 19.50 14.98
CA THR C 289 22.94 20.40 13.85
C THR C 289 24.32 20.24 13.20
N LEU C 290 24.32 19.95 11.91
CA LEU C 290 25.55 19.76 11.17
C LEU C 290 25.65 20.87 10.14
N VAL C 291 26.86 21.37 9.92
CA VAL C 291 27.11 22.30 8.82
C VAL C 291 28.28 21.79 7.99
N PRO C 292 27.98 20.98 6.95
CA PRO C 292 29.09 20.48 6.11
C PRO C 292 29.77 21.60 5.33
N LEU C 293 31.09 21.69 5.50
CA LEU C 293 31.87 22.77 4.90
C LEU C 293 33.32 22.36 4.63
N LEU C 294 33.87 22.83 3.51
CA LEU C 294 35.28 22.66 3.20
C LEU C 294 36.20 23.21 4.31
N ALA C 295 35.79 24.30 4.94
CA ALA C 295 36.55 24.87 6.04
C ALA C 295 36.62 23.95 7.26
N ASN C 296 35.61 23.10 7.45
CA ASN C 296 35.64 22.12 8.55
C ASN C 296 36.79 21.14 8.37
N ASN C 297 37.25 21.04 7.13
CA ASN C 297 38.13 19.95 6.73
C ASN C 297 39.59 20.36 6.69
N ARG C 298 40.40 19.68 7.48
CA ARG C 298 41.85 19.86 7.43
C ARG C 298 42.33 19.43 6.05
N GLU C 299 42.00 18.19 5.70
CA GLU C 299 42.37 17.58 4.44
C GLU C 299 41.34 17.92 3.35
N ARG C 300 41.78 18.59 2.29
CA ARG C 300 40.90 18.87 1.16
C ARG C 300 41.04 17.81 0.05
N ARG C 301 41.94 16.86 0.25
CA ARG C 301 42.15 15.78 -0.72
C ARG C 301 41.21 14.61 -0.48
N GLY C 302 40.74 14.02 -1.58
CA GLY C 302 39.92 12.82 -1.49
C GLY C 302 38.45 13.11 -1.44
N ILE C 303 38.08 14.37 -1.62
CA ILE C 303 36.68 14.76 -1.65
C ILE C 303 36.38 15.62 -2.88
N ALA C 304 35.12 15.61 -3.30
CA ALA C 304 34.71 16.32 -4.50
C ALA C 304 34.50 17.81 -4.21
N LEU C 305 35.24 18.67 -4.92
CA LEU C 305 35.05 20.11 -4.80
C LEU C 305 34.51 20.70 -6.09
N ASP C 306 34.19 22.00 -6.07
CA ASP C 306 33.79 22.69 -7.28
C ASP C 306 34.95 23.45 -7.91
N GLY C 307 36.13 23.31 -7.31
CA GLY C 307 37.32 23.95 -7.82
C GLY C 307 38.60 23.38 -7.24
N LYS C 308 39.71 24.05 -7.57
CA LYS C 308 41.04 23.67 -7.13
C LYS C 308 41.18 23.84 -5.63
N ILE C 309 41.90 22.89 -5.01
CA ILE C 309 42.23 22.98 -3.58
C ILE C 309 42.91 24.30 -3.23
N LYS C 310 43.83 24.74 -4.10
CA LYS C 310 44.53 26.02 -3.93
C LYS C 310 43.62 27.25 -3.72
N HIS C 311 42.51 27.31 -4.45
CA HIS C 311 41.69 28.52 -4.49
C HIS C 311 40.81 28.77 -3.27
N GLU C 312 40.62 30.06 -2.98
CA GLU C 312 39.84 30.51 -1.84
C GLU C 312 38.34 30.27 -2.05
N ASP C 313 37.84 30.57 -3.25
CA ASP C 313 36.40 30.50 -3.47
C ASP C 313 35.91 29.07 -3.69
N THR C 314 36.84 28.12 -3.64
CA THR C 314 36.48 26.71 -3.77
C THR C 314 35.54 26.23 -2.64
N ASN C 315 34.54 25.45 -3.02
CA ASN C 315 33.62 24.83 -2.08
C ASN C 315 33.52 23.33 -2.31
N LEU C 316 32.77 22.66 -1.43
CA LEU C 316 32.34 21.31 -1.70
C LEU C 316 31.42 21.29 -2.93
N ALA C 317 31.52 20.23 -3.73
CA ALA C 317 30.67 20.07 -4.88
C ALA C 317 29.22 19.92 -4.44
N SER C 318 28.31 20.54 -5.18
CA SER C 318 26.89 20.34 -4.96
C SER C 318 26.45 18.93 -5.40
N SER C 319 25.37 18.46 -4.80
CA SER C 319 24.79 17.21 -5.26
C SER C 319 24.54 17.30 -6.78
N THR C 320 24.99 16.27 -7.50
CA THR C 320 24.69 16.06 -8.90
C THR C 320 23.18 16.00 -9.14
N ILE C 321 22.70 16.68 -10.18
CA ILE C 321 21.30 16.52 -10.58
C ILE C 321 21.17 16.05 -12.02
N ILE C 322 20.77 14.80 -12.22
CA ILE C 322 20.69 14.23 -13.56
C ILE C 322 19.30 14.43 -14.19
N LYS C 323 19.27 14.85 -15.45
CA LYS C 323 18.00 15.05 -16.12
C LYS C 323 17.39 13.72 -16.61
N GLU C 324 16.07 13.64 -16.64
CA GLU C 324 15.37 12.46 -17.13
C GLU C 324 15.87 12.16 -18.54
N GLY C 325 16.28 10.92 -18.76
CA GLY C 325 16.72 10.50 -20.08
C GLY C 325 18.19 10.70 -20.37
N ILE C 326 18.94 11.19 -19.39
CA ILE C 326 20.37 11.39 -19.58
C ILE C 326 21.15 10.28 -18.88
N ASP C 327 22.10 9.67 -19.59
CA ASP C 327 22.93 8.65 -18.97
C ASP C 327 23.90 9.26 -17.96
N LYS C 328 23.95 8.66 -16.78
CA LYS C 328 24.77 9.20 -15.71
C LYS C 328 26.25 9.30 -16.08
N THR C 329 26.76 8.37 -16.89
CA THR C 329 28.20 8.37 -17.18
C THR C 329 28.62 9.70 -17.77
N VAL C 330 27.66 10.38 -18.39
CA VAL C 330 27.94 11.59 -19.14
C VAL C 330 28.07 12.82 -18.21
N MET C 331 27.73 12.65 -16.93
CA MET C 331 27.97 13.67 -15.87
C MET C 331 29.41 13.64 -15.38
N GLY C 332 30.05 12.48 -15.53
CA GLY C 332 31.47 12.28 -15.37
C GLY C 332 31.93 12.04 -13.93
N ILE C 333 31.30 12.73 -12.98
CA ILE C 333 31.48 12.46 -11.55
C ILE C 333 30.15 12.66 -10.83
N LEU C 334 29.66 11.62 -10.18
CA LEU C 334 28.44 11.74 -9.39
C LEU C 334 28.78 12.10 -7.94
N VAL C 335 28.17 13.17 -7.46
CA VAL C 335 28.32 13.59 -6.07
C VAL C 335 26.96 13.54 -5.37
N SER C 336 26.93 12.92 -4.20
CA SER C 336 25.71 12.87 -3.41
C SER C 336 26.03 12.99 -1.92
N TYR C 337 25.02 13.33 -1.12
CA TYR C 337 25.24 13.51 0.31
C TYR C 337 24.23 12.75 1.15
N GLN C 338 24.69 12.25 2.29
CA GLN C 338 23.79 11.60 3.21
C GLN C 338 24.13 11.97 4.64
N ILE C 339 23.14 11.85 5.51
CA ILE C 339 23.36 11.85 6.94
C ILE C 339 23.55 10.40 7.36
N LYS C 340 24.62 10.12 8.10
CA LYS C 340 24.80 8.80 8.70
C LYS C 340 24.70 8.86 10.23
N VAL C 341 23.83 8.03 10.81
CA VAL C 341 23.74 7.92 12.26
C VAL C 341 24.32 6.58 12.75
N LYS C 342 25.29 6.67 13.66
CA LYS C 342 25.90 5.49 14.28
C LYS C 342 25.60 5.38 15.77
N LEU C 343 24.98 4.27 16.16
CA LEU C 343 24.73 3.97 17.55
C LEU C 343 25.81 3.00 18.06
N THR C 344 26.42 3.37 19.18
CA THR C 344 27.32 2.48 19.89
C THR C 344 26.54 1.76 20.98
N VAL C 345 26.50 0.44 20.90
CA VAL C 345 25.73 -0.35 21.85
C VAL C 345 26.61 -1.20 22.77
N SER C 346 26.32 -1.11 24.07
CA SER C 346 27.09 -1.82 25.09
C SER C 346 26.87 -3.33 25.02
N GLY C 347 27.89 -4.10 25.41
CA GLY C 347 27.76 -5.53 25.57
C GLY C 347 27.55 -6.37 24.32
N LEU C 348 27.98 -5.89 23.15
CA LEU C 348 27.85 -6.69 21.92
C LEU C 348 29.18 -7.26 21.42
N LEU C 349 29.33 -8.58 21.59
CA LEU C 349 30.62 -9.25 21.45
C LEU C 349 30.51 -10.74 21.72
N SER C 354 30.89 -3.76 23.30
CA SER C 354 30.44 -2.64 22.46
C SER C 354 30.46 -2.96 20.96
N SER C 355 29.48 -2.41 20.25
CA SER C 355 29.40 -2.58 18.80
C SER C 355 28.74 -1.37 18.15
N GLU C 356 28.65 -1.37 16.82
CA GLU C 356 28.17 -0.20 16.08
C GLU C 356 27.15 -0.54 15.00
N VAL C 357 25.98 0.07 15.12
CA VAL C 357 24.94 -0.10 14.10
C VAL C 357 24.71 1.27 13.47
N ALA C 358 24.20 1.31 12.25
CA ALA C 358 24.09 2.59 11.54
C ALA C 358 22.91 2.64 10.59
N THR C 359 22.53 3.85 10.20
CA THR C 359 21.62 4.00 9.07
C THR C 359 21.85 5.35 8.39
N GLU C 360 21.36 5.50 7.16
CA GLU C 360 21.66 6.68 6.38
C GLU C 360 20.40 7.29 5.78
N VAL C 361 20.37 8.61 5.63
CA VAL C 361 19.28 9.26 4.91
C VAL C 361 19.89 10.18 3.86
N PRO C 362 19.35 10.13 2.65
CA PRO C 362 19.94 11.00 1.63
C PRO C 362 19.39 12.42 1.71
N PHE C 363 20.18 13.40 1.27
CA PHE C 363 19.64 14.74 1.09
C PHE C 363 20.47 15.40 0.00
N ARG C 364 19.96 16.48 -0.58
CA ARG C 364 20.76 17.22 -1.55
C ARG C 364 21.33 18.54 -1.02
N LEU C 365 22.52 18.88 -1.49
CA LEU C 365 23.23 20.07 -1.05
C LEU C 365 23.66 20.92 -2.24
N MET C 366 23.28 22.20 -2.20
CA MET C 366 23.61 23.10 -3.29
C MET C 366 23.47 24.56 -2.88
N HIS C 367 23.62 25.45 -3.85
CA HIS C 367 23.54 26.88 -3.59
C HIS C 367 22.10 27.37 -3.60
N PRO C 368 21.85 28.50 -2.93
CA PRO C 368 20.47 28.99 -2.74
C PRO C 368 19.73 29.17 -4.04
N GLN C 369 18.41 29.07 -3.99
CA GLN C 369 17.62 29.41 -5.15
C GLN C 369 18.10 30.77 -5.59
N PRO C 370 18.18 30.97 -6.91
CA PRO C 370 18.53 32.28 -7.47
C PRO C 370 17.36 33.26 -7.34
N GLU C 371 17.67 34.55 -7.28
CA GLU C 371 16.64 35.59 -7.12
C GLU C 371 15.89 35.91 -8.42
N ASP C 372 14.71 36.50 -8.28
CA ASP C 372 13.97 37.06 -9.43
C ASP C 372 12.90 38.06 -8.96
N ASP C 382 23.53 52.31 -16.82
CA ASP C 382 24.69 51.49 -17.21
C ASP C 382 25.71 51.39 -16.08
N GLU C 383 25.42 50.53 -15.10
CA GLU C 383 26.05 50.57 -13.77
C GLU C 383 27.57 50.64 -13.80
N ASN C 384 28.13 51.52 -12.96
CA ASN C 384 29.57 51.81 -12.95
C ASN C 384 30.46 50.59 -12.73
N PHE C 385 31.41 50.40 -13.64
CA PHE C 385 32.17 49.16 -13.71
C PHE C 385 33.52 49.23 -13.01
N VAL C 386 33.91 48.11 -12.40
CA VAL C 386 35.23 47.95 -11.79
C VAL C 386 35.93 46.70 -12.35
N PHE C 387 37.04 46.93 -13.06
CA PHE C 387 37.73 45.87 -13.78
C PHE C 387 38.75 45.13 -12.92
N GLU C 388 38.78 43.81 -13.08
CA GLU C 388 39.56 42.95 -12.21
C GLU C 388 40.05 41.72 -12.99
N GLU C 389 41.27 41.29 -12.71
CA GLU C 389 41.83 40.10 -13.33
C GLU C 389 40.98 38.87 -13.05
N PHE C 390 40.77 38.06 -14.07
CA PHE C 390 39.96 36.87 -13.92
C PHE C 390 40.53 35.86 -12.92
N ALA C 391 41.86 35.79 -12.83
CA ALA C 391 42.51 34.79 -12.00
C ALA C 391 42.00 34.81 -10.56
N ARG C 392 41.82 33.62 -10.00
CA ARG C 392 41.23 33.47 -8.66
C ARG C 392 42.27 33.57 -7.54
N GLN C 393 41.83 34.15 -6.42
CA GLN C 393 42.67 34.35 -5.25
C GLN C 393 43.00 33.02 -4.55
N ASN C 394 44.29 32.78 -4.36
CA ASN C 394 44.76 31.59 -3.65
C ASN C 394 44.55 31.72 -2.15
N LEU C 395 44.49 30.57 -1.48
CA LEU C 395 44.58 30.52 -0.02
C LEU C 395 46.05 30.65 0.39
N LYS C 396 46.30 31.36 1.49
CA LYS C 396 47.67 31.58 1.96
C LYS C 396 47.89 31.00 3.35
N ASN D 19 -37.43 -5.06 39.00
CA ASN D 19 -37.66 -5.31 37.58
C ASN D 19 -36.46 -5.97 36.90
N HIS D 20 -36.72 -6.68 35.80
CA HIS D 20 -35.65 -7.22 34.96
C HIS D 20 -35.99 -7.03 33.48
N VAL D 21 -35.11 -6.35 32.76
CA VAL D 21 -35.29 -6.15 31.32
C VAL D 21 -34.94 -7.42 30.54
N ILE D 22 -35.79 -7.77 29.57
CA ILE D 22 -35.49 -8.87 28.65
C ILE D 22 -35.43 -8.34 27.23
N PHE D 23 -34.53 -8.89 26.42
CA PHE D 23 -34.35 -8.40 25.05
C PHE D 23 -34.99 -9.33 24.01
N LYS D 24 -35.75 -8.74 23.10
CA LYS D 24 -36.50 -9.52 22.14
C LYS D 24 -36.18 -9.15 20.70
N LYS D 25 -36.07 -10.14 19.84
CA LYS D 25 -35.99 -9.89 18.41
C LYS D 25 -36.74 -10.98 17.68
N ILE D 26 -37.60 -10.60 16.75
CA ILE D 26 -38.44 -11.56 16.07
C ILE D 26 -38.02 -11.65 14.61
N SER D 27 -38.32 -12.77 13.95
CA SER D 27 -37.87 -12.97 12.57
C SER D 27 -38.64 -12.12 11.57
N ARG D 28 -38.24 -12.20 10.30
CA ARG D 28 -38.96 -11.54 9.23
C ARG D 28 -40.25 -12.32 8.97
N ASP D 29 -40.14 -13.64 8.84
CA ASP D 29 -41.30 -14.52 8.68
C ASP D 29 -42.14 -14.53 9.96
N LYS D 30 -41.58 -13.97 11.02
CA LYS D 30 -42.29 -13.82 12.29
C LYS D 30 -42.75 -15.17 12.84
N SER D 31 -42.10 -16.25 12.41
CA SER D 31 -42.39 -17.59 12.91
C SER D 31 -41.56 -17.88 14.15
N VAL D 32 -40.53 -17.08 14.38
CA VAL D 32 -39.57 -17.31 15.46
C VAL D 32 -39.17 -16.01 16.17
N THR D 33 -39.34 -16.00 17.49
CA THR D 33 -38.93 -14.84 18.28
C THR D 33 -37.85 -15.31 19.24
N ILE D 34 -36.94 -14.42 19.61
CA ILE D 34 -35.85 -14.79 20.48
C ILE D 34 -35.75 -13.83 21.65
N TYR D 35 -35.54 -14.40 22.84
CA TYR D 35 -35.49 -13.64 24.07
C TYR D 35 -34.22 -13.95 24.85
N LEU D 36 -33.55 -12.88 25.29
CA LEU D 36 -32.25 -12.98 25.94
C LEU D 36 -32.22 -12.17 27.24
N GLY D 37 -31.46 -12.67 28.22
CA GLY D 37 -31.36 -12.03 29.51
C GLY D 37 -30.51 -10.75 29.48
N LYS D 38 -29.35 -10.83 28.86
CA LYS D 38 -28.43 -9.69 28.80
C LYS D 38 -27.94 -9.46 27.37
N ARG D 39 -27.51 -8.23 27.08
CA ARG D 39 -26.77 -7.90 25.85
C ARG D 39 -25.26 -8.18 25.99
N ASP D 40 -24.78 -8.16 27.23
CA ASP D 40 -23.35 -8.27 27.51
C ASP D 40 -23.06 -9.39 28.50
N TYR D 41 -22.10 -10.24 28.14
CA TYR D 41 -21.79 -11.42 28.93
C TYR D 41 -20.41 -11.29 29.54
N ILE D 42 -20.26 -11.79 30.76
CA ILE D 42 -19.04 -11.50 31.52
C ILE D 42 -17.96 -12.58 31.46
N ASP D 43 -16.78 -12.16 31.04
CA ASP D 43 -15.62 -12.97 31.11
C ASP D 43 -14.86 -12.41 32.28
N HIS D 44 -14.66 -13.23 33.30
CA HIS D 44 -13.87 -12.85 34.43
C HIS D 44 -12.70 -13.74 34.63
N VAL D 45 -12.14 -14.19 33.52
CA VAL D 45 -10.90 -14.93 33.51
C VAL D 45 -11.01 -16.34 34.01
N GLU D 46 -11.57 -16.53 35.19
CA GLU D 46 -11.79 -17.87 35.73
C GLU D 46 -12.79 -18.63 34.89
N ARG D 47 -13.83 -17.95 34.48
CA ARG D 47 -14.88 -18.57 33.71
C ARG D 47 -15.63 -17.44 33.05
N VAL D 48 -16.47 -17.75 32.08
CA VAL D 48 -17.25 -16.69 31.43
C VAL D 48 -18.72 -17.07 31.50
N GLU D 49 -19.57 -16.06 31.63
CA GLU D 49 -21.01 -16.25 31.71
C GLU D 49 -21.56 -17.01 30.49
N PRO D 50 -22.37 -18.04 30.76
CA PRO D 50 -23.11 -18.78 29.72
C PRO D 50 -24.27 -17.95 29.19
N VAL D 51 -24.70 -18.22 27.97
CA VAL D 51 -25.84 -17.52 27.39
C VAL D 51 -27.07 -18.39 27.46
N ASP D 52 -27.99 -18.03 28.35
CA ASP D 52 -29.22 -18.80 28.55
C ASP D 52 -30.41 -17.96 28.11
N GLY D 53 -31.21 -18.52 27.22
CA GLY D 53 -32.31 -17.76 26.64
C GLY D 53 -33.47 -18.63 26.22
N VAL D 54 -34.48 -17.99 25.64
CA VAL D 54 -35.65 -18.72 25.15
C VAL D 54 -35.98 -18.34 23.72
N VAL D 55 -36.71 -19.22 23.04
CA VAL D 55 -37.25 -18.93 21.72
C VAL D 55 -38.75 -19.15 21.76
N LEU D 56 -39.50 -18.22 21.18
CA LEU D 56 -40.94 -18.35 21.05
C LEU D 56 -41.29 -18.78 19.64
N VAL D 57 -41.79 -20.00 19.52
CA VAL D 57 -42.17 -20.54 18.21
C VAL D 57 -43.66 -20.37 17.97
N ASP D 58 -44.01 -19.85 16.80
CA ASP D 58 -45.36 -20.00 16.29
C ASP D 58 -45.46 -21.45 15.84
N PRO D 59 -46.31 -22.25 16.51
CA PRO D 59 -46.27 -23.71 16.37
C PRO D 59 -46.64 -24.16 14.96
N GLU D 60 -47.47 -23.36 14.29
CA GLU D 60 -47.97 -23.70 12.96
C GLU D 60 -46.91 -23.43 11.89
N LEU D 61 -46.27 -22.27 11.98
CA LEU D 61 -45.32 -21.85 10.96
C LEU D 61 -44.10 -22.75 10.89
N VAL D 62 -43.70 -23.28 12.05
CA VAL D 62 -42.56 -24.20 12.12
C VAL D 62 -43.00 -25.66 12.07
N LYS D 63 -44.30 -25.88 11.88
CA LYS D 63 -44.83 -27.24 11.80
C LYS D 63 -44.09 -28.01 10.71
N GLY D 64 -43.50 -29.14 11.06
CA GLY D 64 -42.70 -29.91 10.13
C GLY D 64 -41.39 -29.20 9.81
N LYS D 65 -40.89 -28.47 10.80
CA LYS D 65 -39.56 -27.86 10.73
C LYS D 65 -38.82 -28.28 11.99
N ARG D 66 -37.53 -27.92 12.07
CA ARG D 66 -36.76 -28.13 13.30
C ARG D 66 -35.86 -26.91 13.55
N VAL D 67 -35.99 -26.34 14.74
CA VAL D 67 -35.39 -25.04 15.08
C VAL D 67 -34.14 -25.09 15.98
N TYR D 68 -33.11 -24.36 15.57
CA TYR D 68 -31.80 -24.37 16.23
C TYR D 68 -31.34 -23.00 16.75
N VAL D 69 -30.40 -23.03 17.68
CA VAL D 69 -29.71 -21.82 18.13
C VAL D 69 -28.20 -22.05 18.16
N SER D 70 -27.45 -21.08 17.63
CA SER D 70 -26.00 -21.18 17.53
C SER D 70 -25.28 -19.94 18.08
N LEU D 71 -24.04 -20.14 18.52
CA LEU D 71 -23.16 -19.07 18.94
C LEU D 71 -21.90 -19.16 18.07
N THR D 72 -21.52 -18.03 17.48
CA THR D 72 -20.38 -18.01 16.59
C THR D 72 -19.49 -16.88 17.03
N CYS D 73 -18.20 -17.15 17.22
CA CYS D 73 -17.25 -16.08 17.44
C CYS D 73 -16.40 -15.94 16.19
N ALA D 74 -16.39 -14.76 15.57
CA ALA D 74 -15.57 -14.55 14.37
C ALA D 74 -14.73 -13.29 14.38
N PHE D 75 -13.49 -13.44 13.94
CA PHE D 75 -12.66 -12.31 13.55
C PHE D 75 -12.98 -11.96 12.11
N ARG D 76 -13.10 -10.67 11.83
CA ARG D 76 -13.45 -10.19 10.48
C ARG D 76 -12.56 -9.03 10.16
N TYR D 77 -12.17 -8.95 8.90
CA TYR D 77 -11.26 -7.91 8.45
C TYR D 77 -11.62 -7.35 7.07
N GLY D 78 -11.77 -6.03 6.98
CA GLY D 78 -11.87 -5.35 5.70
C GLY D 78 -13.27 -5.17 5.13
N GLN D 79 -14.19 -6.03 5.55
CA GLN D 79 -15.50 -6.16 4.89
C GLN D 79 -16.32 -4.89 4.70
N GLU D 80 -16.48 -4.10 5.76
CA GLU D 80 -17.42 -2.98 5.78
C GLU D 80 -16.87 -1.68 5.17
N ASP D 81 -15.63 -1.74 4.66
CA ASP D 81 -15.05 -0.62 3.91
C ASP D 81 -15.50 -0.68 2.46
N ILE D 82 -14.91 0.21 1.66
CA ILE D 82 -14.91 0.05 0.22
C ILE D 82 -13.53 0.41 -0.30
N ASP D 83 -12.89 -0.55 -0.96
CA ASP D 83 -11.68 -0.28 -1.70
C ASP D 83 -12.01 -0.74 -3.11
N VAL D 84 -11.46 -0.08 -4.11
CA VAL D 84 -11.84 -0.41 -5.48
C VAL D 84 -11.43 -1.86 -5.84
N MET D 85 -10.69 -2.49 -4.93
CA MET D 85 -10.64 -3.94 -4.84
C MET D 85 -11.17 -4.31 -3.44
N GLY D 86 -12.32 -4.97 -3.39
CA GLY D 86 -12.81 -5.47 -2.12
C GLY D 86 -11.88 -6.55 -1.59
N LEU D 87 -11.33 -6.35 -0.39
CA LEU D 87 -10.55 -7.36 0.31
C LEU D 87 -11.24 -7.65 1.61
N SER D 88 -11.45 -8.92 1.90
CA SER D 88 -12.12 -9.31 3.12
C SER D 88 -11.60 -10.66 3.63
N PHE D 89 -11.44 -10.75 4.94
CA PHE D 89 -11.03 -12.01 5.54
C PHE D 89 -11.93 -12.33 6.72
N ARG D 90 -12.16 -13.60 6.95
CA ARG D 90 -12.92 -14.00 8.12
C ARG D 90 -12.38 -15.29 8.71
N ARG D 91 -12.25 -15.32 10.02
CA ARG D 91 -11.90 -16.56 10.70
C ARG D 91 -12.89 -16.86 11.81
N ASP D 92 -13.37 -18.10 11.85
CA ASP D 92 -14.26 -18.52 12.94
C ASP D 92 -13.47 -19.12 14.09
N LEU D 93 -13.47 -18.39 15.20
CA LEU D 93 -12.74 -18.77 16.40
C LEU D 93 -13.53 -19.72 17.31
N TYR D 94 -14.85 -19.70 17.18
CA TYR D 94 -15.67 -20.65 17.92
C TYR D 94 -17.02 -20.86 17.27
N PHE D 95 -17.52 -22.09 17.35
CA PHE D 95 -18.88 -22.37 16.93
C PHE D 95 -19.52 -23.46 17.77
N SER D 96 -20.78 -23.27 18.14
CA SER D 96 -21.54 -24.35 18.75
C SER D 96 -23.02 -24.16 18.48
N GLN D 97 -23.74 -25.27 18.34
CA GLN D 97 -25.15 -25.20 18.03
C GLN D 97 -25.92 -26.19 18.88
N VAL D 98 -27.17 -25.84 19.21
CA VAL D 98 -28.09 -26.76 19.88
C VAL D 98 -29.47 -26.70 19.23
N GLN D 99 -30.28 -27.73 19.46
CA GLN D 99 -31.63 -27.75 18.91
C GLN D 99 -32.62 -27.32 19.98
N VAL D 100 -33.20 -26.14 19.79
CA VAL D 100 -34.16 -25.62 20.76
C VAL D 100 -35.55 -26.26 20.54
N PHE D 101 -35.98 -26.45 19.30
CA PHE D 101 -37.26 -27.09 19.09
C PHE D 101 -37.37 -27.77 17.75
N PRO D 102 -37.98 -28.93 17.71
CA PRO D 102 -38.56 -29.56 18.89
C PRO D 102 -37.50 -30.03 19.86
N PRO D 103 -37.91 -30.13 21.12
CA PRO D 103 -37.01 -30.40 22.23
C PRO D 103 -36.47 -31.81 22.31
N VAL D 104 -35.33 -31.95 22.96
CA VAL D 104 -34.76 -33.25 23.24
C VAL D 104 -33.42 -33.10 23.92
N THR D 110 -31.71 -26.85 33.42
CA THR D 110 -32.38 -25.59 33.13
C THR D 110 -31.98 -24.52 34.12
N THR D 111 -32.31 -23.28 33.81
CA THR D 111 -32.00 -22.16 34.70
C THR D 111 -33.25 -21.36 35.03
N ARG D 112 -33.20 -20.66 36.17
CA ARG D 112 -34.36 -19.93 36.66
C ARG D 112 -34.90 -18.93 35.65
N LEU D 113 -34.00 -18.31 34.89
CA LEU D 113 -34.40 -17.34 33.86
C LEU D 113 -35.28 -18.03 32.82
N GLN D 114 -34.83 -19.20 32.35
CA GLN D 114 -35.61 -19.99 31.40
C GLN D 114 -36.97 -20.40 31.97
N GLU D 115 -36.99 -20.82 33.24
CA GLU D 115 -38.24 -21.22 33.89
C GLU D 115 -39.23 -20.07 33.97
N SER D 116 -38.75 -18.89 34.36
CA SER D 116 -39.62 -17.72 34.49
C SER D 116 -40.12 -17.22 33.14
N LEU D 117 -39.22 -17.05 32.17
CA LEU D 117 -39.61 -16.63 30.84
C LEU D 117 -40.59 -17.63 30.20
N ILE D 118 -40.39 -18.90 30.51
CA ILE D 118 -41.35 -19.95 30.16
C ILE D 118 -42.72 -19.67 30.76
N LYS D 119 -42.73 -19.46 32.08
CA LYS D 119 -43.95 -19.20 32.83
C LYS D 119 -44.74 -18.02 32.26
N LYS D 120 -44.02 -16.96 31.91
CA LYS D 120 -44.67 -15.79 31.33
C LYS D 120 -45.16 -16.01 29.89
N LEU D 121 -44.28 -16.46 29.01
CA LEU D 121 -44.59 -16.50 27.58
C LEU D 121 -45.36 -17.74 27.10
N GLY D 122 -45.52 -18.73 27.98
CA GLY D 122 -46.34 -19.88 27.65
C GLY D 122 -45.59 -21.13 27.21
N ALA D 123 -46.33 -22.07 26.64
CA ALA D 123 -45.80 -23.39 26.25
C ALA D 123 -45.24 -23.38 24.84
N ASN D 124 -45.29 -22.22 24.19
CA ASN D 124 -44.62 -22.04 22.91
C ASN D 124 -43.17 -21.55 23.09
N THR D 125 -42.76 -21.41 24.36
CA THR D 125 -41.43 -20.94 24.71
C THR D 125 -40.47 -22.10 25.06
N TYR D 126 -39.27 -22.09 24.49
CA TYR D 126 -38.32 -23.17 24.66
C TYR D 126 -36.90 -22.70 25.02
N PRO D 127 -36.22 -23.43 25.92
CA PRO D 127 -34.93 -23.06 26.49
C PRO D 127 -33.75 -23.31 25.55
N PHE D 128 -32.66 -22.57 25.75
CA PHE D 128 -31.36 -22.90 25.18
C PHE D 128 -30.22 -22.35 26.05
N LEU D 129 -29.11 -23.09 26.08
CA LEU D 129 -27.92 -22.67 26.80
C LEU D 129 -26.63 -22.90 26.00
N LEU D 130 -25.95 -21.80 25.65
CA LEU D 130 -24.69 -21.90 24.92
C LEU D 130 -23.51 -21.39 25.75
N THR D 131 -22.47 -22.21 25.87
CA THR D 131 -21.31 -21.90 26.69
C THR D 131 -20.17 -21.31 25.85
N PHE D 132 -19.43 -20.35 26.42
CA PHE D 132 -18.16 -19.90 25.86
C PHE D 132 -17.04 -20.75 26.43
N PRO D 133 -16.10 -21.17 25.55
CA PRO D 133 -14.85 -21.78 26.05
C PRO D 133 -13.96 -20.70 26.66
N ASP D 134 -12.81 -21.09 27.18
CA ASP D 134 -11.93 -20.14 27.85
C ASP D 134 -10.80 -19.58 26.97
N TYR D 135 -10.72 -20.04 25.72
CA TYR D 135 -9.68 -19.58 24.78
C TYR D 135 -10.11 -18.41 23.89
N LEU D 136 -11.28 -17.85 24.13
CA LEU D 136 -11.69 -16.73 23.28
C LEU D 136 -11.21 -15.34 23.75
N PRO D 137 -11.15 -14.40 22.81
CA PRO D 137 -10.92 -13.00 23.18
C PRO D 137 -12.24 -12.38 23.68
N CYS D 138 -12.24 -11.08 23.93
CA CYS D 138 -13.48 -10.39 24.28
C CYS D 138 -13.79 -9.44 23.15
N SER D 139 -14.96 -8.79 23.20
CA SER D 139 -15.38 -7.90 22.12
C SER D 139 -14.34 -6.81 21.84
N VAL D 140 -13.94 -6.69 20.58
CA VAL D 140 -12.98 -5.68 20.15
C VAL D 140 -13.32 -5.30 18.73
N MET D 141 -13.13 -4.04 18.38
CA MET D 141 -13.14 -3.66 16.97
C MET D 141 -12.47 -2.33 16.78
N LEU D 142 -12.03 -2.06 15.57
CA LEU D 142 -11.57 -0.73 15.23
C LEU D 142 -11.87 -0.43 13.79
N GLN D 143 -12.29 0.81 13.58
CA GLN D 143 -12.25 1.42 12.27
C GLN D 143 -11.04 2.34 12.23
N PRO D 144 -10.13 2.15 11.27
CA PRO D 144 -8.97 3.03 11.14
C PRO D 144 -9.35 4.46 10.76
N ALA D 145 -8.42 5.38 10.98
CA ALA D 145 -8.63 6.80 10.77
C ALA D 145 -8.03 7.23 9.43
N PRO D 146 -8.10 8.53 9.10
CA PRO D 146 -7.51 9.03 7.84
C PRO D 146 -6.02 8.74 7.76
N GLN D 147 -5.31 9.03 8.85
CA GLN D 147 -3.87 8.82 8.91
C GLN D 147 -3.45 7.35 8.99
N ASP D 148 -4.41 6.46 9.27
CA ASP D 148 -4.11 5.04 9.45
C ASP D 148 -4.12 4.22 8.15
N VAL D 149 -3.21 3.24 8.07
CA VAL D 149 -3.32 2.17 7.08
C VAL D 149 -3.59 0.85 7.79
N GLY D 150 -4.28 -0.05 7.10
CA GLY D 150 -4.93 -1.16 7.74
C GLY D 150 -6.41 -0.88 7.72
N LYS D 151 -7.24 -1.93 7.74
CA LYS D 151 -8.65 -1.73 7.48
C LYS D 151 -9.49 -2.00 8.73
N SER D 152 -10.80 -1.75 8.64
CA SER D 152 -11.67 -2.04 9.78
C SER D 152 -11.55 -3.51 10.10
N CYS D 153 -11.49 -3.82 11.38
CA CYS D 153 -11.58 -5.22 11.77
C CYS D 153 -12.21 -5.37 13.13
N GLY D 154 -12.43 -6.61 13.54
CA GLY D 154 -13.05 -6.85 14.82
C GLY D 154 -13.37 -8.30 15.11
N VAL D 155 -13.85 -8.53 16.33
CA VAL D 155 -14.26 -9.86 16.73
C VAL D 155 -15.71 -9.74 17.20
N ASP D 156 -16.57 -10.50 16.55
CA ASP D 156 -17.99 -10.49 16.82
C ASP D 156 -18.45 -11.77 17.48
N PHE D 157 -19.49 -11.63 18.28
CA PHE D 157 -20.17 -12.74 18.91
C PHE D 157 -21.62 -12.73 18.45
N GLU D 158 -22.03 -13.82 17.82
CA GLU D 158 -23.37 -13.88 17.25
C GLU D 158 -24.20 -15.06 17.75
N ILE D 159 -25.41 -14.73 18.22
CA ILE D 159 -26.42 -15.71 18.61
C ILE D 159 -27.51 -15.77 17.54
N LYS D 160 -27.60 -16.89 16.82
CA LYS D 160 -28.57 -17.04 15.73
C LYS D 160 -29.61 -18.10 16.11
N ALA D 161 -30.88 -17.72 16.07
CA ALA D 161 -31.98 -18.67 16.22
C ALA D 161 -32.60 -18.84 14.86
N PHE D 162 -32.44 -20.00 14.24
CA PHE D 162 -32.95 -20.20 12.88
C PHE D 162 -33.81 -21.48 12.75
N ALA D 163 -34.86 -21.40 11.93
CA ALA D 163 -35.77 -22.53 11.71
C ALA D 163 -35.48 -23.31 10.41
N THR D 164 -35.44 -24.64 10.50
CA THR D 164 -35.18 -25.49 9.33
C THR D 164 -36.28 -26.52 9.04
N ASP D 172 -29.99 -27.04 0.15
CA ASP D 172 -29.45 -26.89 1.51
C ASP D 172 -29.14 -25.42 1.85
N LYS D 173 -30.04 -24.79 2.61
CA LYS D 173 -29.81 -23.43 3.12
C LYS D 173 -30.69 -23.13 4.34
N ILE D 174 -30.53 -21.94 4.91
CA ILE D 174 -31.29 -21.53 6.09
C ILE D 174 -31.91 -20.15 5.89
N PRO D 175 -33.14 -20.10 5.35
CA PRO D 175 -33.75 -18.85 4.89
C PRO D 175 -33.78 -17.73 5.93
N LYS D 176 -33.34 -16.54 5.52
CA LYS D 176 -33.26 -15.38 6.39
C LYS D 176 -34.55 -15.09 7.15
N LYS D 177 -35.67 -15.02 6.42
CA LYS D 177 -36.94 -14.64 7.03
C LYS D 177 -37.29 -15.48 8.27
N SER D 178 -36.86 -16.73 8.28
CA SER D 178 -37.17 -17.63 9.39
C SER D 178 -36.11 -17.61 10.51
N SER D 179 -35.11 -16.74 10.39
CA SER D 179 -34.01 -16.69 11.37
C SER D 179 -33.82 -15.30 11.99
N VAL D 180 -33.29 -15.28 13.20
CA VAL D 180 -33.01 -14.04 13.92
C VAL D 180 -31.58 -14.07 14.45
N ARG D 181 -30.87 -12.96 14.30
CA ARG D 181 -29.48 -12.91 14.69
C ARG D 181 -29.27 -11.79 15.70
N LEU D 182 -28.38 -12.03 16.66
CA LEU D 182 -28.13 -11.09 17.74
C LEU D 182 -26.64 -10.89 17.89
N LEU D 183 -26.20 -9.65 17.79
CA LEU D 183 -24.79 -9.36 18.05
C LEU D 183 -24.60 -8.99 19.51
N ILE D 184 -23.90 -9.86 20.25
CA ILE D 184 -23.73 -9.67 21.68
C ILE D 184 -22.28 -9.44 21.99
N ARG D 185 -22.01 -8.83 23.15
CA ARG D 185 -20.66 -8.51 23.55
C ARG D 185 -20.16 -9.46 24.63
N LYS D 186 -18.91 -9.89 24.48
CA LYS D 186 -18.22 -10.61 25.53
C LYS D 186 -17.26 -9.60 26.17
N VAL D 187 -17.57 -9.19 27.40
CA VAL D 187 -16.83 -8.11 28.05
C VAL D 187 -15.94 -8.57 29.20
N GLN D 188 -14.78 -7.93 29.32
CA GLN D 188 -13.73 -8.37 30.24
C GLN D 188 -13.85 -7.77 31.64
N HIS D 189 -14.10 -8.62 32.62
CA HIS D 189 -14.18 -8.18 34.00
C HIS D 189 -13.05 -8.80 34.79
N ALA D 190 -12.63 -8.11 35.85
CA ALA D 190 -11.57 -8.64 36.70
C ALA D 190 -12.02 -9.91 37.43
N PRO D 191 -11.08 -10.84 37.60
CA PRO D 191 -11.34 -12.08 38.32
C PRO D 191 -11.71 -11.78 39.76
N ARG D 192 -12.71 -12.47 40.29
CA ARG D 192 -12.90 -12.54 41.74
C ARG D 192 -11.71 -13.30 42.29
N ASP D 193 -11.45 -13.20 43.59
CA ASP D 193 -10.24 -13.82 44.13
C ASP D 193 -9.03 -13.21 43.45
N MET D 194 -8.99 -11.87 43.47
CA MET D 194 -7.82 -11.13 43.03
C MET D 194 -6.87 -10.99 44.21
N GLY D 195 -5.56 -11.03 43.94
CA GLY D 195 -4.57 -10.91 45.01
C GLY D 195 -4.37 -9.46 45.44
N PRO D 196 -3.59 -9.26 46.52
CA PRO D 196 -3.20 -7.92 46.97
C PRO D 196 -2.24 -7.25 45.97
N GLN D 197 -2.38 -5.96 45.74
CA GLN D 197 -1.70 -5.29 44.63
C GLN D 197 -0.63 -4.29 45.04
N PRO D 198 0.64 -4.63 44.76
CA PRO D 198 1.77 -3.74 45.00
C PRO D 198 1.78 -2.56 44.03
N ARG D 199 2.49 -1.48 44.35
CA ARG D 199 2.63 -0.39 43.40
C ARG D 199 3.37 -0.92 42.16
N ALA D 200 2.96 -0.49 40.96
CA ALA D 200 3.76 -0.77 39.76
C ALA D 200 4.73 0.39 39.49
N GLU D 201 6.02 0.14 39.60
CA GLU D 201 6.98 1.23 39.56
C GLU D 201 8.33 0.83 38.99
N ALA D 202 9.04 1.80 38.44
CA ALA D 202 10.30 1.57 37.76
C ALA D 202 11.13 2.84 37.74
N SER D 203 12.43 2.65 37.52
CA SER D 203 13.38 3.76 37.53
C SER D 203 14.35 3.69 36.35
N TRP D 204 14.78 4.84 35.86
CA TRP D 204 15.73 4.92 34.74
C TRP D 204 16.78 6.01 34.96
N GLN D 205 18.01 5.75 34.54
CA GLN D 205 19.01 6.80 34.55
C GLN D 205 19.44 7.19 33.15
N PHE D 206 19.20 8.45 32.78
CA PHE D 206 19.57 8.94 31.47
C PHE D 206 20.85 9.74 31.60
N PHE D 207 21.95 9.18 31.13
CA PHE D 207 23.23 9.86 31.27
C PHE D 207 23.47 10.91 30.19
N MET D 208 23.78 12.12 30.64
CA MET D 208 24.06 13.24 29.75
C MET D 208 25.38 13.87 30.18
N SER D 209 26.37 13.83 29.28
CA SER D 209 27.74 14.19 29.63
C SER D 209 28.17 13.48 30.92
N ASP D 210 27.81 12.20 31.00
CA ASP D 210 28.19 11.34 32.11
C ASP D 210 27.62 11.77 33.46
N LYS D 211 26.52 12.51 33.45
CA LYS D 211 25.83 12.84 34.69
C LYS D 211 24.39 12.36 34.55
N PRO D 212 23.87 11.72 35.61
CA PRO D 212 22.55 11.11 35.50
C PRO D 212 21.36 12.09 35.58
N LEU D 213 20.37 11.84 34.72
CA LEU D 213 19.03 12.40 34.89
C LEU D 213 18.14 11.21 35.22
N ARG D 214 17.73 11.10 36.47
CA ARG D 214 16.94 9.95 36.92
C ARG D 214 15.46 10.26 36.74
N LEU D 215 14.74 9.26 36.25
CA LEU D 215 13.30 9.36 36.06
C LEU D 215 12.69 8.10 36.65
N ALA D 216 11.91 8.28 37.71
CA ALA D 216 11.20 7.17 38.31
C ALA D 216 9.71 7.39 38.11
N VAL D 217 9.00 6.32 37.80
CA VAL D 217 7.57 6.42 37.57
C VAL D 217 6.94 5.36 38.44
N SER D 218 5.78 5.68 39.00
CA SER D 218 5.10 4.79 39.95
C SER D 218 3.57 4.90 39.81
N LEU D 219 2.89 3.79 40.06
CA LEU D 219 1.43 3.67 39.92
C LEU D 219 0.95 2.94 41.16
N SER D 220 -0.22 3.30 41.68
CA SER D 220 -0.68 2.67 42.92
C SER D 220 -0.81 1.16 42.78
N LYS D 221 -1.27 0.72 41.60
CA LYS D 221 -1.51 -0.70 41.39
C LYS D 221 -1.35 -1.10 39.92
N GLU D 222 -1.45 -2.40 39.63
CA GLU D 222 -1.26 -2.91 38.27
C GLU D 222 -2.53 -2.95 37.40
N ILE D 223 -3.70 -2.93 38.03
CA ILE D 223 -4.97 -3.08 37.33
C ILE D 223 -5.92 -1.95 37.69
N TYR D 224 -6.53 -1.36 36.67
CA TYR D 224 -7.51 -0.29 36.85
C TYR D 224 -8.80 -0.55 36.08
N TYR D 225 -9.90 -0.06 36.62
CA TYR D 225 -11.21 -0.20 35.99
C TYR D 225 -11.53 1.00 35.12
N HIS D 226 -12.24 0.75 34.03
CA HIS D 226 -12.77 1.81 33.20
C HIS D 226 -13.48 2.81 34.09
N GLY D 227 -13.19 4.09 33.87
CA GLY D 227 -13.79 5.13 34.69
C GLY D 227 -12.99 5.47 35.94
N GLU D 228 -12.11 4.57 36.36
CA GLU D 228 -11.30 4.79 37.56
C GLU D 228 -10.09 5.70 37.33
N PRO D 229 -9.90 6.70 38.19
CA PRO D 229 -8.71 7.55 38.03
C PRO D 229 -7.42 6.79 38.33
N ILE D 230 -6.43 6.99 37.46
CA ILE D 230 -5.11 6.40 37.64
C ILE D 230 -4.13 7.44 38.17
N PRO D 231 -3.80 7.35 39.47
CA PRO D 231 -2.79 8.23 40.07
C PRO D 231 -1.39 7.77 39.74
N VAL D 232 -0.59 8.68 39.21
CA VAL D 232 0.75 8.43 38.76
C VAL D 232 1.68 9.35 39.53
N THR D 233 2.83 8.83 39.90
CA THR D 233 3.84 9.64 40.53
C THR D 233 5.13 9.58 39.75
N VAL D 234 5.56 10.75 39.31
CA VAL D 234 6.77 10.91 38.53
C VAL D 234 7.81 11.61 39.41
N ALA D 235 9.02 11.05 39.43
CA ALA D 235 10.10 11.64 40.21
C ALA D 235 11.33 11.83 39.33
N VAL D 236 11.67 13.09 39.10
CA VAL D 236 12.76 13.45 38.21
C VAL D 236 13.88 14.03 39.05
N THR D 237 15.02 13.36 39.08
CA THR D 237 16.20 13.87 39.77
C THR D 237 17.28 14.29 38.79
N ASN D 238 17.58 15.59 38.75
CA ASN D 238 18.51 16.12 37.73
C ASN D 238 19.93 16.43 38.26
N SER D 239 20.88 15.56 37.90
CA SER D 239 22.30 15.74 38.22
C SER D 239 23.09 16.30 37.03
N THR D 240 22.38 16.62 35.95
CA THR D 240 23.04 17.10 34.74
C THR D 240 23.16 18.60 34.75
N GLU D 241 23.80 19.15 33.74
CA GLU D 241 23.92 20.60 33.62
C GLU D 241 22.75 21.15 32.81
N LYS D 242 21.80 20.28 32.45
CA LYS D 242 20.67 20.71 31.64
C LYS D 242 19.40 20.94 32.49
N THR D 243 18.32 21.37 31.84
CA THR D 243 17.09 21.70 32.56
C THR D 243 15.85 21.03 31.97
N VAL D 244 14.97 20.51 32.82
CA VAL D 244 13.73 19.93 32.31
C VAL D 244 12.69 21.03 32.21
N LYS D 245 12.29 21.31 30.97
CA LYS D 245 11.34 22.39 30.70
C LYS D 245 9.89 21.92 30.57
N LYS D 246 9.67 20.62 30.43
CA LYS D 246 8.31 20.15 30.22
C LYS D 246 8.13 18.72 30.64
N ILE D 247 6.95 18.40 31.18
CA ILE D 247 6.61 17.02 31.49
C ILE D 247 5.24 16.66 30.93
N LYS D 248 5.19 15.53 30.25
CA LYS D 248 3.97 15.06 29.60
C LYS D 248 3.69 13.62 30.05
N VAL D 249 2.48 13.36 30.53
CA VAL D 249 2.08 12.01 30.96
C VAL D 249 0.83 11.59 30.20
N LEU D 250 0.92 10.46 29.50
CA LEU D 250 -0.17 9.96 28.66
C LEU D 250 -0.63 8.57 29.09
N VAL D 251 -1.91 8.27 28.87
CA VAL D 251 -2.30 6.87 28.71
C VAL D 251 -2.19 6.56 27.23
N GLU D 252 -1.36 5.60 26.89
CA GLU D 252 -1.37 5.09 25.52
C GLU D 252 -2.01 3.72 25.42
N GLN D 253 -2.90 3.59 24.44
CA GLN D 253 -3.44 2.28 24.05
C GLN D 253 -2.59 1.72 22.91
N VAL D 254 -2.11 0.49 23.10
CA VAL D 254 -1.33 -0.19 22.07
C VAL D 254 -2.13 -1.35 21.49
N THR D 255 -2.32 -1.33 20.17
CA THR D 255 -3.15 -2.33 19.51
C THR D 255 -2.41 -3.04 18.38
N ASN D 256 -2.32 -4.35 18.49
CA ASN D 256 -1.74 -5.20 17.45
C ASN D 256 -2.73 -6.12 16.79
N VAL D 257 -2.99 -5.94 15.49
CA VAL D 257 -3.88 -6.86 14.82
C VAL D 257 -3.06 -8.10 14.52
N VAL D 258 -3.48 -9.22 15.10
CA VAL D 258 -2.74 -10.48 14.98
C VAL D 258 -3.25 -11.51 13.98
N LEU D 259 -4.30 -11.18 13.22
CA LEU D 259 -4.71 -12.08 12.17
C LEU D 259 -4.73 -11.34 10.87
N TYR D 260 -4.28 -12.02 9.83
CA TYR D 260 -4.41 -11.58 8.45
C TYR D 260 -3.67 -10.32 8.03
N SER D 261 -3.43 -9.39 8.94
CA SER D 261 -2.61 -8.24 8.63
C SER D 261 -1.91 -7.79 9.90
N SER D 262 -0.61 -7.53 9.84
CA SER D 262 0.07 -7.11 11.07
C SER D 262 -0.06 -5.61 11.13
N ASP D 263 -0.94 -5.15 11.99
CA ASP D 263 -1.27 -3.74 12.03
C ASP D 263 -1.01 -3.24 13.43
N TYR D 264 -0.42 -2.06 13.52
CA TYR D 264 0.01 -1.50 14.80
C TYR D 264 -0.69 -0.19 15.02
N TYR D 265 -1.30 -0.04 16.17
CA TYR D 265 -1.80 1.27 16.54
C TYR D 265 -1.29 1.58 17.94
N ILE D 266 -0.83 2.81 18.11
CA ILE D 266 -0.58 3.32 19.45
C ILE D 266 -1.22 4.68 19.54
N LYS D 267 -2.15 4.83 20.47
CA LYS D 267 -2.88 6.09 20.54
C LYS D 267 -2.97 6.64 21.96
N THR D 268 -3.19 7.95 22.06
CA THR D 268 -3.33 8.59 23.35
C THR D 268 -4.79 8.69 23.73
N VAL D 269 -5.20 7.97 24.76
CA VAL D 269 -6.57 8.12 25.24
C VAL D 269 -6.72 8.96 26.51
N ALA D 270 -5.60 9.41 27.08
CA ALA D 270 -5.62 10.45 28.11
C ALA D 270 -4.27 11.14 28.16
N ALA D 271 -4.26 12.40 28.56
CA ALA D 271 -3.02 13.16 28.63
C ALA D 271 -3.09 14.28 29.65
N GLU D 272 -1.95 14.58 30.27
CA GLU D 272 -1.76 15.81 31.05
C GLU D 272 -0.34 16.31 30.75
N GLU D 273 -0.19 17.57 30.38
CA GLU D 273 1.13 18.11 30.09
C GLU D 273 1.34 19.45 30.79
N ALA D 274 2.51 19.65 31.37
CA ALA D 274 2.81 20.87 32.12
C ALA D 274 4.22 21.39 31.85
N GLN D 275 4.31 22.66 31.51
CA GLN D 275 5.59 23.33 31.45
C GLN D 275 6.17 23.35 32.85
N GLU D 276 7.39 22.85 33.00
CA GLU D 276 7.96 22.68 34.32
C GLU D 276 9.37 23.24 34.34
N LYS D 277 9.98 23.25 35.52
CA LYS D 277 11.39 23.55 35.58
C LYS D 277 12.05 22.60 36.56
N VAL D 278 12.95 21.77 36.08
CA VAL D 278 13.78 20.98 36.96
C VAL D 278 15.21 21.23 36.54
N PRO D 279 15.81 22.25 37.16
CA PRO D 279 17.15 22.69 36.79
C PRO D 279 18.20 21.81 37.47
N PRO D 280 19.48 22.06 37.18
CA PRO D 280 20.59 21.26 37.71
C PRO D 280 20.57 21.17 39.24
N ASN D 281 21.07 20.06 39.76
CA ASN D 281 21.10 19.81 41.20
C ASN D 281 19.73 19.99 41.85
N SER D 282 18.71 19.44 41.19
CA SER D 282 17.34 19.59 41.64
C SER D 282 16.56 18.30 41.43
N SER D 283 15.47 18.17 42.17
CA SER D 283 14.60 17.03 42.03
C SER D 283 13.12 17.45 42.15
N LEU D 284 12.31 17.01 41.19
CA LEU D 284 10.89 17.30 41.17
C LEU D 284 10.09 16.03 41.28
N THR D 285 9.25 15.94 42.30
CA THR D 285 8.28 14.86 42.39
C THR D 285 6.87 15.40 42.17
N LYS D 286 6.09 14.71 41.33
CA LYS D 286 4.79 15.21 40.92
C LYS D 286 3.77 14.07 40.82
N THR D 287 2.58 14.29 41.35
CA THR D 287 1.55 13.28 41.33
C THR D 287 0.36 13.82 40.58
N LEU D 288 -0.28 12.97 39.79
CA LEU D 288 -1.46 13.44 39.11
C LEU D 288 -2.41 12.30 38.80
N THR D 289 -3.50 12.65 38.15
CA THR D 289 -4.56 11.72 37.91
C THR D 289 -4.99 11.70 36.46
N LEU D 290 -5.15 10.51 35.90
CA LEU D 290 -5.62 10.36 34.52
C LEU D 290 -6.79 9.40 34.42
N VAL D 291 -7.86 9.80 33.74
CA VAL D 291 -8.93 8.84 33.45
C VAL D 291 -9.02 8.52 31.96
N PRO D 292 -8.62 7.31 31.58
CA PRO D 292 -8.68 6.88 30.17
C PRO D 292 -10.12 6.57 29.71
N LEU D 293 -10.82 7.57 29.20
CA LEU D 293 -12.18 7.38 28.68
C LEU D 293 -12.31 7.64 27.17
N LEU D 294 -13.15 6.84 26.52
CA LEU D 294 -13.52 7.06 25.13
C LEU D 294 -14.10 8.47 24.95
N ALA D 295 -14.80 8.95 25.96
CA ALA D 295 -15.40 10.28 25.87
C ALA D 295 -14.36 11.42 25.89
N ASN D 296 -13.11 11.09 26.21
CA ASN D 296 -12.05 12.10 26.27
C ASN D 296 -11.70 12.69 24.92
N ASN D 297 -12.04 11.94 23.88
CA ASN D 297 -11.57 12.24 22.53
C ASN D 297 -12.73 12.19 21.55
N ARG D 298 -12.87 13.24 20.72
CA ARG D 298 -13.99 13.30 19.78
C ARG D 298 -13.74 12.34 18.61
N GLU D 299 -12.47 11.97 18.41
CA GLU D 299 -12.13 11.03 17.34
C GLU D 299 -12.14 9.62 17.90
N ARG D 300 -13.14 8.84 17.52
CA ARG D 300 -13.24 7.47 18.02
C ARG D 300 -12.60 6.47 17.04
N ARG D 301 -12.10 6.97 15.91
CA ARG D 301 -11.37 6.16 14.93
C ARG D 301 -9.90 5.94 15.24
N GLY D 302 -9.38 4.77 14.90
CA GLY D 302 -7.97 4.47 15.07
C GLY D 302 -7.66 3.79 16.39
N ILE D 303 -8.68 3.54 17.20
CA ILE D 303 -8.46 2.95 18.52
C ILE D 303 -9.40 1.79 18.75
N ALA D 304 -8.97 0.86 19.61
CA ALA D 304 -9.72 -0.34 19.90
C ALA D 304 -10.93 -0.10 20.82
N LEU D 305 -12.12 -0.44 20.34
CA LEU D 305 -13.32 -0.31 21.17
C LEU D 305 -13.89 -1.68 21.44
N ASP D 306 -14.90 -1.73 22.29
CA ASP D 306 -15.58 -2.98 22.59
C ASP D 306 -16.86 -3.09 21.79
N GLY D 307 -17.09 -2.11 20.93
CA GLY D 307 -18.35 -2.00 20.21
C GLY D 307 -18.25 -1.03 19.04
N LYS D 308 -19.39 -0.68 18.46
CA LYS D 308 -19.40 0.14 17.26
C LYS D 308 -19.49 1.61 17.64
N ILE D 309 -18.70 2.44 16.97
CA ILE D 309 -18.59 3.86 17.30
C ILE D 309 -19.95 4.53 17.46
N LYS D 310 -20.90 4.17 16.60
CA LYS D 310 -22.22 4.80 16.62
C LYS D 310 -23.03 4.52 17.90
N HIS D 311 -22.55 3.61 18.74
CA HIS D 311 -23.32 3.20 19.93
C HIS D 311 -22.91 3.92 21.21
N GLU D 312 -23.89 4.22 22.06
CA GLU D 312 -23.64 4.89 23.33
C GLU D 312 -22.98 3.96 24.35
N ASP D 313 -23.26 2.68 24.21
CA ASP D 313 -22.81 1.70 25.20
C ASP D 313 -21.34 1.37 24.99
N THR D 314 -20.76 1.88 23.89
CA THR D 314 -19.39 1.49 23.55
C THR D 314 -18.36 2.13 24.49
N ASN D 315 -17.30 1.37 24.78
CA ASN D 315 -16.16 1.83 25.56
C ASN D 315 -14.85 1.49 24.88
N LEU D 316 -13.76 1.91 25.50
CA LEU D 316 -12.46 1.40 25.17
C LEU D 316 -12.43 -0.11 25.42
N ALA D 317 -11.84 -0.85 24.48
CA ALA D 317 -11.57 -2.26 24.67
C ALA D 317 -10.79 -2.46 25.96
N SER D 318 -11.11 -3.51 26.70
CA SER D 318 -10.33 -3.90 27.87
C SER D 318 -8.98 -4.49 27.46
N SER D 319 -8.03 -4.50 28.38
CA SER D 319 -6.75 -5.17 28.16
C SER D 319 -7.01 -6.63 27.80
N THR D 320 -6.35 -7.09 26.75
CA THR D 320 -6.40 -8.49 26.38
C THR D 320 -5.78 -9.37 27.45
N ILE D 321 -6.46 -10.44 27.86
CA ILE D 321 -5.83 -11.40 28.74
C ILE D 321 -5.60 -12.74 28.04
N ILE D 322 -4.35 -13.05 27.74
CA ILE D 322 -4.03 -14.32 27.09
C ILE D 322 -3.78 -15.44 28.08
N LYS D 323 -4.63 -16.46 28.04
CA LYS D 323 -4.51 -17.58 28.98
C LYS D 323 -3.28 -18.43 28.65
N GLU D 324 -2.76 -19.12 29.67
CA GLU D 324 -1.51 -19.86 29.54
C GLU D 324 -1.60 -20.87 28.41
N GLY D 325 -0.62 -20.89 27.52
CA GLY D 325 -0.55 -21.93 26.52
C GLY D 325 -1.40 -21.70 25.30
N ILE D 326 -2.01 -20.52 25.22
CA ILE D 326 -2.80 -20.13 24.06
C ILE D 326 -1.97 -19.29 23.09
N ASP D 327 -1.89 -19.75 21.84
CA ASP D 327 -1.30 -18.93 20.77
C ASP D 327 -2.04 -17.58 20.70
N LYS D 328 -1.28 -16.48 20.82
CA LYS D 328 -1.88 -15.15 20.90
C LYS D 328 -2.62 -14.76 19.61
N THR D 329 -2.20 -15.31 18.47
CA THR D 329 -2.78 -14.91 17.19
C THR D 329 -4.28 -15.11 17.22
N VAL D 330 -4.69 -16.02 18.09
CA VAL D 330 -6.04 -16.49 18.12
C VAL D 330 -6.99 -15.54 18.84
N MET D 331 -6.41 -14.52 19.48
CA MET D 331 -7.20 -13.46 20.12
C MET D 331 -7.66 -12.45 19.07
N GLY D 332 -6.94 -12.45 17.94
CA GLY D 332 -7.26 -11.74 16.70
C GLY D 332 -6.88 -10.27 16.70
N ILE D 333 -7.07 -9.64 17.85
CA ILE D 333 -6.66 -8.25 18.07
C ILE D 333 -6.15 -8.13 19.48
N LEU D 334 -4.91 -7.67 19.66
CA LEU D 334 -4.37 -7.56 21.01
C LEU D 334 -4.40 -6.11 21.44
N VAL D 335 -5.03 -5.87 22.60
CA VAL D 335 -5.04 -4.53 23.19
C VAL D 335 -4.29 -4.51 24.50
N SER D 336 -3.42 -3.52 24.68
CA SER D 336 -2.72 -3.32 25.96
C SER D 336 -2.69 -1.82 26.29
N TYR D 337 -2.35 -1.50 27.54
CA TYR D 337 -2.29 -0.10 27.96
C TYR D 337 -1.04 0.25 28.74
N GLN D 338 -0.58 1.48 28.57
CA GLN D 338 0.58 1.94 29.31
C GLN D 338 0.49 3.38 29.72
N ILE D 339 1.13 3.70 30.84
CA ILE D 339 1.43 5.07 31.19
C ILE D 339 2.76 5.47 30.53
N LYS D 340 2.74 6.57 29.79
CA LYS D 340 3.94 7.05 29.14
C LYS D 340 4.37 8.40 29.71
N VAL D 341 5.63 8.51 30.09
CA VAL D 341 6.17 9.79 30.56
C VAL D 341 7.28 10.33 29.66
N LYS D 342 7.07 11.55 29.15
CA LYS D 342 8.10 12.26 28.40
C LYS D 342 8.57 13.55 29.09
N LEU D 343 9.89 13.63 29.28
CA LEU D 343 10.56 14.84 29.73
C LEU D 343 11.22 15.59 28.58
N THR D 344 10.92 16.88 28.48
CA THR D 344 11.65 17.77 27.57
C THR D 344 12.85 18.43 28.28
N VAL D 345 14.03 18.28 27.70
CA VAL D 345 15.30 18.69 28.29
C VAL D 345 16.04 19.71 27.40
N SER D 346 16.49 20.80 28.01
CA SER D 346 17.17 21.88 27.29
C SER D 346 18.55 22.19 27.88
N GLY D 347 19.50 22.51 27.00
CA GLY D 347 20.83 22.93 27.43
C GLY D 347 21.58 23.77 26.41
N THR D 353 18.20 23.71 21.05
CA THR D 353 17.18 22.73 20.67
C THR D 353 17.03 21.66 21.77
N SER D 354 15.79 21.26 22.03
CA SER D 354 15.48 20.46 23.20
C SER D 354 15.42 18.96 22.92
N SER D 355 16.25 18.18 23.62
CA SER D 355 16.14 16.73 23.58
C SER D 355 14.92 16.25 24.38
N GLU D 356 14.47 15.02 24.16
CA GLU D 356 13.27 14.51 24.86
C GLU D 356 13.42 13.04 25.21
N VAL D 357 13.06 12.67 26.44
CA VAL D 357 13.20 11.29 26.88
C VAL D 357 11.88 10.72 27.36
N ALA D 358 11.68 9.43 27.18
CA ALA D 358 10.38 8.83 27.47
C ALA D 358 10.47 7.39 27.92
N THR D 359 9.54 7.02 28.78
CA THR D 359 9.47 5.64 29.25
C THR D 359 8.01 5.25 29.46
N GLU D 360 7.77 3.94 29.59
CA GLU D 360 6.43 3.44 29.84
C GLU D 360 6.40 2.50 31.01
N VAL D 361 5.28 2.56 31.72
CA VAL D 361 4.91 1.59 32.74
C VAL D 361 3.62 0.89 32.31
N PRO D 362 3.67 -0.43 32.11
CA PRO D 362 2.43 -1.08 31.63
C PRO D 362 1.36 -1.20 32.71
N PHE D 363 0.10 -1.27 32.30
CA PHE D 363 -0.96 -1.61 33.24
C PHE D 363 -2.16 -2.29 32.55
N ARG D 364 -2.91 -3.08 33.30
CA ARG D 364 -4.11 -3.70 32.76
C ARG D 364 -5.34 -2.84 33.05
N LEU D 365 -6.20 -2.71 32.05
CA LEU D 365 -7.46 -1.98 32.18
C LEU D 365 -8.62 -2.90 31.85
N MET D 366 -9.61 -2.96 32.74
CA MET D 366 -10.78 -3.80 32.47
C MET D 366 -11.95 -3.39 33.35
N HIS D 367 -13.04 -4.14 33.28
CA HIS D 367 -14.22 -3.86 34.09
C HIS D 367 -14.13 -4.56 35.45
N PRO D 368 -14.89 -4.06 36.43
CA PRO D 368 -14.75 -4.45 37.83
C PRO D 368 -15.10 -5.92 38.07
N GLN D 369 -14.66 -6.42 39.22
CA GLN D 369 -15.01 -7.76 39.70
C GLN D 369 -16.51 -7.97 39.65
N PRO D 370 -16.94 -9.18 39.30
CA PRO D 370 -18.36 -9.53 39.36
C PRO D 370 -18.85 -9.75 40.80
N GLU D 371 -20.16 -9.74 40.99
CA GLU D 371 -20.75 -10.12 42.28
C GLU D 371 -20.26 -11.52 42.68
N ASN D 384 -40.33 -9.91 38.06
CA ASN D 384 -41.21 -9.38 37.01
C ASN D 384 -40.41 -8.88 35.80
N PHE D 385 -40.93 -9.14 34.59
CA PHE D 385 -40.19 -8.86 33.36
C PHE D 385 -40.67 -7.64 32.55
N VAL D 386 -39.71 -6.90 32.00
CA VAL D 386 -39.98 -5.71 31.18
C VAL D 386 -39.22 -5.80 29.85
N PHE D 387 -39.95 -5.77 28.73
CA PHE D 387 -39.38 -6.14 27.43
C PHE D 387 -38.93 -4.98 26.54
N GLU D 388 -37.67 -5.04 26.12
CA GLU D 388 -37.15 -4.08 25.14
C GLU D 388 -36.71 -4.83 23.88
N GLU D 389 -36.75 -4.15 22.75
CA GLU D 389 -36.18 -4.72 21.53
C GLU D 389 -34.68 -4.78 21.73
N PHE D 390 -34.04 -5.81 21.21
CA PHE D 390 -32.59 -5.88 21.31
C PHE D 390 -32.02 -4.90 20.31
N ALA D 391 -31.25 -3.95 20.81
CA ALA D 391 -30.61 -2.93 19.98
C ALA D 391 -29.90 -1.96 20.90
N ARG D 392 -29.18 -1.01 20.33
CA ARG D 392 -28.43 -0.07 21.16
C ARG D 392 -28.66 1.38 20.71
N GLN D 393 -28.68 2.28 21.68
CA GLN D 393 -28.87 3.70 21.39
C GLN D 393 -27.65 4.29 20.68
N ASN D 394 -27.90 4.96 19.56
CA ASN D 394 -26.87 5.75 18.90
C ASN D 394 -26.60 7.02 19.72
N LEU D 395 -25.42 7.59 19.55
CA LEU D 395 -25.03 8.78 20.32
C LEU D 395 -26.10 9.88 20.27
#